data_8F0Q
#
_entry.id   8F0Q
#
_cell.length_a   1.00
_cell.length_b   1.00
_cell.length_c   1.00
_cell.angle_alpha   90.00
_cell.angle_beta   90.00
_cell.angle_gamma   90.00
#
_symmetry.space_group_name_H-M   'P 1'
#
loop_
_entity.id
_entity.type
_entity.pdbx_description
1 polymer 'Sodium channel protein PaFPC1,Sodium channel protein type 9 subunit alpha chimera'
2 branched beta-D-mannopyranose-(1-3)-beta-D-mannopyranose-(1-3)-2-acetamido-2-deoxy-beta-D-glucopyranose-(1-3)-2-acetamido-2-deoxy-beta-D-glucopyranose
3 non-polymer beta-D-mannopyranose
4 non-polymer 2-acetamido-2-deoxy-beta-D-glucopyranose
5 non-polymer 5-cyclopropyl-4-({1-[(1S)-1-(3,5-dichlorophenyl)ethyl]piperidin-4-yl}methoxy)-2-fluoro-N-(methanesulfonyl)benzamide
6 non-polymer 1,2-dioleoyl-sn-glycero-3-phosphoethanolamine
7 non-polymer 'CHOLESTEROL HEMISUCCINATE'
8 water water
#
_entity_poly.entity_id   1
_entity_poly.type   'polypeptide(L)'
_entity_poly.pdbx_seq_one_letter_code
;MWSHPQFEKGGGSGGGSGGSAWSHPQFEKGGSGGDYKDDDDKGGSGGDYKDDDDKMADNSPLIREERQRLFRPYTRAMLT
APSAQPAKENGKTEENKDNSRDKGRGANKDRDGSAHPDQALEQGSRLPARMRNIFPAELASTPLEDFDPFYKNKKTFVVV
TKAGDIFRFSGEKSLWMLDPFTPIRRVAISTMVQPIFSYFIMITILIHCIFMIMPATQTTYILELVFLSIYTIEVVVKVL
ARGFILHPFAYLRDPWNWLDFLVTLIGYITLVVDLGHLYALRAFRVLRSWRTVTIVPGWRTIVDALSLSITSLKDLVLLL
LFSLSVFALIGLQLFMGNLKHKCVKHFPADGSWGNFTDERWFNYTSNSSHWYIPDDWIEYPLCGNSSGAGMCPPGYTCLQ
GYGGNPNYGYTSFDTFGWAFLSVFRLVTLDYWEDLYQLALRSAGPWHILFFIIVVFYGTFCFLNFILAVVVMSYTHMVKR
ADEEKAAERELKKEKKAASVANNTANGQEQTTIEMNGDEAVVIDNNDQAARQQSDPETPAPSVTQRLTDFLCVWDCCVPW
QKLQGAIGAVVLSPFFELFIAVIIVLNITFMALDHHDMNIEFERILRTGNYIFTSIYIVEAVLKIIALSPKFYFKDSWNV
FDFIIVVFAILELGLEGVQGLSVFRSFRLLRVFRLAKFWPTLNNFMSVMTKSYGAFVNVMYVMFLLLFIFAIIGMQLFGM
NYIDNMERFPDGDLPRWNFTDFLHSFMIVFRALCGEWIESMWDCMLVGDWSCIPFFVAVFFVGNLVILNLLIALLLNNYG
SFCTSPTSDEEDSKDEDALAQIVRIFKRFKPNLNAVKLSPMKPDSEDIVESQEIQGNNIADAEDVLAGEFPPDCCCNAFY
KCFPSRPARDSSVQRMWSNIRRVCFLLAKNKYFQKFVTAVLVITSVLLALEDIYLPQRPVLVNITLYVDYVLTAFFVIEM
IIMLFAVGFKKYFTSKWYWLDFIVVVAYLLNFVLMCAGIEALQTLRLLRVFRLFRPLSKVNGMQVVTSTLVEAVPHIFNV
ILVGIFFWLVFAIMGVQLFAGKFYKCVDENSTVLSHEITMDRNDCLHENYTWENSPMNFDHVGNAYLSLLQVATFKGWLQ
IMNDAIDSREVHKQPIRETNIYMYLYFIFFIVFGSFFILKLFVCILIDIFRQQRRKAEGLSATDSRTQLIYRRAVMRTMS
AKPVKRIPKPGNKIQGCIFDLVTNQAFDISIMVLICLNMVTMMVEKEGQSQHMTEVLYWINVVFIILFTGECVLKLISLR
HYYFTVGWNIFDFVVVIISIVGMFLADLIETYFVSPTLFRVIRLARIGRILRLVKGAKGIRLLLLALRKALRTLFNVSFL
LFVIMFVYAVFGMEFFMHIRDAGAIDDVYNFKTFGQSIILLFQLATSAGWDGVYFAIANEEDCRAPDHELGYPGNCGSRA
LGIAYLVSYLIITCLVVINMYAAVILDYVLEVYEDSKEGLTDDDYDMFFEVWQQFDPEATQYIRYDQLSELLEALQPPLQ
VQKPNKYKILSMNIPICKDDHIFYKDVLEALVKDVFSRRGSPVEAGDVQAPNVDEAEYKPVSSTLQRQREEYCVRLIQNA
WRKHKQQN
;
_entity_poly.pdbx_strand_id   A
#
loop_
_chem_comp.id
_chem_comp.type
_chem_comp.name
_chem_comp.formula
BMA D-saccharide, beta linking beta-D-mannopyranose 'C6 H12 O6'
NAG D-saccharide, beta linking 2-acetamido-2-deoxy-beta-D-glucopyranose 'C8 H15 N O6'
PEE non-polymer 1,2-dioleoyl-sn-glycero-3-phosphoethanolamine 'C41 H78 N O8 P'
X7R non-polymer 5-cyclopropyl-4-({1-[(1S)-1-(3,5-dichlorophenyl)ethyl]piperidin-4-yl}methoxy)-2-fluoro-N-(methanesulfonyl)benzamide 'C25 H29 Cl2 F N2 O4 S'
Y01 non-polymer 'CHOLESTEROL HEMISUCCINATE' 'C31 H50 O4'
#
# COMPACT_ATOMS: atom_id res chain seq x y z
N ILE A 184 0.50 19.83 56.54
CA ILE A 184 0.92 18.75 55.66
C ILE A 184 -0.05 18.64 54.49
N ARG A 185 -1.28 18.23 54.78
CA ARG A 185 -2.29 18.11 53.74
C ARG A 185 -2.54 19.46 53.09
N ARG A 186 -2.63 20.52 53.90
CA ARG A 186 -2.79 21.85 53.34
C ARG A 186 -1.64 22.17 52.39
N VAL A 187 -0.39 21.92 52.84
CA VAL A 187 0.77 22.19 52.00
C VAL A 187 0.77 21.29 50.77
N ALA A 188 0.41 20.01 50.93
CA ALA A 188 0.43 19.10 49.80
C ALA A 188 -0.55 19.53 48.72
N ILE A 189 -1.79 19.82 49.12
CA ILE A 189 -2.80 20.22 48.15
C ILE A 189 -2.44 21.54 47.49
N SER A 190 -2.02 22.52 48.31
CA SER A 190 -1.68 23.83 47.79
C SER A 190 -0.53 23.75 46.80
N THR A 191 0.52 23.00 47.12
CA THR A 191 1.64 22.86 46.19
C THR A 191 1.23 22.16 44.92
N MET A 192 0.42 21.10 45.01
CA MET A 192 0.05 20.39 43.79
C MET A 192 -0.71 21.30 42.84
N VAL A 193 -1.62 22.12 43.37
CA VAL A 193 -2.50 22.88 42.49
C VAL A 193 -1.76 23.99 41.74
N GLN A 194 -0.56 24.35 42.18
CA GLN A 194 0.18 25.43 41.51
C GLN A 194 0.57 25.07 40.08
N PRO A 195 0.36 25.96 39.10
CA PRO A 195 0.86 25.69 37.75
C PRO A 195 2.38 25.61 37.67
N ILE A 196 3.09 26.27 38.58
CA ILE A 196 4.55 26.25 38.56
C ILE A 196 5.06 24.83 38.78
N PHE A 197 4.38 24.08 39.65
CA PHE A 197 4.75 22.69 39.89
C PHE A 197 4.68 21.87 38.60
N SER A 198 3.54 21.94 37.92
CA SER A 198 3.38 21.17 36.69
C SER A 198 4.38 21.59 35.62
N TYR A 199 4.60 22.91 35.48
CA TYR A 199 5.56 23.41 34.51
C TYR A 199 6.97 22.89 34.82
N PHE A 200 7.37 22.94 36.10
CA PHE A 200 8.69 22.48 36.47
C PHE A 200 8.86 21.00 36.14
N ILE A 201 7.86 20.18 36.45
CA ILE A 201 7.95 18.75 36.14
C ILE A 201 8.07 18.54 34.64
N MET A 202 7.27 19.26 33.85
CA MET A 202 7.30 19.08 32.40
C MET A 202 8.64 19.50 31.80
N ILE A 203 9.19 20.62 32.26
CA ILE A 203 10.50 21.04 31.77
C ILE A 203 11.55 20.01 32.13
N THR A 204 11.44 19.43 33.33
CA THR A 204 12.37 18.37 33.70
C THR A 204 12.25 17.20 32.72
N ILE A 205 11.02 16.84 32.34
CA ILE A 205 10.85 15.73 31.40
C ILE A 205 11.50 16.07 30.06
N LEU A 206 11.32 17.30 29.58
CA LEU A 206 11.89 17.67 28.28
C LEU A 206 13.43 17.64 28.32
N ILE A 207 14.02 18.13 29.42
CA ILE A 207 15.48 18.09 29.54
C ILE A 207 15.95 16.64 29.60
N HIS A 208 15.23 15.79 30.31
CA HIS A 208 15.59 14.37 30.36
C HIS A 208 15.53 13.77 28.96
N CYS A 209 14.53 14.18 28.17
CA CYS A 209 14.43 13.69 26.80
C CYS A 209 15.64 14.07 25.99
N ILE A 210 16.10 15.31 26.13
CA ILE A 210 17.32 15.72 25.41
C ILE A 210 18.49 14.86 25.85
N PHE A 211 18.60 14.59 27.14
CA PHE A 211 19.77 13.86 27.62
C PHE A 211 19.72 12.39 27.21
N MET A 212 18.54 11.86 26.95
CA MET A 212 18.44 10.47 26.48
C MET A 212 19.03 10.30 25.08
N ILE A 213 18.99 11.36 24.26
CA ILE A 213 19.47 11.24 22.89
C ILE A 213 20.99 11.07 22.85
N MET A 214 21.71 11.94 23.55
CA MET A 214 23.17 11.89 23.47
C MET A 214 23.71 10.63 24.15
N PRO A 215 24.89 10.18 23.75
CA PRO A 215 25.47 8.98 24.37
C PRO A 215 25.71 9.15 25.85
N ALA A 216 25.55 8.06 26.59
CA ALA A 216 25.66 8.09 28.04
C ALA A 216 27.09 8.29 28.52
N THR A 217 27.24 9.11 29.57
CA THR A 217 28.51 9.35 30.24
C THR A 217 28.25 9.50 31.74
N GLN A 218 29.30 9.84 32.48
CA GLN A 218 29.18 10.02 33.92
C GLN A 218 28.23 11.18 34.25
N THR A 219 28.36 12.28 33.50
CA THR A 219 27.47 13.42 33.74
C THR A 219 26.03 13.01 33.55
N THR A 220 25.75 12.20 32.52
CA THR A 220 24.39 11.71 32.32
C THR A 220 23.95 10.89 33.52
N TYR A 221 24.88 10.14 34.12
CA TYR A 221 24.52 9.32 35.27
C TYR A 221 24.06 10.17 36.44
N ILE A 222 24.86 11.18 36.80
CA ILE A 222 24.44 12.00 37.94
C ILE A 222 23.15 12.71 37.61
N LEU A 223 22.96 13.11 36.35
CA LEU A 223 21.68 13.69 35.95
C LEU A 223 20.54 12.71 36.17
N GLU A 224 20.78 11.43 35.90
CA GLU A 224 19.72 10.44 36.09
C GLU A 224 19.30 10.40 37.56
N LEU A 225 20.26 10.43 38.47
CA LEU A 225 19.86 10.47 39.88
C LEU A 225 19.09 11.75 40.21
N VAL A 226 19.51 12.90 39.68
CA VAL A 226 18.79 14.14 40.00
C VAL A 226 17.35 14.08 39.49
N PHE A 227 17.18 13.66 38.24
CA PHE A 227 15.84 13.56 37.66
C PHE A 227 14.98 12.60 38.45
N LEU A 228 15.55 11.46 38.84
CA LEU A 228 14.77 10.50 39.62
C LEU A 228 14.30 11.15 40.91
N SER A 229 15.17 11.90 41.59
CA SER A 229 14.76 12.54 42.83
C SER A 229 13.61 13.52 42.61
N ILE A 230 13.66 14.30 41.54
CA ILE A 230 12.56 15.23 41.24
C ILE A 230 11.26 14.45 41.03
N TYR A 231 11.32 13.35 40.29
CA TYR A 231 10.11 12.56 40.05
C TYR A 231 9.55 11.97 41.35
N THR A 232 10.42 11.48 42.23
CA THR A 232 9.95 10.97 43.52
C THR A 232 9.32 12.07 44.36
N ILE A 233 9.87 13.29 44.30
CA ILE A 233 9.26 14.40 45.03
C ILE A 233 7.84 14.61 44.54
N GLU A 234 7.66 14.61 43.22
CA GLU A 234 6.32 14.79 42.65
C GLU A 234 5.37 13.72 43.16
N VAL A 235 5.81 12.46 43.13
CA VAL A 235 4.93 11.36 43.54
C VAL A 235 4.55 11.49 45.01
N VAL A 236 5.52 11.86 45.85
CA VAL A 236 5.26 11.98 47.28
C VAL A 236 4.24 13.09 47.53
N VAL A 237 4.41 14.23 46.87
CA VAL A 237 3.47 15.33 47.05
C VAL A 237 2.07 14.90 46.65
N LYS A 238 1.95 14.24 45.50
CA LYS A 238 0.63 13.84 45.03
C LYS A 238 -0.04 12.86 45.98
N VAL A 239 0.72 11.90 46.50
CA VAL A 239 0.14 10.93 47.43
C VAL A 239 -0.31 11.64 48.70
N LEU A 240 0.53 12.51 49.25
CA LEU A 240 0.17 13.20 50.48
C LEU A 240 -1.10 14.02 50.30
N ALA A 241 -1.30 14.58 49.11
CA ALA A 241 -2.49 15.38 48.87
C ALA A 241 -3.73 14.52 48.68
N ARG A 242 -3.62 13.40 47.98
CA ARG A 242 -4.77 12.59 47.61
C ARG A 242 -4.89 11.32 48.43
N GLY A 243 -3.81 10.58 48.60
CA GLY A 243 -3.87 9.24 49.14
C GLY A 243 -3.60 8.21 48.05
N PHE A 244 -3.21 7.01 48.48
CA PHE A 244 -2.67 6.09 47.49
C PHE A 244 -3.75 5.45 46.63
N ILE A 245 -4.64 4.65 47.22
CA ILE A 245 -5.56 3.85 46.42
C ILE A 245 -6.94 3.75 47.05
N LEU A 246 -7.04 3.99 48.36
CA LEU A 246 -8.17 3.55 49.16
C LEU A 246 -9.38 4.48 49.11
N HIS A 247 -9.33 5.59 48.40
CA HIS A 247 -10.47 6.49 48.28
C HIS A 247 -10.77 6.77 46.82
N PRO A 248 -12.00 7.17 46.51
CA PRO A 248 -12.38 7.32 45.09
C PRO A 248 -11.48 8.27 44.32
N PHE A 249 -10.98 9.32 44.97
CA PHE A 249 -10.10 10.28 44.33
C PHE A 249 -8.70 10.20 44.90
N ALA A 250 -8.20 8.98 45.04
CA ALA A 250 -6.85 8.75 45.55
C ALA A 250 -5.85 8.93 44.41
N TYR A 251 -4.58 8.74 44.75
CA TYR A 251 -3.51 8.95 43.77
C TYR A 251 -3.59 7.93 42.64
N LEU A 252 -3.82 6.66 42.97
CA LEU A 252 -3.76 5.61 41.98
C LEU A 252 -5.10 5.32 41.32
N ARG A 253 -6.01 6.30 41.31
CA ARG A 253 -7.26 6.19 40.58
C ARG A 253 -7.21 6.90 39.23
N ASP A 254 -6.03 7.35 38.80
CA ASP A 254 -5.84 8.05 37.54
C ASP A 254 -4.83 7.31 36.68
N PRO A 255 -5.14 6.97 35.43
CA PRO A 255 -4.18 6.22 34.60
C PRO A 255 -2.83 6.91 34.43
N TRP A 256 -2.83 8.25 34.30
CA TRP A 256 -1.56 8.97 34.16
C TRP A 256 -0.69 8.77 35.40
N ASN A 257 -1.30 8.82 36.59
CA ASN A 257 -0.56 8.55 37.81
C ASN A 257 0.00 7.13 37.80
N TRP A 258 -0.74 6.19 37.23
CA TRP A 258 -0.22 4.83 37.12
C TRP A 258 1.06 4.79 36.31
N LEU A 259 1.09 5.51 35.19
CA LEU A 259 2.30 5.55 34.36
C LEU A 259 3.48 6.13 35.16
N ASP A 260 3.24 7.25 35.83
CA ASP A 260 4.32 7.88 36.59
C ASP A 260 4.84 6.95 37.67
N PHE A 261 3.93 6.30 38.40
CA PHE A 261 4.32 5.40 39.48
C PHE A 261 5.17 4.25 38.96
N LEU A 262 4.72 3.61 37.87
CA LEU A 262 5.46 2.48 37.34
C LEU A 262 6.84 2.88 36.86
N VAL A 263 6.95 4.01 36.16
CA VAL A 263 8.27 4.42 35.69
C VAL A 263 9.19 4.69 36.87
N THR A 264 8.69 5.33 37.91
CA THR A 264 9.53 5.60 39.08
C THR A 264 10.01 4.30 39.72
N LEU A 265 9.12 3.31 39.88
CA LEU A 265 9.55 2.06 40.48
C LEU A 265 10.60 1.37 39.63
N ILE A 266 10.41 1.36 38.31
CA ILE A 266 11.36 0.69 37.44
C ILE A 266 12.71 1.42 37.48
N GLY A 267 12.70 2.74 37.56
CA GLY A 267 13.95 3.48 37.70
C GLY A 267 14.68 3.08 38.97
N TYR A 268 13.94 2.95 40.07
CA TYR A 268 14.53 2.49 41.31
C TYR A 268 15.12 1.10 41.17
N ILE A 269 14.40 0.20 40.51
CA ILE A 269 14.87 -1.17 40.33
C ILE A 269 16.16 -1.18 39.52
N THR A 270 16.21 -0.39 38.45
CA THR A 270 17.39 -0.39 37.57
C THR A 270 18.58 0.26 38.23
N LEU A 271 18.35 1.23 39.13
CA LEU A 271 19.46 1.87 39.82
C LEU A 271 19.97 1.00 40.98
N VAL A 272 19.07 0.63 41.89
CA VAL A 272 19.47 -0.16 43.05
C VAL A 272 19.99 -1.53 42.61
N VAL A 273 19.28 -2.16 41.66
CA VAL A 273 19.72 -3.45 41.14
C VAL A 273 19.49 -3.47 39.63
N LEU A 278 17.87 -6.07 34.97
CA LEU A 278 18.17 -6.36 33.57
C LEU A 278 18.20 -5.08 32.76
N TYR A 279 19.10 -5.01 31.77
CA TYR A 279 19.24 -3.79 30.99
C TYR A 279 18.01 -3.51 30.13
N ALA A 280 17.14 -4.51 29.94
CA ALA A 280 15.98 -4.34 29.07
C ALA A 280 14.90 -3.48 29.71
N LEU A 281 14.80 -3.49 31.04
CA LEU A 281 13.72 -2.79 31.70
C LEU A 281 13.95 -1.29 31.78
N ARG A 282 15.19 -0.83 31.63
CA ARG A 282 15.48 0.59 31.81
C ARG A 282 15.11 1.44 30.60
N ALA A 283 14.88 0.83 29.43
CA ALA A 283 14.50 1.63 28.26
C ALA A 283 13.15 2.31 28.48
N PHE A 284 12.20 1.60 29.07
CA PHE A 284 10.83 2.07 29.15
C PHE A 284 10.68 3.32 30.00
N ARG A 285 11.76 3.80 30.62
CA ARG A 285 11.72 5.10 31.28
C ARG A 285 11.22 6.16 30.31
N VAL A 286 11.62 6.07 29.04
CA VAL A 286 11.22 7.08 28.08
C VAL A 286 9.70 7.21 27.98
N LEU A 287 8.96 6.20 28.44
CA LEU A 287 7.50 6.29 28.37
C LEU A 287 6.98 7.55 29.04
N ARG A 288 7.70 8.07 30.04
CA ARG A 288 7.22 9.26 30.74
C ARG A 288 6.97 10.42 29.78
N SER A 289 7.74 10.49 28.70
CA SER A 289 7.62 11.59 27.76
C SER A 289 6.22 11.71 27.18
N TRP A 290 5.41 10.64 27.23
CA TRP A 290 4.05 10.74 26.72
C TRP A 290 3.30 11.91 27.33
N ARG A 291 3.59 12.22 28.60
CA ARG A 291 2.89 13.31 29.27
C ARG A 291 2.98 14.61 28.50
N THR A 292 4.09 14.82 27.79
CA THR A 292 4.27 16.09 27.11
C THR A 292 3.16 16.38 26.11
N VAL A 293 2.42 15.36 25.67
CA VAL A 293 1.36 15.61 24.71
C VAL A 293 0.37 16.64 25.24
N THR A 294 0.31 16.86 26.55
CA THR A 294 -0.64 17.80 27.12
C THR A 294 -0.26 19.26 26.93
N ILE A 295 0.93 19.55 26.38
CA ILE A 295 1.34 20.93 26.16
C ILE A 295 0.52 21.57 25.06
N VAL A 296 0.30 20.84 23.97
CA VAL A 296 -0.34 21.42 22.79
C VAL A 296 -1.82 21.64 23.09
N PRO A 297 -2.36 22.84 22.88
CA PRO A 297 -3.79 23.02 23.10
C PRO A 297 -4.61 22.15 22.17
N GLY A 298 -5.77 21.71 22.68
CA GLY A 298 -6.62 20.83 21.91
C GLY A 298 -6.20 19.38 21.87
N TRP A 299 -5.24 18.99 22.71
CA TRP A 299 -4.77 17.61 22.74
C TRP A 299 -5.84 16.63 23.21
N ARG A 300 -6.84 17.10 23.95
CA ARG A 300 -7.86 16.20 24.46
C ARG A 300 -8.55 15.46 23.32
N THR A 301 -8.89 16.18 22.25
CA THR A 301 -9.63 15.56 21.16
C THR A 301 -8.82 14.43 20.51
N ILE A 302 -7.54 14.68 20.22
CA ILE A 302 -6.73 13.67 19.56
C ILE A 302 -6.46 12.50 20.48
N VAL A 303 -6.14 12.77 21.75
CA VAL A 303 -5.88 11.66 22.67
C VAL A 303 -7.13 10.80 22.82
N ASP A 304 -8.30 11.44 22.98
CA ASP A 304 -9.54 10.68 23.11
C ASP A 304 -9.85 9.89 21.84
N ALA A 305 -9.59 10.47 20.67
CA ALA A 305 -9.81 9.75 19.42
C ALA A 305 -8.90 8.52 19.35
N LEU A 306 -7.64 8.65 19.78
CA LEU A 306 -6.74 7.51 19.76
C LEU A 306 -7.24 6.42 20.70
N SER A 307 -7.63 6.80 21.92
CA SER A 307 -8.10 5.80 22.88
C SER A 307 -9.36 5.11 22.37
N LEU A 308 -10.30 5.88 21.82
CA LEU A 308 -11.54 5.29 21.32
C LEU A 308 -11.28 4.36 20.14
N SER A 309 -10.37 4.74 19.22
CA SER A 309 -10.06 3.85 18.12
C SER A 309 -9.48 2.54 18.62
N ILE A 310 -8.58 2.62 19.59
CA ILE A 310 -7.98 1.40 20.13
C ILE A 310 -9.04 0.53 20.79
N THR A 311 -9.96 1.14 21.55
CA THR A 311 -10.98 0.33 22.19
C THR A 311 -11.90 -0.31 21.17
N SER A 312 -12.24 0.40 20.10
CA SER A 312 -13.18 -0.11 19.11
C SER A 312 -12.56 -1.09 18.14
N LEU A 313 -11.25 -1.31 18.19
CA LEU A 313 -10.64 -2.32 17.33
C LEU A 313 -10.75 -3.75 17.90
N LYS A 314 -11.47 -3.91 19.02
CA LYS A 314 -11.63 -5.23 19.63
C LYS A 314 -12.33 -6.19 18.69
N ASP A 315 -13.47 -5.79 18.14
CA ASP A 315 -14.20 -6.69 17.25
C ASP A 315 -13.41 -6.97 15.99
N LEU A 316 -12.52 -6.06 15.59
CA LEU A 316 -11.75 -6.29 14.38
C LEU A 316 -10.62 -7.29 14.60
N VAL A 317 -10.02 -7.29 15.79
CA VAL A 317 -8.81 -8.09 15.98
C VAL A 317 -9.14 -9.59 15.88
N LEU A 318 -10.29 -10.00 16.40
CA LEU A 318 -10.65 -11.41 16.38
C LEU A 318 -10.86 -11.90 14.95
N LEU A 319 -11.59 -11.13 14.15
CA LEU A 319 -11.77 -11.49 12.75
C LEU A 319 -10.44 -11.48 12.02
N LEU A 320 -9.56 -10.52 12.35
CA LEU A 320 -8.25 -10.49 11.73
C LEU A 320 -7.48 -11.77 12.01
N LEU A 321 -7.44 -12.20 13.28
CA LEU A 321 -6.70 -13.40 13.63
C LEU A 321 -7.27 -14.62 12.94
N PHE A 322 -8.60 -14.74 12.91
CA PHE A 322 -9.22 -15.88 12.25
C PHE A 322 -8.89 -15.92 10.77
N SER A 323 -9.04 -14.77 10.08
CA SER A 323 -8.77 -14.74 8.64
C SER A 323 -7.30 -15.02 8.35
N LEU A 324 -6.40 -14.46 9.15
CA LEU A 324 -4.98 -14.71 8.95
C LEU A 324 -4.66 -16.19 9.15
N SER A 325 -5.26 -16.81 10.15
CA SER A 325 -5.00 -18.24 10.36
C SER A 325 -5.52 -19.07 9.20
N VAL A 326 -6.70 -18.74 8.65
CA VAL A 326 -7.22 -19.51 7.52
C VAL A 326 -6.30 -19.36 6.32
N PHE A 327 -5.88 -18.14 6.01
CA PHE A 327 -4.96 -17.95 4.89
C PHE A 327 -3.65 -18.66 5.15
N ALA A 328 -3.17 -18.63 6.38
CA ALA A 328 -1.93 -19.31 6.70
C ALA A 328 -2.05 -20.80 6.48
N LEU A 329 -3.17 -21.40 6.86
CA LEU A 329 -3.37 -22.82 6.61
C LEU A 329 -3.41 -23.12 5.11
N ILE A 330 -4.08 -22.28 4.34
CA ILE A 330 -4.14 -22.48 2.90
C ILE A 330 -2.75 -22.44 2.30
N GLY A 331 -1.96 -21.44 2.70
CA GLY A 331 -0.60 -21.33 2.19
C GLY A 331 0.28 -22.47 2.65
N LEU A 332 0.07 -22.94 3.88
CA LEU A 332 0.80 -24.09 4.36
C LEU A 332 0.51 -25.30 3.51
N GLN A 333 -0.75 -25.48 3.12
CA GLN A 333 -1.12 -26.60 2.27
C GLN A 333 -0.59 -26.43 0.86
N LEU A 334 -0.45 -25.19 0.37
CA LEU A 334 -0.08 -24.99 -1.03
C LEU A 334 1.43 -24.99 -1.25
N PHE A 335 2.19 -24.27 -0.42
CA PHE A 335 3.59 -23.97 -0.71
C PHE A 335 4.56 -24.64 0.27
N MET A 336 4.14 -25.68 0.98
CA MET A 336 5.03 -26.30 1.96
C MET A 336 6.26 -26.87 1.27
N GLY A 337 7.42 -26.34 1.63
CA GLY A 337 8.68 -26.81 1.09
C GLY A 337 9.03 -26.29 -0.29
N ASN A 338 8.21 -25.43 -0.87
CA ASN A 338 8.45 -24.99 -2.25
C ASN A 338 9.63 -24.02 -2.33
N LEU A 339 9.91 -23.26 -1.28
CA LEU A 339 10.95 -22.24 -1.32
C LEU A 339 12.35 -22.83 -1.11
N LYS A 340 12.44 -24.13 -0.89
CA LYS A 340 13.72 -24.82 -0.78
C LYS A 340 14.20 -25.41 -2.10
N HIS A 341 13.45 -25.23 -3.18
CA HIS A 341 13.84 -25.77 -4.48
C HIS A 341 15.15 -25.16 -4.97
N LYS A 342 16.00 -25.99 -5.56
CA LYS A 342 17.28 -25.53 -6.07
C LYS A 342 17.68 -26.36 -7.28
N CYS A 343 18.52 -25.78 -8.14
CA CYS A 343 19.06 -26.49 -9.30
C CYS A 343 20.37 -27.15 -8.90
N VAL A 344 20.39 -28.48 -8.89
CA VAL A 344 21.55 -29.24 -8.46
C VAL A 344 22.19 -29.88 -9.70
N LYS A 345 23.51 -29.78 -9.78
CA LYS A 345 24.24 -30.39 -10.88
C LYS A 345 24.02 -31.90 -10.90
N HIS A 346 24.02 -32.47 -12.10
CA HIS A 346 23.88 -33.92 -12.25
C HIS A 346 25.12 -34.62 -11.71
N PHE A 347 24.95 -35.89 -11.32
CA PHE A 347 26.09 -36.67 -10.87
C PHE A 347 27.03 -36.91 -12.04
N PRO A 348 28.32 -36.58 -11.94
CA PRO A 348 29.21 -36.73 -13.09
C PRO A 348 29.30 -38.18 -13.55
N ALA A 349 29.32 -38.36 -14.87
CA ALA A 349 29.48 -39.68 -15.48
C ALA A 349 30.93 -40.01 -15.79
N ASP A 350 31.86 -39.06 -15.61
CA ASP A 350 33.26 -39.33 -15.88
C ASP A 350 33.89 -40.19 -14.80
N GLY A 351 33.27 -40.29 -13.63
CA GLY A 351 33.82 -41.04 -12.53
C GLY A 351 34.68 -40.24 -11.59
N SER A 352 34.70 -38.91 -11.75
CA SER A 352 35.52 -38.08 -10.87
C SER A 352 35.10 -38.24 -9.42
N TRP A 353 33.80 -38.31 -9.16
CA TRP A 353 33.28 -38.53 -7.81
C TRP A 353 33.21 -40.01 -7.46
N GLY A 354 33.54 -40.90 -8.38
CA GLY A 354 33.51 -42.33 -8.14
C GLY A 354 32.30 -42.99 -8.77
N ASN A 355 32.35 -44.32 -8.77
CA ASN A 355 31.24 -45.09 -9.34
C ASN A 355 29.96 -44.78 -8.58
N PHE A 356 28.84 -44.78 -9.30
CA PHE A 356 27.59 -44.35 -8.71
C PHE A 356 27.22 -45.26 -7.56
N THR A 357 26.79 -44.65 -6.46
CA THR A 357 26.14 -45.34 -5.36
C THR A 357 25.13 -44.38 -4.78
N ASP A 358 24.12 -44.94 -4.09
CA ASP A 358 23.08 -44.08 -3.53
C ASP A 358 23.69 -43.02 -2.61
N GLU A 359 24.62 -43.42 -1.76
CA GLU A 359 25.21 -42.47 -0.83
C GLU A 359 26.20 -41.53 -1.51
N ARG A 360 26.92 -41.99 -2.53
CA ARG A 360 27.74 -41.05 -3.29
C ARG A 360 26.87 -40.00 -3.99
N TRP A 361 25.72 -40.42 -4.54
CA TRP A 361 24.81 -39.45 -5.14
C TRP A 361 24.33 -38.45 -4.10
N PHE A 362 23.97 -38.94 -2.90
CA PHE A 362 23.51 -38.03 -1.86
C PHE A 362 24.63 -37.09 -1.42
N ASN A 363 25.86 -37.60 -1.32
CA ASN A 363 27.02 -36.76 -0.99
C ASN A 363 27.20 -35.65 -2.03
N TYR A 364 27.18 -36.02 -3.31
CA TYR A 364 27.39 -35.03 -4.36
C TYR A 364 26.28 -33.97 -4.35
N THR A 365 25.03 -34.40 -4.21
CA THR A 365 23.92 -33.46 -4.26
C THR A 365 23.86 -32.58 -3.03
N SER A 366 24.28 -33.09 -1.88
CA SER A 366 24.20 -32.32 -0.65
C SER A 366 25.25 -31.23 -0.56
N ASN A 367 26.29 -31.31 -1.39
CA ASN A 367 27.33 -30.29 -1.38
C ASN A 367 26.82 -29.00 -2.00
N SER A 368 26.98 -27.89 -1.27
CA SER A 368 26.45 -26.61 -1.72
C SER A 368 27.20 -26.03 -2.91
N SER A 369 28.39 -26.53 -3.21
CA SER A 369 29.16 -26.05 -4.35
C SER A 369 28.60 -26.55 -5.68
N HIS A 370 27.63 -27.47 -5.65
CA HIS A 370 27.00 -28.00 -6.86
C HIS A 370 25.60 -27.44 -7.09
N TRP A 371 25.19 -26.44 -6.32
CA TRP A 371 23.91 -25.79 -6.53
C TRP A 371 24.13 -24.55 -7.40
N TYR A 372 23.28 -24.39 -8.41
CA TYR A 372 23.46 -23.27 -9.33
C TYR A 372 23.21 -21.94 -8.64
N ILE A 373 24.12 -21.00 -8.83
CA ILE A 373 23.94 -19.64 -8.34
C ILE A 373 24.80 -18.71 -9.19
N PRO A 374 24.22 -17.71 -9.85
CA PRO A 374 25.04 -16.79 -10.64
C PRO A 374 26.07 -16.07 -9.78
N ASP A 375 27.19 -15.75 -10.40
CA ASP A 375 28.23 -15.02 -9.70
C ASP A 375 27.69 -13.67 -9.22
N ASP A 376 28.11 -13.27 -8.03
CA ASP A 376 27.73 -12.02 -7.38
C ASP A 376 26.33 -12.09 -6.77
N TRP A 377 25.64 -13.23 -6.85
CA TRP A 377 24.32 -13.37 -6.25
C TRP A 377 24.43 -13.87 -4.82
N ILE A 378 23.43 -13.50 -4.01
CA ILE A 378 23.43 -13.86 -2.60
C ILE A 378 22.49 -15.04 -2.38
N GLU A 379 21.44 -15.14 -3.20
CA GLU A 379 20.40 -16.14 -3.04
C GLU A 379 20.41 -17.09 -4.22
N TYR A 380 20.17 -18.37 -3.94
CA TYR A 380 20.05 -19.36 -5.00
C TYR A 380 18.71 -19.19 -5.71
N PRO A 381 18.68 -19.18 -7.04
CA PRO A 381 17.39 -19.04 -7.74
C PRO A 381 16.50 -20.26 -7.55
N LEU A 382 15.19 -20.02 -7.56
CA LEU A 382 14.19 -21.07 -7.39
C LEU A 382 13.80 -21.67 -8.74
N CYS A 383 13.21 -22.86 -8.68
CA CYS A 383 12.83 -23.60 -9.87
C CYS A 383 11.64 -24.49 -9.57
N GLY A 384 11.29 -25.34 -10.52
CA GLY A 384 10.14 -26.22 -10.43
C GLY A 384 9.78 -26.72 -11.81
N ASN A 385 9.35 -27.97 -11.94
CA ASN A 385 9.07 -28.54 -13.26
C ASN A 385 7.65 -28.32 -13.75
N SER A 386 6.81 -27.64 -12.97
CA SER A 386 5.48 -27.31 -13.45
C SER A 386 5.59 -26.30 -14.59
N SER A 387 4.66 -26.39 -15.54
CA SER A 387 4.68 -25.52 -16.71
C SER A 387 4.64 -24.05 -16.31
N GLY A 388 5.57 -23.27 -16.87
CA GLY A 388 5.67 -21.86 -16.55
C GLY A 388 6.50 -21.54 -15.33
N ALA A 389 7.04 -22.55 -14.64
CA ALA A 389 7.86 -22.32 -13.47
C ALA A 389 9.32 -22.11 -13.90
N GLY A 390 10.15 -21.74 -12.93
CA GLY A 390 11.56 -21.51 -13.22
C GLY A 390 12.23 -22.77 -13.73
N MET A 391 13.07 -22.60 -14.75
CA MET A 391 13.77 -23.70 -15.40
C MET A 391 15.24 -23.74 -14.99
N CYS A 392 15.87 -24.94 -15.18
CA CYS A 392 17.26 -25.15 -14.81
C CYS A 392 18.16 -25.00 -16.02
N PRO A 393 19.42 -24.61 -15.83
CA PRO A 393 20.37 -24.64 -16.94
C PRO A 393 20.68 -26.07 -17.35
N PRO A 394 21.17 -26.28 -18.56
CA PRO A 394 21.52 -27.65 -18.98
C PRO A 394 22.54 -28.26 -18.04
N GLY A 395 22.36 -29.54 -17.74
CA GLY A 395 23.20 -30.22 -16.78
C GLY A 395 22.78 -30.05 -15.33
N TYR A 396 21.59 -29.52 -15.07
CA TYR A 396 21.07 -29.35 -13.73
C TYR A 396 19.65 -29.90 -13.65
N THR A 397 19.26 -30.33 -12.45
CA THR A 397 17.91 -30.81 -12.19
C THR A 397 17.36 -30.10 -10.97
N CYS A 398 16.06 -29.80 -11.01
CA CYS A 398 15.41 -29.09 -9.91
C CYS A 398 15.04 -30.07 -8.81
N LEU A 399 15.65 -29.92 -7.64
CA LEU A 399 15.43 -30.80 -6.50
C LEU A 399 14.91 -29.98 -5.33
N GLN A 400 14.44 -30.72 -4.31
CA GLN A 400 13.86 -30.12 -3.12
C GLN A 400 14.51 -30.70 -1.87
N GLY A 401 14.38 -29.96 -0.78
CA GLY A 401 14.91 -30.41 0.50
C GLY A 401 16.38 -30.16 0.71
N TYR A 402 17.00 -29.29 -0.08
CA TYR A 402 18.42 -28.99 0.03
C TYR A 402 18.61 -27.54 0.47
N GLY A 403 19.47 -27.32 1.46
CA GLY A 403 19.76 -25.97 1.89
C GLY A 403 18.63 -25.35 2.69
N GLY A 404 18.68 -24.02 2.79
CA GLY A 404 17.72 -23.26 3.55
C GLY A 404 16.73 -22.49 2.71
N ASN A 405 15.85 -21.82 3.41
CA ASN A 405 14.84 -20.97 2.81
C ASN A 405 15.38 -19.57 2.58
N PRO A 406 14.72 -18.76 1.76
CA PRO A 406 15.22 -17.42 1.48
C PRO A 406 15.19 -16.51 2.71
N ASN A 407 16.06 -15.50 2.68
CA ASN A 407 16.11 -14.45 3.70
C ASN A 407 16.47 -15.02 5.06
N TYR A 408 17.65 -15.65 5.12
CA TYR A 408 18.14 -16.25 6.36
C TYR A 408 17.18 -17.29 6.92
N GLY A 409 16.34 -17.86 6.07
CA GLY A 409 15.39 -18.85 6.51
C GLY A 409 14.12 -18.31 7.13
N TYR A 410 13.91 -16.99 7.11
CA TYR A 410 12.74 -16.40 7.74
C TYR A 410 11.53 -16.32 6.80
N THR A 411 11.70 -16.64 5.53
CA THR A 411 10.62 -16.58 4.54
C THR A 411 10.34 -18.00 4.05
N SER A 412 9.17 -18.53 4.39
CA SER A 412 8.78 -19.87 3.97
C SER A 412 7.34 -20.12 4.38
N PHE A 413 6.82 -21.27 3.97
CA PHE A 413 5.53 -21.78 4.40
C PHE A 413 5.70 -23.17 5.03
N ASP A 414 6.86 -23.43 5.64
CA ASP A 414 7.16 -24.76 6.16
C ASP A 414 6.42 -25.07 7.45
N THR A 415 6.18 -24.07 8.29
CA THR A 415 5.45 -24.27 9.54
C THR A 415 4.33 -23.25 9.63
N PHE A 416 3.39 -23.50 10.55
CA PHE A 416 2.25 -22.59 10.67
C PHE A 416 2.70 -21.19 11.06
N GLY A 417 3.69 -21.08 11.95
CA GLY A 417 4.12 -19.76 12.38
C GLY A 417 4.74 -18.93 11.25
N TRP A 418 5.65 -19.54 10.50
CA TRP A 418 6.27 -18.82 9.39
C TRP A 418 5.23 -18.47 8.32
N ALA A 419 4.28 -19.38 8.07
CA ALA A 419 3.21 -19.10 7.14
C ALA A 419 2.38 -17.92 7.62
N PHE A 420 2.12 -17.85 8.92
CA PHE A 420 1.40 -16.73 9.49
C PHE A 420 2.14 -15.43 9.23
N LEU A 421 3.45 -15.43 9.46
CA LEU A 421 4.25 -14.23 9.19
C LEU A 421 4.18 -13.83 7.73
N SER A 422 4.30 -14.80 6.82
CA SER A 422 4.26 -14.49 5.39
C SER A 422 2.90 -13.92 5.00
N VAL A 423 1.81 -14.47 5.53
CA VAL A 423 0.49 -14.00 5.18
C VAL A 423 0.27 -12.58 5.71
N PHE A 424 0.74 -12.30 6.93
CA PHE A 424 0.63 -10.95 7.45
C PHE A 424 1.41 -9.97 6.59
N ARG A 425 2.63 -10.35 6.19
CA ARG A 425 3.42 -9.50 5.31
C ARG A 425 2.67 -9.23 4.01
N LEU A 426 2.09 -10.27 3.43
CA LEU A 426 1.35 -10.11 2.18
C LEU A 426 0.17 -9.18 2.35
N VAL A 427 -0.58 -9.33 3.44
CA VAL A 427 -1.74 -8.47 3.68
C VAL A 427 -1.31 -7.02 3.80
N THR A 428 -0.18 -6.77 4.46
CA THR A 428 0.29 -5.40 4.62
C THR A 428 1.03 -4.88 3.38
N LEU A 429 1.24 -5.71 2.36
CA LEU A 429 1.94 -5.31 1.13
C LEU A 429 3.37 -4.85 1.40
N ASP A 430 4.03 -5.47 2.37
CA ASP A 430 5.39 -5.07 2.76
C ASP A 430 6.40 -5.91 1.97
N TYR A 431 6.95 -5.34 0.90
CA TYR A 431 7.93 -6.04 0.08
C TYR A 431 7.36 -7.37 -0.42
N TRP A 432 6.07 -7.38 -0.72
CA TRP A 432 5.35 -8.60 -1.04
C TRP A 432 5.62 -9.10 -2.45
N GLU A 433 6.12 -8.24 -3.35
CA GLU A 433 6.43 -8.71 -4.68
C GLU A 433 7.53 -9.76 -4.66
N ASP A 434 8.46 -9.66 -3.71
CA ASP A 434 9.52 -10.67 -3.64
C ASP A 434 8.95 -12.05 -3.32
N LEU A 435 8.08 -12.13 -2.31
CA LEU A 435 7.44 -13.40 -1.98
C LEU A 435 6.58 -13.89 -3.12
N TYR A 436 5.87 -12.95 -3.76
CA TYR A 436 5.04 -13.28 -4.91
C TYR A 436 5.85 -13.94 -6.02
N GLN A 437 6.98 -13.33 -6.37
CA GLN A 437 7.84 -13.86 -7.42
C GLN A 437 8.46 -15.19 -7.02
N LEU A 438 8.90 -15.32 -5.76
CA LEU A 438 9.46 -16.59 -5.31
C LEU A 438 8.44 -17.71 -5.45
N ALA A 439 7.22 -17.48 -4.94
CA ALA A 439 6.21 -18.52 -4.96
C ALA A 439 5.82 -18.89 -6.37
N LEU A 440 5.64 -17.90 -7.25
CA LEU A 440 5.23 -18.22 -8.62
C LEU A 440 6.35 -18.93 -9.37
N ARG A 441 7.60 -18.56 -9.12
CA ARG A 441 8.71 -19.20 -9.80
C ARG A 441 8.88 -20.63 -9.33
N SER A 442 8.52 -20.91 -8.08
CA SER A 442 8.68 -22.27 -7.54
C SER A 442 7.49 -23.18 -7.81
N ALA A 443 6.27 -22.63 -7.92
CA ALA A 443 5.07 -23.46 -8.00
C ALA A 443 4.35 -23.39 -9.33
N GLY A 444 4.38 -22.25 -10.01
CA GLY A 444 3.72 -22.08 -11.28
C GLY A 444 2.86 -20.84 -11.28
N PRO A 445 2.61 -20.28 -12.47
CA PRO A 445 1.83 -19.02 -12.54
C PRO A 445 0.40 -19.15 -12.01
N TRP A 446 -0.22 -20.32 -12.11
CA TRP A 446 -1.62 -20.45 -11.67
C TRP A 446 -1.79 -20.07 -10.21
N HIS A 447 -0.77 -20.32 -9.38
CA HIS A 447 -0.86 -19.98 -7.97
C HIS A 447 -1.09 -18.49 -7.74
N ILE A 448 -1.00 -17.66 -8.78
CA ILE A 448 -1.41 -16.26 -8.64
C ILE A 448 -2.78 -16.17 -7.99
N LEU A 449 -3.64 -17.15 -8.25
CA LEU A 449 -4.99 -17.11 -7.67
C LEU A 449 -4.92 -16.89 -6.17
N PHE A 450 -4.05 -17.61 -5.48
CA PHE A 450 -3.91 -17.43 -4.03
C PHE A 450 -3.68 -15.97 -3.69
N PHE A 451 -2.68 -15.36 -4.33
CA PHE A 451 -2.35 -13.97 -4.02
C PHE A 451 -3.50 -13.04 -4.34
N ILE A 452 -4.33 -13.37 -5.34
CA ILE A 452 -5.44 -12.49 -5.66
C ILE A 452 -6.45 -12.48 -4.52
N ILE A 453 -6.66 -13.63 -3.87
CA ILE A 453 -7.66 -13.69 -2.82
C ILE A 453 -7.19 -12.91 -1.60
N VAL A 454 -6.01 -13.26 -1.10
CA VAL A 454 -5.50 -12.63 0.12
C VAL A 454 -5.47 -11.12 -0.05
N VAL A 455 -4.96 -10.65 -1.19
CA VAL A 455 -4.88 -9.21 -1.42
C VAL A 455 -6.29 -8.61 -1.48
N PHE A 456 -7.23 -9.27 -2.15
CA PHE A 456 -8.56 -8.67 -2.27
C PHE A 456 -9.25 -8.60 -0.91
N TYR A 457 -9.28 -9.72 -0.19
CA TYR A 457 -9.98 -9.75 1.08
C TYR A 457 -9.18 -9.09 2.20
N GLY A 458 -7.87 -9.25 2.19
CA GLY A 458 -7.05 -8.74 3.28
C GLY A 458 -6.74 -7.27 3.17
N THR A 459 -6.32 -6.83 1.99
CA THR A 459 -5.89 -5.45 1.79
C THR A 459 -7.05 -4.53 1.45
N PHE A 460 -7.85 -4.89 0.45
CA PHE A 460 -8.88 -3.98 -0.02
C PHE A 460 -10.12 -3.96 0.86
N CYS A 461 -10.28 -4.92 1.77
CA CYS A 461 -11.45 -4.96 2.65
C CYS A 461 -11.10 -4.74 4.11
N PHE A 462 -10.21 -5.55 4.68
CA PHE A 462 -10.00 -5.51 6.14
C PHE A 462 -9.31 -4.24 6.59
N LEU A 463 -8.20 -3.88 5.95
CA LEU A 463 -7.53 -2.63 6.33
C LEU A 463 -8.48 -1.45 6.19
N ASN A 464 -9.42 -1.52 5.25
CA ASN A 464 -10.45 -0.49 5.16
C ASN A 464 -11.42 -0.57 6.34
N PHE A 465 -11.64 -1.75 6.91
CA PHE A 465 -12.40 -1.79 8.16
C PHE A 465 -11.67 -1.00 9.25
N ILE A 466 -10.36 -1.17 9.35
CA ILE A 466 -9.60 -0.43 10.35
C ILE A 466 -9.71 1.07 10.08
N LEU A 467 -9.57 1.46 8.81
CA LEU A 467 -9.70 2.88 8.47
C LEU A 467 -11.06 3.42 8.86
N ALA A 468 -12.13 2.66 8.58
CA ALA A 468 -13.46 3.13 8.92
C ALA A 468 -13.62 3.29 10.43
N VAL A 469 -13.12 2.34 11.20
CA VAL A 469 -13.26 2.44 12.65
C VAL A 469 -12.56 3.69 13.16
N VAL A 470 -11.35 3.96 12.67
CA VAL A 470 -10.65 5.18 13.10
C VAL A 470 -11.43 6.42 12.70
N VAL A 471 -12.01 6.43 11.49
CA VAL A 471 -12.74 7.60 11.02
C VAL A 471 -13.96 7.86 11.91
N MET A 472 -14.71 6.81 12.24
CA MET A 472 -15.88 7.01 13.10
C MET A 472 -15.45 7.50 14.48
N SER A 473 -14.36 6.97 15.03
CA SER A 473 -13.87 7.46 16.31
C SER A 473 -13.58 8.95 16.27
N TYR A 474 -12.82 9.38 15.26
CA TYR A 474 -12.46 10.80 15.19
C TYR A 474 -13.69 11.67 14.97
N THR A 475 -14.60 11.24 14.11
CA THR A 475 -15.81 12.03 13.85
C THR A 475 -16.64 12.18 15.11
N HIS A 476 -16.80 11.10 15.88
CA HIS A 476 -17.56 11.19 17.12
C HIS A 476 -16.89 12.18 18.07
N MET A 477 -15.57 12.12 18.19
CA MET A 477 -14.88 13.04 19.11
C MET A 477 -15.06 14.49 18.68
N VAL A 478 -14.90 14.77 17.38
CA VAL A 478 -15.01 16.17 16.94
C VAL A 478 -16.44 16.66 17.11
N LYS A 479 -17.43 15.79 16.87
CA LYS A 479 -18.81 16.20 17.08
C LYS A 479 -19.03 16.55 18.55
N ARG A 480 -18.52 15.73 19.46
CA ARG A 480 -18.67 16.03 20.89
C ARG A 480 -18.00 17.34 21.24
N ALA A 481 -16.79 17.56 20.73
CA ALA A 481 -16.06 18.79 21.05
C ALA A 481 -16.80 20.02 20.52
N ASP A 482 -17.28 19.95 19.28
CA ASP A 482 -17.98 21.08 18.69
C ASP A 482 -19.28 21.36 19.42
N GLU A 483 -20.02 20.31 19.78
CA GLU A 483 -21.26 20.50 20.52
C GLU A 483 -20.99 21.11 21.88
N GLU A 484 -19.90 20.71 22.53
CA GLU A 484 -19.54 21.30 23.82
C GLU A 484 -19.29 22.80 23.67
N LYS A 485 -18.58 23.18 22.62
CA LYS A 485 -18.28 24.59 22.35
C LYS A 485 -17.49 25.20 23.50
N VAL A 570 -1.83 53.90 -10.67
CA VAL A 570 -1.21 52.96 -11.58
C VAL A 570 -0.90 51.67 -10.83
N VAL A 571 -0.16 51.80 -9.73
CA VAL A 571 0.21 50.61 -8.96
C VAL A 571 -1.03 49.92 -8.40
N LEU A 572 -1.98 50.70 -7.86
CA LEU A 572 -3.22 50.13 -7.33
C LEU A 572 -4.29 50.04 -8.42
N SER A 573 -3.95 49.32 -9.48
CA SER A 573 -4.86 49.02 -10.57
C SER A 573 -4.71 47.54 -10.90
N PRO A 574 -5.74 46.92 -11.48
CA PRO A 574 -5.63 45.49 -11.81
C PRO A 574 -4.53 45.18 -12.81
N PHE A 575 -4.27 46.08 -13.74
CA PHE A 575 -3.23 45.84 -14.74
C PHE A 575 -1.87 45.65 -14.09
N PHE A 576 -1.57 46.46 -13.07
CA PHE A 576 -0.30 46.30 -12.37
C PHE A 576 -0.20 44.92 -11.73
N GLU A 577 -1.28 44.47 -11.10
CA GLU A 577 -1.27 43.15 -10.48
C GLU A 577 -1.06 42.05 -11.53
N LEU A 578 -1.69 42.20 -12.70
CA LEU A 578 -1.48 41.22 -13.77
C LEU A 578 -0.02 41.19 -14.22
N PHE A 579 0.59 42.38 -14.35
CA PHE A 579 1.98 42.44 -14.75
C PHE A 579 2.88 41.76 -13.71
N ILE A 580 2.62 41.99 -12.42
CA ILE A 580 3.38 41.30 -11.38
C ILE A 580 3.14 39.81 -11.43
N ALA A 581 1.92 39.38 -11.74
CA ALA A 581 1.64 37.95 -11.80
C ALA A 581 2.46 37.28 -12.89
N VAL A 582 2.50 37.89 -14.08
CA VAL A 582 3.28 37.30 -15.16
C VAL A 582 4.77 37.35 -14.83
N ILE A 583 5.22 38.40 -14.15
CA ILE A 583 6.62 38.47 -13.74
C ILE A 583 6.97 37.31 -12.81
N ILE A 584 6.06 37.00 -11.88
CA ILE A 584 6.32 35.90 -10.95
C ILE A 584 6.40 34.58 -11.71
N VAL A 585 5.48 34.38 -12.65
CA VAL A 585 5.47 33.14 -13.43
C VAL A 585 6.77 32.99 -14.21
N LEU A 586 7.21 34.08 -14.85
CA LEU A 586 8.47 34.04 -15.58
C LEU A 586 9.64 33.74 -14.66
N ASN A 587 9.62 34.32 -13.46
CA ASN A 587 10.68 34.07 -12.49
C ASN A 587 10.71 32.60 -12.09
N ILE A 588 9.55 31.99 -11.89
CA ILE A 588 9.51 30.58 -11.54
C ILE A 588 10.09 29.73 -12.67
N THR A 589 9.74 30.06 -13.91
CA THR A 589 10.31 29.32 -15.04
C THR A 589 11.84 29.42 -15.04
N PHE A 590 12.36 30.63 -14.79
CA PHE A 590 13.81 30.81 -14.75
C PHE A 590 14.43 29.99 -13.64
N MET A 591 13.79 29.94 -12.48
CA MET A 591 14.33 29.17 -11.37
C MET A 591 14.33 27.68 -11.70
N ALA A 592 13.32 27.22 -12.43
CA ALA A 592 13.22 25.81 -12.82
C ALA A 592 14.16 25.43 -13.95
N LEU A 593 14.77 26.40 -14.63
CA LEU A 593 15.68 26.08 -15.73
C LEU A 593 17.11 25.82 -15.29
N ASP A 594 17.43 26.00 -14.01
CA ASP A 594 18.78 25.71 -13.54
C ASP A 594 19.07 24.21 -13.59
N HIS A 595 20.27 23.86 -14.05
CA HIS A 595 20.67 22.46 -14.14
C HIS A 595 22.18 22.33 -14.04
N HIS A 596 22.66 21.09 -14.05
CA HIS A 596 24.07 20.79 -13.85
C HIS A 596 24.85 20.93 -15.15
N ASP A 597 26.07 21.47 -15.04
CA ASP A 597 26.94 21.69 -16.20
C ASP A 597 26.26 22.60 -17.22
N MET A 598 25.91 23.80 -16.76
CA MET A 598 25.31 24.81 -17.62
C MET A 598 26.40 25.53 -18.40
N ASN A 599 26.09 25.87 -19.65
CA ASN A 599 27.00 26.67 -20.45
C ASN A 599 27.01 28.11 -19.96
N ILE A 600 28.06 28.85 -20.34
CA ILE A 600 28.23 30.21 -19.85
C ILE A 600 27.05 31.09 -20.29
N GLU A 601 26.55 30.85 -21.51
CA GLU A 601 25.44 31.67 -22.01
C GLU A 601 24.19 31.49 -21.14
N PHE A 602 23.86 30.25 -20.79
CA PHE A 602 22.74 29.99 -19.90
C PHE A 602 22.93 30.65 -18.55
N GLU A 603 24.14 30.55 -18.00
CA GLU A 603 24.40 31.21 -16.72
C GLU A 603 24.14 32.70 -16.82
N ARG A 604 24.64 33.32 -17.88
CA ARG A 604 24.48 34.76 -18.03
C ARG A 604 23.01 35.14 -18.13
N ILE A 605 22.23 34.39 -18.93
CA ILE A 605 20.80 34.71 -19.07
C ILE A 605 20.09 34.59 -17.73
N LEU A 606 20.36 33.51 -16.99
CA LEU A 606 19.66 33.30 -15.72
C LEU A 606 20.02 34.38 -14.71
N ARG A 607 21.31 34.73 -14.61
CA ARG A 607 21.72 35.78 -13.65
C ARG A 607 21.13 37.13 -14.03
N THR A 608 21.15 37.47 -15.32
CA THR A 608 20.60 38.74 -15.76
C THR A 608 19.11 38.82 -15.46
N GLY A 609 18.38 37.74 -15.71
CA GLY A 609 16.97 37.71 -15.37
C GLY A 609 16.74 37.88 -13.89
N ASN A 610 17.57 37.24 -13.07
CA ASN A 610 17.43 37.40 -11.62
C ASN A 610 17.61 38.85 -11.21
N TYR A 611 18.61 39.53 -11.80
CA TYR A 611 18.81 40.93 -11.48
C TYR A 611 17.59 41.77 -11.86
N ILE A 612 17.03 41.49 -13.05
CA ILE A 612 15.87 42.24 -13.52
C ILE A 612 14.67 42.01 -12.59
N PHE A 613 14.42 40.75 -12.23
CA PHE A 613 13.27 40.45 -11.39
C PHE A 613 13.40 41.12 -10.03
N THR A 614 14.61 41.12 -9.48
CA THR A 614 14.83 41.80 -8.20
C THR A 614 14.56 43.30 -8.32
N SER A 615 15.01 43.91 -9.42
CA SER A 615 14.75 45.35 -9.60
C SER A 615 13.26 45.63 -9.67
N ILE A 616 12.52 44.81 -10.41
CA ILE A 616 11.07 45.01 -10.52
C ILE A 616 10.41 44.87 -9.15
N TYR A 617 10.82 43.87 -8.36
CA TYR A 617 10.23 43.72 -7.04
C TYR A 617 10.52 44.91 -6.13
N ILE A 618 11.74 45.44 -6.19
CA ILE A 618 12.08 46.59 -5.36
C ILE A 618 11.23 47.79 -5.73
N VAL A 619 11.10 48.04 -7.04
CA VAL A 619 10.28 49.16 -7.51
C VAL A 619 8.84 48.96 -7.07
N GLU A 620 8.35 47.74 -7.14
CA GLU A 620 6.99 47.45 -6.72
C GLU A 620 6.79 47.80 -5.24
N ALA A 621 7.75 47.40 -4.39
CA ALA A 621 7.62 47.68 -2.97
C ALA A 621 7.56 49.18 -2.71
N VAL A 622 8.46 49.94 -3.35
CA VAL A 622 8.47 51.38 -3.09
C VAL A 622 7.18 52.02 -3.58
N LEU A 623 6.70 51.59 -4.75
CA LEU A 623 5.48 52.15 -5.30
C LEU A 623 4.30 51.90 -4.38
N LYS A 624 4.23 50.70 -3.80
CA LYS A 624 3.13 50.40 -2.89
C LYS A 624 3.23 51.21 -1.61
N ILE A 625 4.44 51.44 -1.11
CA ILE A 625 4.59 52.23 0.11
C ILE A 625 4.24 53.69 -0.16
N ILE A 626 4.45 54.17 -1.39
CA ILE A 626 4.16 55.57 -1.67
C ILE A 626 2.68 55.78 -1.92
N ALA A 627 2.11 55.03 -2.86
CA ALA A 627 0.68 55.17 -3.15
C ALA A 627 -0.15 54.79 -1.93
N LEU A 628 0.16 53.67 -1.31
CA LEU A 628 -0.53 53.21 -0.11
C LEU A 628 0.26 53.64 1.11
N SER A 629 -0.45 53.91 2.19
CA SER A 629 0.21 54.37 3.40
C SER A 629 1.11 53.27 3.95
N PRO A 630 2.29 53.63 4.49
CA PRO A 630 3.14 52.59 5.11
C PRO A 630 2.42 51.81 6.19
N LYS A 631 1.61 52.48 7.01
CA LYS A 631 0.78 51.78 7.98
C LYS A 631 -0.20 50.85 7.26
N PHE A 632 -0.85 51.37 6.21
CA PHE A 632 -1.75 50.53 5.42
C PHE A 632 -0.98 49.42 4.71
N TYR A 633 0.22 49.71 4.21
CA TYR A 633 1.02 48.69 3.54
C TYR A 633 1.34 47.53 4.49
N PHE A 634 1.87 47.86 5.66
CA PHE A 634 2.27 46.84 6.62
C PHE A 634 1.10 46.30 7.42
N LYS A 635 -0.09 46.85 7.23
CA LYS A 635 -1.29 46.22 7.78
C LYS A 635 -1.63 44.94 7.00
N ASP A 636 -1.38 44.94 5.70
CA ASP A 636 -1.69 43.78 4.86
C ASP A 636 -0.65 42.68 5.04
N SER A 637 -1.13 41.43 5.08
CA SER A 637 -0.24 40.28 5.27
C SER A 637 0.57 39.96 4.02
N TRP A 638 -0.09 39.98 2.86
CA TRP A 638 0.62 39.70 1.62
C TRP A 638 1.71 40.72 1.38
N ASN A 639 1.48 41.97 1.78
CA ASN A 639 2.47 43.02 1.61
C ASN A 639 3.72 42.75 2.45
N VAL A 640 3.55 42.32 3.71
CA VAL A 640 4.73 42.02 4.51
C VAL A 640 5.45 40.80 3.96
N PHE A 641 4.71 39.82 3.44
CA PHE A 641 5.38 38.70 2.79
C PHE A 641 6.24 39.18 1.62
N ASP A 642 5.69 40.07 0.79
CA ASP A 642 6.45 40.61 -0.34
C ASP A 642 7.66 41.39 0.16
N PHE A 643 7.50 42.15 1.23
CA PHE A 643 8.63 42.91 1.76
C PHE A 643 9.75 41.99 2.24
N ILE A 644 9.38 40.90 2.93
CA ILE A 644 10.38 39.93 3.37
C ILE A 644 11.12 39.36 2.16
N ILE A 645 10.38 39.07 1.09
CA ILE A 645 11.04 38.60 -0.13
C ILE A 645 12.03 39.64 -0.63
N VAL A 646 11.64 40.92 -0.57
CA VAL A 646 12.49 41.98 -1.09
C VAL A 646 13.80 42.05 -0.31
N VAL A 647 13.71 42.02 1.01
CA VAL A 647 14.92 42.10 1.83
C VAL A 647 15.77 40.86 1.64
N PHE A 648 15.13 39.69 1.49
CA PHE A 648 15.89 38.48 1.24
C PHE A 648 16.65 38.57 -0.08
N ALA A 649 16.00 39.11 -1.12
CA ALA A 649 16.66 39.25 -2.41
C ALA A 649 17.84 40.21 -2.32
N ILE A 650 17.68 41.32 -1.61
CA ILE A 650 18.79 42.25 -1.46
C ILE A 650 19.94 41.60 -0.70
N LEU A 651 19.63 40.88 0.38
CA LEU A 651 20.69 40.23 1.13
C LEU A 651 21.39 39.18 0.27
N GLU A 652 20.63 38.40 -0.49
CA GLU A 652 21.23 37.36 -1.33
C GLU A 652 22.13 37.96 -2.40
N LEU A 653 21.68 39.04 -3.06
CA LEU A 653 22.50 39.63 -4.11
C LEU A 653 23.71 40.35 -3.55
N GLY A 654 23.58 40.97 -2.37
CA GLY A 654 24.72 41.64 -1.78
C GLY A 654 25.87 40.69 -1.51
N LEU A 655 25.55 39.52 -0.97
CA LEU A 655 26.56 38.52 -0.66
C LEU A 655 26.69 37.50 -1.78
N VAL A 663 24.50 30.34 2.41
CA VAL A 663 24.01 30.91 1.16
C VAL A 663 22.51 31.12 1.25
N PHE A 664 22.04 32.29 0.83
CA PHE A 664 20.64 32.68 0.93
C PHE A 664 19.85 32.38 -0.34
N ARG A 665 20.45 31.70 -1.32
CA ARG A 665 19.73 31.42 -2.56
C ARG A 665 18.51 30.54 -2.29
N SER A 666 18.54 29.75 -1.22
CA SER A 666 17.42 28.86 -0.93
C SER A 666 16.15 29.67 -0.74
N PHE A 667 16.24 30.80 -0.04
CA PHE A 667 15.07 31.61 0.26
C PHE A 667 14.42 32.17 -1.01
N ARG A 668 15.11 32.12 -2.15
CA ARG A 668 14.44 32.54 -3.38
C ARG A 668 13.15 31.75 -3.60
N LEU A 669 13.08 30.52 -3.09
CA LEU A 669 11.88 29.73 -3.29
C LEU A 669 10.63 30.44 -2.75
N LEU A 670 10.78 31.33 -1.77
CA LEU A 670 9.62 32.04 -1.25
C LEU A 670 8.83 32.71 -2.36
N ARG A 671 9.53 33.21 -3.39
CA ARG A 671 8.85 33.89 -4.49
C ARG A 671 7.74 33.03 -5.09
N VAL A 672 7.95 31.71 -5.16
CA VAL A 672 6.97 30.86 -5.81
C VAL A 672 5.63 30.94 -5.10
N PHE A 673 5.66 31.04 -3.77
CA PHE A 673 4.40 31.05 -3.02
C PHE A 673 3.59 32.28 -3.31
N ARG A 674 4.19 33.33 -3.87
CA ARG A 674 3.42 34.49 -4.27
C ARG A 674 2.36 34.10 -5.29
N LEU A 675 2.54 32.98 -5.99
CA LEU A 675 1.57 32.53 -6.97
C LEU A 675 0.24 32.17 -6.33
N ALA A 676 0.21 31.95 -5.02
CA ALA A 676 -1.05 31.59 -4.34
C ALA A 676 -2.06 32.72 -4.38
N LYS A 677 -1.59 33.98 -4.34
CA LYS A 677 -2.52 35.10 -4.32
C LYS A 677 -3.36 35.15 -5.59
N PHE A 678 -2.74 34.93 -6.75
CA PHE A 678 -3.43 35.03 -8.02
C PHE A 678 -4.03 33.71 -8.49
N TRP A 679 -3.85 32.63 -7.76
CA TRP A 679 -4.35 31.34 -8.18
C TRP A 679 -5.47 30.90 -7.24
N PRO A 680 -6.75 30.98 -7.66
CA PRO A 680 -7.82 30.68 -6.71
C PRO A 680 -7.76 29.30 -6.08
N THR A 681 -7.39 28.27 -6.84
CA THR A 681 -7.39 26.91 -6.28
C THR A 681 -6.34 26.80 -5.18
N LEU A 682 -5.12 27.25 -5.46
CA LEU A 682 -4.07 27.20 -4.45
C LEU A 682 -4.45 28.06 -3.26
N ASN A 683 -5.06 29.22 -3.51
CA ASN A 683 -5.47 30.10 -2.42
C ASN A 683 -6.46 29.41 -1.49
N ASN A 684 -7.48 28.77 -2.07
CA ASN A 684 -8.48 28.05 -1.28
C ASN A 684 -7.85 26.91 -0.51
N PHE A 685 -6.93 26.19 -1.16
CA PHE A 685 -6.24 25.09 -0.49
C PHE A 685 -5.51 25.60 0.75
N MET A 686 -4.77 26.70 0.62
CA MET A 686 -4.05 27.24 1.75
C MET A 686 -5.00 27.74 2.83
N SER A 687 -6.15 28.31 2.44
CA SER A 687 -7.11 28.77 3.45
C SER A 687 -7.62 27.61 4.27
N VAL A 688 -7.97 26.50 3.60
CA VAL A 688 -8.43 25.33 4.35
C VAL A 688 -7.34 24.85 5.27
N MET A 689 -6.09 24.84 4.80
CA MET A 689 -4.99 24.42 5.66
C MET A 689 -4.92 25.30 6.91
N THR A 690 -5.12 26.61 6.74
CA THR A 690 -4.98 27.54 7.86
C THR A 690 -6.15 27.47 8.82
N LYS A 691 -7.33 27.05 8.35
CA LYS A 691 -8.52 27.10 9.20
C LYS A 691 -8.39 26.18 10.42
N SER A 692 -7.86 24.98 10.23
CA SER A 692 -7.85 23.95 11.28
C SER A 692 -6.45 23.43 11.52
N TYR A 693 -5.48 24.35 11.65
CA TYR A 693 -4.09 23.96 11.83
C TYR A 693 -3.84 23.26 13.17
N GLY A 694 -4.60 23.61 14.20
CA GLY A 694 -4.31 23.07 15.52
C GLY A 694 -4.40 21.55 15.56
N ALA A 695 -5.41 21.00 14.90
CA ALA A 695 -5.57 19.55 14.84
C ALA A 695 -4.38 18.89 14.14
N PHE A 696 -3.92 19.49 13.05
CA PHE A 696 -2.77 18.95 12.33
C PHE A 696 -1.51 19.01 13.18
N VAL A 697 -1.30 20.11 13.90
CA VAL A 697 -0.16 20.20 14.78
C VAL A 697 -0.21 19.10 15.84
N ASN A 698 -1.38 18.88 16.41
CA ASN A 698 -1.53 17.84 17.42
C ASN A 698 -1.18 16.47 16.85
N VAL A 699 -1.72 16.15 15.67
CA VAL A 699 -1.49 14.83 15.10
C VAL A 699 -0.02 14.64 14.78
N MET A 700 0.61 15.65 14.17
CA MET A 700 2.03 15.53 13.85
C MET A 700 2.87 15.38 15.11
N TYR A 701 2.54 16.14 16.16
CA TYR A 701 3.30 16.02 17.40
C TYR A 701 3.17 14.63 18.00
N VAL A 702 1.96 14.07 17.98
CA VAL A 702 1.76 12.72 18.51
C VAL A 702 2.59 11.72 17.69
N MET A 703 2.58 11.87 16.37
CA MET A 703 3.34 10.97 15.52
C MET A 703 4.83 11.03 15.86
N PHE A 704 5.37 12.24 15.98
CA PHE A 704 6.80 12.37 16.23
C PHE A 704 7.17 11.89 17.64
N LEU A 705 6.30 12.13 18.62
CA LEU A 705 6.56 11.64 19.97
C LEU A 705 6.56 10.11 20.02
N LEU A 706 5.62 9.48 19.33
CA LEU A 706 5.61 8.03 19.26
C LEU A 706 6.89 7.52 18.61
N LEU A 707 7.31 8.16 17.53
CA LEU A 707 8.54 7.73 16.87
C LEU A 707 9.74 7.89 17.80
N PHE A 708 9.80 9.00 18.53
CA PHE A 708 10.90 9.24 19.46
C PHE A 708 10.96 8.17 20.55
N ILE A 709 9.80 7.83 21.12
CA ILE A 709 9.77 6.80 22.16
C ILE A 709 10.24 5.47 21.60
N PHE A 710 9.72 5.08 20.44
CA PHE A 710 10.10 3.79 19.88
C PHE A 710 11.57 3.77 19.52
N ALA A 711 12.09 4.89 19.03
CA ALA A 711 13.51 4.98 18.69
C ALA A 711 14.38 4.76 19.92
N ILE A 712 14.04 5.41 21.03
CA ILE A 712 14.83 5.22 22.25
C ILE A 712 14.74 3.77 22.73
N ILE A 713 13.54 3.19 22.71
CA ILE A 713 13.37 1.82 23.19
C ILE A 713 14.18 0.85 22.34
N GLY A 714 14.09 0.99 21.01
CA GLY A 714 14.82 0.11 20.13
C GLY A 714 16.32 0.29 20.25
N MET A 715 16.77 1.52 20.43
CA MET A 715 18.18 1.74 20.66
C MET A 715 18.65 0.94 21.86
N GLN A 716 17.97 1.10 22.99
CA GLN A 716 18.37 0.37 24.19
C GLN A 716 18.29 -1.15 24.00
N LEU A 717 17.28 -1.63 23.27
CA LEU A 717 17.07 -3.07 23.17
C LEU A 717 18.05 -3.74 22.21
N PHE A 718 18.37 -3.11 21.09
CA PHE A 718 19.10 -3.77 20.02
C PHE A 718 20.40 -3.07 19.63
N GLY A 719 20.84 -2.05 20.36
CA GLY A 719 22.01 -1.30 19.92
C GLY A 719 23.28 -2.12 19.91
N MET A 720 23.54 -2.85 20.99
CA MET A 720 24.80 -3.59 21.09
C MET A 720 24.81 -4.82 20.20
N ASN A 721 23.64 -5.35 19.85
CA ASN A 721 23.58 -6.55 19.04
C ASN A 721 24.26 -6.34 17.69
N TYR A 722 24.02 -5.19 17.07
CA TYR A 722 24.63 -4.91 15.78
C TYR A 722 26.15 -4.86 15.89
N ILE A 723 26.68 -4.25 16.94
CA ILE A 723 28.13 -4.15 17.08
C ILE A 723 28.72 -5.54 17.34
N ASP A 724 28.15 -6.25 18.32
CA ASP A 724 28.75 -7.50 18.80
C ASP A 724 28.72 -8.58 17.74
N ASN A 725 27.61 -8.73 17.05
CA ASN A 725 27.40 -9.80 16.08
C ASN A 725 27.45 -9.27 14.65
N MET A 726 28.40 -8.39 14.36
CA MET A 726 28.55 -7.86 13.02
C MET A 726 28.96 -8.93 12.02
N GLU A 727 29.64 -9.99 12.48
CA GLU A 727 30.12 -11.01 11.56
C GLU A 727 28.99 -11.70 10.81
N ARG A 728 27.82 -11.80 11.43
CA ARG A 728 26.72 -12.53 10.82
C ARG A 728 26.17 -11.84 9.58
N PHE A 729 26.41 -10.54 9.41
CA PHE A 729 25.97 -9.84 8.21
C PHE A 729 26.78 -10.31 7.01
N PRO A 730 26.24 -10.13 5.79
CA PRO A 730 26.84 -10.81 4.63
C PRO A 730 28.33 -10.58 4.43
N ASP A 731 28.83 -9.37 4.64
CA ASP A 731 30.26 -9.09 4.49
C ASP A 731 30.86 -8.62 5.82
N GLY A 732 30.19 -8.90 6.93
CA GLY A 732 30.69 -8.47 8.22
C GLY A 732 30.70 -6.98 8.39
N ASP A 733 29.92 -6.26 7.59
CA ASP A 733 29.87 -4.80 7.63
C ASP A 733 28.52 -4.34 8.17
N LEU A 734 28.54 -3.22 8.87
CA LEU A 734 27.33 -2.69 9.47
C LEU A 734 26.36 -2.23 8.39
N PRO A 735 25.10 -2.66 8.42
CA PRO A 735 24.14 -2.19 7.41
C PRO A 735 23.85 -0.70 7.58
N ARG A 736 23.35 -0.12 6.50
CA ARG A 736 23.01 1.30 6.51
C ARG A 736 21.98 1.62 7.58
N TRP A 737 21.00 0.75 7.75
CA TRP A 737 19.93 0.95 8.71
C TRP A 737 20.16 0.05 9.92
N ASN A 738 20.25 0.65 11.10
CA ASN A 738 20.59 -0.07 12.31
C ASN A 738 20.11 0.73 13.52
N PHE A 739 20.50 0.28 14.72
CA PHE A 739 20.11 0.91 15.98
C PHE A 739 21.32 1.44 16.76
N THR A 740 22.45 1.71 16.09
CA THR A 740 23.67 2.06 16.82
C THR A 740 23.53 3.39 17.56
N ASP A 741 22.90 4.39 16.94
CA ASP A 741 22.77 5.71 17.54
C ASP A 741 21.35 6.21 17.35
N PHE A 742 21.04 7.36 17.95
CA PHE A 742 19.67 7.84 17.94
C PHE A 742 19.18 8.16 16.52
N LEU A 743 20.03 8.75 15.70
CA LEU A 743 19.59 9.15 14.37
C LEU A 743 19.16 7.93 13.55
N HIS A 744 19.98 6.87 13.57
CA HIS A 744 19.64 5.67 12.82
C HIS A 744 18.40 4.99 13.36
N SER A 745 18.25 4.95 14.70
CA SER A 745 17.06 4.35 15.28
C SER A 745 15.81 5.12 14.87
N PHE A 746 15.87 6.44 14.92
CA PHE A 746 14.73 7.25 14.49
C PHE A 746 14.41 6.99 13.03
N MET A 747 15.43 6.92 12.18
CA MET A 747 15.18 6.70 10.76
C MET A 747 14.56 5.33 10.51
N ILE A 748 15.05 4.30 11.20
CA ILE A 748 14.53 2.96 10.97
C ILE A 748 13.07 2.85 11.44
N VAL A 749 12.75 3.45 12.59
CA VAL A 749 11.36 3.40 13.04
C VAL A 749 10.46 4.24 12.13
N PHE A 750 10.96 5.37 11.65
CA PHE A 750 10.18 6.18 10.71
C PHE A 750 9.91 5.42 9.42
N ARG A 751 10.91 4.69 8.93
CA ARG A 751 10.71 3.86 7.76
C ARG A 751 9.65 2.80 8.03
N ALA A 752 9.65 2.24 9.23
CA ALA A 752 8.60 1.30 9.60
C ALA A 752 7.22 1.96 9.55
N LEU A 753 7.11 3.18 10.05
CA LEU A 753 5.83 3.90 9.98
C LEU A 753 5.40 4.15 8.55
N CYS A 754 6.36 4.32 7.65
CA CYS A 754 6.05 4.50 6.23
C CYS A 754 5.49 3.23 5.59
N GLY A 755 5.66 2.08 6.24
CA GLY A 755 5.13 0.82 5.74
C GLY A 755 6.15 -0.25 5.46
N GLU A 756 7.45 -0.02 5.70
CA GLU A 756 8.49 -1.01 5.44
C GLU A 756 9.08 -1.45 6.77
N TRP A 757 8.82 -2.69 7.15
CA TRP A 757 9.30 -3.19 8.44
C TRP A 757 9.92 -4.57 8.39
N ILE A 758 9.61 -5.42 7.40
CA ILE A 758 10.03 -6.81 7.48
C ILE A 758 11.54 -6.95 7.29
N GLU A 759 12.15 -6.16 6.40
CA GLU A 759 13.58 -6.30 6.14
C GLU A 759 14.42 -5.87 7.35
N SER A 760 14.04 -4.76 7.96
CA SER A 760 14.69 -4.37 9.20
C SER A 760 14.54 -5.43 10.27
N MET A 761 13.36 -6.04 10.36
CA MET A 761 13.13 -7.10 11.34
C MET A 761 13.99 -8.32 11.03
N TRP A 762 14.20 -8.63 9.75
CA TRP A 762 15.12 -9.72 9.40
C TRP A 762 16.51 -9.44 9.96
N ASP A 763 17.01 -8.23 9.75
CA ASP A 763 18.34 -7.91 10.30
C ASP A 763 18.35 -8.01 11.83
N CYS A 764 17.30 -7.49 12.47
CA CYS A 764 17.22 -7.51 13.94
C CYS A 764 17.24 -8.94 14.48
N MET A 765 16.46 -9.83 13.86
CA MET A 765 16.48 -11.23 14.26
C MET A 765 17.85 -11.86 13.98
N LEU A 766 18.47 -11.49 12.86
CA LEU A 766 19.75 -12.08 12.50
C LEU A 766 20.79 -11.82 13.57
N VAL A 767 20.84 -10.60 14.10
CA VAL A 767 21.78 -10.32 15.18
C VAL A 767 21.18 -10.48 16.57
N GLY A 768 19.86 -10.53 16.69
CA GLY A 768 19.20 -10.55 17.99
C GLY A 768 18.43 -11.82 18.29
N ASP A 769 17.21 -11.68 18.78
CA ASP A 769 16.38 -12.82 19.16
C ASP A 769 14.93 -12.54 18.75
N TRP A 770 14.00 -13.30 19.33
CA TRP A 770 12.59 -13.18 18.98
C TRP A 770 12.00 -11.81 19.34
N SER A 771 12.61 -11.09 20.28
CA SER A 771 12.03 -9.85 20.75
C SER A 771 11.84 -8.84 19.63
N CYS A 772 12.57 -8.97 18.52
CA CYS A 772 12.41 -8.05 17.41
C CYS A 772 11.01 -8.14 16.79
N ILE A 773 10.38 -9.32 16.82
CA ILE A 773 9.08 -9.46 16.17
C ILE A 773 8.02 -8.57 16.82
N PRO A 774 7.79 -8.65 18.13
CA PRO A 774 6.79 -7.76 18.73
C PRO A 774 7.10 -6.27 18.57
N PHE A 775 8.38 -5.90 18.56
CA PHE A 775 8.73 -4.49 18.42
C PHE A 775 8.22 -3.96 17.09
N PHE A 776 8.79 -4.44 15.99
CA PHE A 776 8.45 -3.89 14.67
C PHE A 776 6.95 -3.97 14.41
N VAL A 777 6.33 -5.12 14.69
CA VAL A 777 4.89 -5.24 14.47
C VAL A 777 4.16 -4.13 15.20
N ALA A 778 4.49 -3.93 16.47
CA ALA A 778 3.85 -2.86 17.22
C ALA A 778 4.05 -1.52 16.51
N VAL A 779 5.29 -1.23 16.13
CA VAL A 779 5.57 0.03 15.46
C VAL A 779 4.72 0.16 14.20
N PHE A 780 4.58 -0.94 13.46
CA PHE A 780 3.76 -0.86 12.25
C PHE A 780 2.29 -0.67 12.60
N PHE A 781 1.81 -1.32 13.64
CA PHE A 781 0.39 -1.25 13.94
C PHE A 781 0.00 0.15 14.39
N VAL A 782 0.72 0.70 15.37
CA VAL A 782 0.34 1.99 15.91
C VAL A 782 0.61 3.11 14.90
N GLY A 783 1.77 3.08 14.26
CA GLY A 783 2.15 4.17 13.38
C GLY A 783 1.33 4.23 12.09
N ASN A 784 1.16 3.09 11.44
CA ASN A 784 0.59 3.08 10.10
C ASN A 784 -0.91 2.89 10.10
N LEU A 785 -1.43 1.98 10.94
CA LEU A 785 -2.84 1.63 10.90
C LEU A 785 -3.71 2.50 11.80
N VAL A 786 -3.13 3.36 12.63
CA VAL A 786 -3.89 4.20 13.52
C VAL A 786 -3.54 5.66 13.28
N ILE A 787 -2.27 6.02 13.44
CA ILE A 787 -1.88 7.42 13.35
C ILE A 787 -2.08 7.95 11.93
N LEU A 788 -1.58 7.21 10.92
CA LEU A 788 -1.74 7.66 9.54
C LEU A 788 -3.20 7.68 9.14
N ASN A 789 -3.96 6.66 9.54
CA ASN A 789 -5.39 6.65 9.28
C ASN A 789 -6.10 7.81 9.99
N LEU A 790 -5.62 8.18 11.18
CA LEU A 790 -6.20 9.33 11.86
C LEU A 790 -5.92 10.61 11.08
N LEU A 791 -4.73 10.71 10.49
CA LEU A 791 -4.45 11.86 9.62
C LEU A 791 -5.41 11.88 8.44
N ILE A 792 -5.69 10.71 7.86
CA ILE A 792 -6.68 10.62 6.78
C ILE A 792 -8.04 11.12 7.27
N ALA A 793 -8.44 10.72 8.47
CA ALA A 793 -9.72 11.16 9.01
C ALA A 793 -9.77 12.68 9.15
N LEU A 794 -8.67 13.26 9.62
CA LEU A 794 -8.60 14.72 9.73
C LEU A 794 -8.80 15.38 8.36
N LEU A 795 -8.07 14.89 7.36
CA LEU A 795 -8.19 15.48 6.03
C LEU A 795 -9.62 15.32 5.51
N LEU A 796 -10.22 14.16 5.73
CA LEU A 796 -11.59 13.92 5.28
C LEU A 796 -12.57 14.87 5.95
N ASN A 797 -12.41 15.07 7.26
CA ASN A 797 -13.32 15.94 7.98
C ASN A 797 -13.17 17.39 7.54
N ASN A 798 -11.96 17.78 7.13
CA ASN A 798 -11.72 19.15 6.69
C ASN A 798 -11.89 19.34 5.18
N TYR A 799 -11.31 18.44 4.37
CA TYR A 799 -11.42 18.55 2.91
C TYR A 799 -12.60 17.74 2.44
N GLY A 800 -13.79 18.29 2.66
CA GLY A 800 -15.02 17.64 2.26
C GLY A 800 -16.15 18.02 3.18
N TRP A 897 -36.29 7.68 -48.04
CA TRP A 897 -35.34 8.24 -47.08
C TRP A 897 -35.87 8.11 -45.66
N SER A 898 -37.13 8.49 -45.47
CA SER A 898 -37.75 8.38 -44.15
C SER A 898 -37.80 6.92 -43.72
N ASN A 899 -38.11 6.03 -44.66
CA ASN A 899 -38.16 4.60 -44.36
C ASN A 899 -36.78 4.08 -43.95
N ILE A 900 -35.73 4.54 -44.63
CA ILE A 900 -34.38 4.10 -44.28
C ILE A 900 -34.06 4.48 -42.84
N ARG A 901 -34.38 5.72 -42.48
CA ARG A 901 -34.19 6.16 -41.11
C ARG A 901 -35.01 5.34 -40.14
N ARG A 902 -36.26 5.02 -40.51
CA ARG A 902 -37.11 4.26 -39.60
C ARG A 902 -36.54 2.87 -39.35
N VAL A 903 -36.12 2.18 -40.40
CA VAL A 903 -35.59 0.83 -40.22
C VAL A 903 -34.27 0.86 -39.45
N CYS A 904 -33.41 1.84 -39.75
CA CYS A 904 -32.16 1.92 -39.02
C CYS A 904 -32.41 2.18 -37.54
N PHE A 905 -33.36 3.06 -37.24
CA PHE A 905 -33.69 3.36 -35.85
C PHE A 905 -34.25 2.14 -35.14
N LEU A 906 -35.16 1.42 -35.79
CA LEU A 906 -35.74 0.23 -35.17
C LEU A 906 -34.67 -0.82 -34.91
N LEU A 907 -33.77 -1.03 -35.87
CA LEU A 907 -32.69 -1.98 -35.69
C LEU A 907 -31.78 -1.57 -34.55
N ALA A 908 -31.44 -0.28 -34.47
CA ALA A 908 -30.54 0.20 -33.44
C ALA A 908 -31.13 0.02 -32.05
N LYS A 909 -32.42 0.31 -31.89
CA LYS A 909 -33.00 0.21 -30.56
C LYS A 909 -33.32 -1.23 -30.18
N ASN A 910 -33.16 -2.18 -31.10
CA ASN A 910 -33.45 -3.57 -30.83
C ASN A 910 -32.40 -4.20 -29.92
N LYS A 911 -32.85 -4.98 -28.94
CA LYS A 911 -31.94 -5.62 -27.98
C LYS A 911 -31.02 -6.63 -28.65
N TYR A 912 -31.55 -7.42 -29.57
CA TYR A 912 -30.75 -8.47 -30.21
C TYR A 912 -29.55 -7.88 -30.93
N PHE A 913 -29.76 -6.75 -31.63
CA PHE A 913 -28.69 -6.12 -32.37
C PHE A 913 -27.56 -5.68 -31.44
N GLN A 914 -27.91 -5.06 -30.31
CA GLN A 914 -26.91 -4.63 -29.35
C GLN A 914 -26.15 -5.82 -28.76
N LYS A 915 -26.86 -6.91 -28.47
CA LYS A 915 -26.19 -8.11 -27.97
C LYS A 915 -25.20 -8.65 -28.99
N PHE A 916 -25.61 -8.69 -30.26
CA PHE A 916 -24.71 -9.17 -31.32
C PHE A 916 -23.46 -8.30 -31.42
N VAL A 917 -23.63 -6.98 -31.37
CA VAL A 917 -22.49 -6.07 -31.44
C VAL A 917 -21.57 -6.30 -30.25
N THR A 918 -22.13 -6.44 -29.04
CA THR A 918 -21.31 -6.66 -27.86
C THR A 918 -20.53 -7.97 -27.98
N ALA A 919 -21.18 -9.02 -28.49
CA ALA A 919 -20.49 -10.30 -28.65
C ALA A 919 -19.34 -10.19 -29.63
N VAL A 920 -19.55 -9.50 -30.76
CA VAL A 920 -18.48 -9.34 -31.73
C VAL A 920 -17.29 -8.63 -31.07
N LEU A 921 -17.58 -7.55 -30.34
CA LEU A 921 -16.49 -6.81 -29.71
C LEU A 921 -15.74 -7.67 -28.71
N VAL A 922 -16.46 -8.43 -27.89
CA VAL A 922 -15.81 -9.22 -26.85
C VAL A 922 -14.92 -10.29 -27.47
N ILE A 923 -15.43 -10.99 -28.50
CA ILE A 923 -14.64 -12.05 -29.12
C ILE A 923 -13.41 -11.49 -29.80
N THR A 924 -13.55 -10.38 -30.53
CA THR A 924 -12.40 -9.81 -31.21
C THR A 924 -11.36 -9.32 -30.21
N SER A 925 -11.80 -8.70 -29.12
CA SER A 925 -10.87 -8.26 -28.09
C SER A 925 -10.14 -9.46 -27.48
N VAL A 926 -10.86 -10.56 -27.23
CA VAL A 926 -10.19 -11.75 -26.72
C VAL A 926 -9.14 -12.23 -27.73
N LEU A 927 -9.46 -12.14 -29.02
CA LEU A 927 -8.51 -12.53 -30.04
C LEU A 927 -7.23 -11.70 -29.97
N LEU A 928 -7.35 -10.42 -29.62
CA LEU A 928 -6.16 -9.58 -29.50
C LEU A 928 -5.14 -10.13 -28.50
N ALA A 929 -5.59 -10.89 -27.50
CA ALA A 929 -4.69 -11.37 -26.46
C ALA A 929 -3.76 -12.48 -26.95
N LEU A 930 -4.09 -13.11 -28.07
CA LEU A 930 -3.30 -14.23 -28.57
C LEU A 930 -2.09 -13.78 -29.38
N GLU A 931 -1.92 -12.48 -29.59
CA GLU A 931 -0.79 -11.97 -30.37
C GLU A 931 0.40 -11.76 -29.45
N ASP A 932 1.08 -12.85 -29.14
CA ASP A 932 2.25 -12.85 -28.29
C ASP A 932 3.50 -13.19 -29.10
N ILE A 933 4.61 -13.41 -28.39
CA ILE A 933 5.91 -13.56 -29.06
C ILE A 933 5.92 -14.76 -30.00
N TYR A 934 5.12 -15.78 -29.73
CA TYR A 934 5.12 -16.98 -30.56
C TYR A 934 4.19 -16.88 -31.77
N LEU A 935 3.45 -15.78 -31.91
CA LEU A 935 2.50 -15.68 -33.02
C LEU A 935 3.12 -15.96 -34.38
N PRO A 936 4.30 -15.46 -34.71
CA PRO A 936 4.85 -15.74 -36.05
C PRO A 936 5.00 -17.22 -36.34
N GLN A 937 5.17 -18.04 -35.31
CA GLN A 937 5.33 -19.49 -35.46
C GLN A 937 4.01 -20.22 -35.71
N ARG A 938 2.90 -19.50 -35.81
CA ARG A 938 1.58 -20.09 -36.02
C ARG A 938 0.93 -19.43 -37.23
N PRO A 939 1.25 -19.88 -38.43
CA PRO A 939 0.67 -19.25 -39.64
C PRO A 939 -0.85 -19.24 -39.65
N VAL A 940 -1.48 -20.28 -39.13
CA VAL A 940 -2.94 -20.31 -39.10
C VAL A 940 -3.47 -19.16 -38.26
N LEU A 941 -2.86 -18.92 -37.11
CA LEU A 941 -3.29 -17.80 -36.28
C LEU A 941 -3.09 -16.47 -37.00
N VAL A 942 -1.99 -16.34 -37.75
CA VAL A 942 -1.74 -15.12 -38.48
C VAL A 942 -2.85 -14.88 -39.50
N ASN A 943 -3.24 -15.92 -40.23
CA ASN A 943 -4.31 -15.77 -41.20
C ASN A 943 -5.63 -15.40 -40.54
N ILE A 944 -5.94 -16.06 -39.42
CA ILE A 944 -7.18 -15.76 -38.71
C ILE A 944 -7.21 -14.30 -38.28
N THR A 945 -6.10 -13.81 -37.73
CA THR A 945 -6.05 -12.42 -37.28
C THR A 945 -6.24 -11.46 -38.44
N LEU A 946 -5.58 -11.71 -39.57
CA LEU A 946 -5.70 -10.81 -40.71
C LEU A 946 -7.14 -10.76 -41.24
N TYR A 947 -7.75 -11.93 -41.42
CA TYR A 947 -9.12 -11.98 -41.92
C TYR A 947 -10.08 -11.30 -40.95
N VAL A 948 -9.85 -11.48 -39.65
CA VAL A 948 -10.70 -10.83 -38.67
C VAL A 948 -10.54 -9.31 -38.76
N ASP A 949 -9.32 -8.85 -39.06
CA ASP A 949 -9.13 -7.41 -39.23
C ASP A 949 -9.98 -6.88 -40.38
N TYR A 950 -9.96 -7.59 -41.52
CA TYR A 950 -10.77 -7.14 -42.66
C TYR A 950 -12.26 -7.13 -42.30
N VAL A 951 -12.73 -8.20 -41.67
CA VAL A 951 -14.14 -8.29 -41.32
C VAL A 951 -14.52 -7.17 -40.36
N LEU A 952 -13.63 -6.87 -39.42
CA LEU A 952 -13.90 -5.81 -38.45
C LEU A 952 -13.97 -4.46 -39.13
N THR A 953 -13.10 -4.21 -40.11
CA THR A 953 -13.17 -2.95 -40.85
C THR A 953 -14.54 -2.80 -41.50
N ALA A 954 -14.99 -3.83 -42.19
CA ALA A 954 -16.32 -3.75 -42.82
C ALA A 954 -17.41 -3.54 -41.77
N PHE A 955 -17.32 -4.27 -40.66
CA PHE A 955 -18.35 -4.21 -39.62
C PHE A 955 -18.42 -2.82 -39.01
N PHE A 956 -17.27 -2.21 -38.72
CA PHE A 956 -17.26 -0.87 -38.16
C PHE A 956 -17.88 0.14 -39.12
N VAL A 957 -17.54 0.05 -40.40
CA VAL A 957 -18.09 1.01 -41.37
C VAL A 957 -19.62 0.87 -41.43
N ILE A 958 -20.10 -0.37 -41.54
CA ILE A 958 -21.55 -0.59 -41.65
C ILE A 958 -22.25 -0.09 -40.39
N GLU A 959 -21.68 -0.38 -39.22
CA GLU A 959 -22.29 0.06 -37.98
C GLU A 959 -22.35 1.59 -37.90
N MET A 960 -21.29 2.26 -38.34
CA MET A 960 -21.31 3.72 -38.34
C MET A 960 -22.40 4.26 -39.25
N ILE A 961 -22.56 3.68 -40.45
CA ILE A 961 -23.61 4.15 -41.35
C ILE A 961 -24.98 3.94 -40.72
N ILE A 962 -25.20 2.78 -40.10
CA ILE A 962 -26.50 2.51 -39.49
C ILE A 962 -26.78 3.51 -38.38
N MET A 963 -25.80 3.75 -37.51
CA MET A 963 -26.00 4.67 -36.40
C MET A 963 -26.23 6.09 -36.91
N LEU A 964 -25.50 6.51 -37.94
CA LEU A 964 -25.75 7.83 -38.49
C LEU A 964 -27.16 7.93 -39.02
N PHE A 965 -27.63 6.90 -39.73
CA PHE A 965 -28.98 6.94 -40.26
C PHE A 965 -30.01 6.95 -39.15
N ALA A 966 -29.70 6.33 -38.02
CA ALA A 966 -30.64 6.21 -36.91
C ALA A 966 -30.75 7.52 -36.13
N VAL A 967 -29.63 7.98 -35.56
CA VAL A 967 -29.66 9.15 -34.69
C VAL A 967 -29.37 10.48 -35.38
N GLY A 968 -28.92 10.49 -36.62
CA GLY A 968 -28.62 11.72 -37.31
C GLY A 968 -27.23 12.24 -36.98
N PHE A 969 -26.82 13.25 -37.76
CA PHE A 969 -25.46 13.75 -37.66
C PHE A 969 -25.23 14.50 -36.36
N LYS A 970 -26.15 15.38 -36.00
CA LYS A 970 -25.95 16.22 -34.83
C LYS A 970 -25.85 15.36 -33.58
N LYS A 971 -26.82 14.47 -33.38
CA LYS A 971 -26.81 13.62 -32.20
C LYS A 971 -25.60 12.70 -32.21
N TYR A 972 -25.22 12.15 -33.37
CA TYR A 972 -24.07 11.27 -33.41
C TYR A 972 -22.80 12.00 -33.02
N PHE A 973 -22.62 13.22 -33.53
CA PHE A 973 -21.37 13.94 -33.42
C PHE A 973 -21.32 14.86 -32.22
N THR A 974 -22.32 14.80 -31.34
CA THR A 974 -22.28 15.58 -30.10
C THR A 974 -22.08 14.70 -28.86
N SER A 975 -21.89 13.40 -29.01
CA SER A 975 -21.74 12.49 -27.88
C SER A 975 -20.33 11.92 -27.84
N LYS A 976 -19.85 11.64 -26.62
CA LYS A 976 -18.48 11.15 -26.46
C LYS A 976 -18.33 9.69 -26.90
N TRP A 977 -19.32 8.86 -26.59
CA TRP A 977 -19.23 7.44 -26.97
C TRP A 977 -19.13 7.29 -28.48
N TYR A 978 -19.98 7.99 -29.21
CA TYR A 978 -19.93 7.90 -30.66
C TYR A 978 -18.63 8.48 -31.20
N TRP A 979 -18.05 9.45 -30.52
CA TRP A 979 -16.76 9.97 -30.93
C TRP A 979 -15.67 8.92 -30.78
N LEU A 980 -15.72 8.15 -29.70
CA LEU A 980 -14.77 7.05 -29.54
C LEU A 980 -14.94 6.02 -30.66
N ASP A 981 -16.19 5.67 -30.97
CA ASP A 981 -16.44 4.74 -32.07
C ASP A 981 -15.91 5.29 -33.39
N PHE A 982 -16.12 6.59 -33.63
CA PHE A 982 -15.66 7.22 -34.86
C PHE A 982 -14.14 7.21 -34.98
N ILE A 983 -13.44 7.44 -33.87
CA ILE A 983 -11.99 7.37 -33.91
C ILE A 983 -11.54 5.97 -34.30
N VAL A 984 -12.20 4.95 -33.74
CA VAL A 984 -11.86 3.58 -34.09
C VAL A 984 -12.08 3.34 -35.58
N VAL A 985 -13.21 3.83 -36.11
CA VAL A 985 -13.52 3.62 -37.53
C VAL A 985 -12.45 4.27 -38.40
N VAL A 986 -12.08 5.51 -38.07
CA VAL A 986 -11.09 6.23 -38.87
C VAL A 986 -9.76 5.50 -38.84
N ALA A 987 -9.36 5.03 -37.65
CA ALA A 987 -8.09 4.32 -37.56
C ALA A 987 -8.10 3.06 -38.41
N TYR A 988 -9.20 2.32 -38.39
CA TYR A 988 -9.24 1.09 -39.17
C TYR A 988 -9.25 1.37 -40.67
N LEU A 989 -9.90 2.46 -41.10
CA LEU A 989 -9.85 2.83 -42.51
C LEU A 989 -8.44 3.24 -42.93
N LEU A 990 -7.74 3.98 -42.08
CA LEU A 990 -6.37 4.36 -42.40
C LEU A 990 -5.50 3.12 -42.54
N ASN A 991 -5.66 2.15 -41.63
CA ASN A 991 -4.92 0.90 -41.77
C ASN A 991 -5.29 0.18 -43.05
N PHE A 992 -6.56 0.25 -43.44
CA PHE A 992 -7.00 -0.40 -44.67
C PHE A 992 -6.28 0.19 -45.89
N VAL A 993 -6.22 1.52 -45.97
CA VAL A 993 -5.56 2.14 -47.12
C VAL A 993 -4.06 1.86 -47.07
N LEU A 994 -3.47 1.88 -45.87
CA LEU A 994 -2.05 1.56 -45.77
C LEU A 994 -1.77 0.16 -46.28
N MET A 995 -2.60 -0.80 -45.90
CA MET A 995 -2.41 -2.17 -46.38
C MET A 995 -2.58 -2.25 -47.89
N CYS A 996 -3.56 -1.53 -48.43
CA CYS A 996 -3.75 -1.53 -49.88
C CYS A 996 -2.52 -0.99 -50.59
N ALA A 997 -1.93 0.09 -50.06
CA ALA A 997 -0.76 0.71 -50.68
C ALA A 997 0.50 -0.13 -50.51
N GLY A 998 0.47 -1.18 -49.71
CA GLY A 998 1.65 -1.99 -49.45
C GLY A 998 2.43 -1.61 -48.22
N ILE A 999 1.88 -0.80 -47.34
CA ILE A 999 2.56 -0.35 -46.14
C ILE A 999 2.07 -1.18 -44.96
N GLU A 1000 3.02 -1.64 -44.13
CA GLU A 1000 2.68 -2.47 -43.00
C GLU A 1000 1.73 -1.75 -42.06
N ALA A 1001 0.71 -2.47 -41.59
CA ALA A 1001 -0.29 -1.86 -40.72
C ALA A 1001 0.32 -1.43 -39.39
N LEU A 1002 -0.22 -0.34 -38.84
CA LEU A 1002 0.22 0.16 -37.55
C LEU A 1002 -0.47 -0.63 -36.45
N GLN A 1003 0.33 -1.26 -35.58
CA GLN A 1003 -0.22 -2.04 -34.47
C GLN A 1003 -0.95 -1.16 -33.48
N THR A 1004 -0.42 0.03 -33.22
CA THR A 1004 -1.06 0.94 -32.27
C THR A 1004 -2.47 1.29 -32.70
N LEU A 1005 -2.67 1.54 -34.01
CA LEU A 1005 -3.99 1.89 -34.50
C LEU A 1005 -4.97 0.73 -34.37
N ARG A 1006 -4.55 -0.47 -34.76
CA ARG A 1006 -5.47 -1.61 -34.69
C ARG A 1006 -5.68 -2.10 -33.27
N LEU A 1007 -4.87 -1.65 -32.31
CA LEU A 1007 -5.15 -1.93 -30.90
C LEU A 1007 -6.20 -1.00 -30.31
N LEU A 1008 -6.63 0.03 -31.05
CA LEU A 1008 -7.57 1.00 -30.50
C LEU A 1008 -8.97 0.42 -30.31
N ARG A 1009 -9.25 -0.76 -30.85
CA ARG A 1009 -10.61 -1.29 -30.75
C ARG A 1009 -10.94 -1.79 -29.35
N VAL A 1010 -9.93 -2.04 -28.50
CA VAL A 1010 -10.23 -2.48 -27.15
C VAL A 1010 -11.01 -1.41 -26.40
N PHE A 1011 -10.84 -0.15 -26.79
CA PHE A 1011 -11.55 0.93 -26.12
C PHE A 1011 -13.07 0.86 -26.35
N ARG A 1012 -13.53 0.05 -27.30
CA ARG A 1012 -14.96 -0.15 -27.46
C ARG A 1012 -15.57 -0.96 -26.32
N LEU A 1013 -14.74 -1.54 -25.45
CA LEU A 1013 -15.23 -2.42 -24.40
C LEU A 1013 -15.86 -1.69 -23.22
N PHE A 1014 -15.65 -0.38 -23.10
CA PHE A 1014 -16.10 0.33 -21.91
C PHE A 1014 -17.60 0.63 -21.92
N ARG A 1015 -18.19 0.85 -23.09
CA ARG A 1015 -19.63 1.11 -23.13
C ARG A 1015 -20.45 -0.07 -22.62
N PRO A 1016 -20.32 -1.28 -23.15
CA PRO A 1016 -21.04 -2.41 -22.55
C PRO A 1016 -20.71 -2.62 -21.08
N LEU A 1017 -19.44 -2.42 -20.71
CA LEU A 1017 -19.04 -2.55 -19.32
C LEU A 1017 -19.80 -1.58 -18.41
N SER A 1018 -19.95 -0.33 -18.86
CA SER A 1018 -20.67 0.67 -18.07
C SER A 1018 -22.15 0.33 -17.89
N LYS A 1019 -22.71 -0.51 -18.76
CA LYS A 1019 -24.11 -0.92 -18.68
C LYS A 1019 -24.34 -2.16 -17.84
N VAL A 1020 -23.29 -2.69 -17.20
CA VAL A 1020 -23.44 -3.87 -16.37
C VAL A 1020 -24.27 -3.53 -15.14
N ASN A 1021 -25.02 -4.51 -14.65
CA ASN A 1021 -25.86 -4.29 -13.48
C ASN A 1021 -25.04 -3.80 -12.29
N GLY A 1022 -25.46 -2.69 -11.68
CA GLY A 1022 -24.76 -2.15 -10.54
C GLY A 1022 -23.50 -1.39 -10.86
N MET A 1023 -23.15 -1.23 -12.14
CA MET A 1023 -21.94 -0.52 -12.51
C MET A 1023 -22.14 0.98 -12.57
N GLN A 1024 -23.39 1.45 -12.57
CA GLN A 1024 -23.64 2.87 -12.75
C GLN A 1024 -23.04 3.68 -11.60
N VAL A 1025 -23.16 3.17 -10.38
CA VAL A 1025 -22.69 3.92 -9.22
C VAL A 1025 -21.18 4.15 -9.32
N VAL A 1026 -20.43 3.11 -9.70
CA VAL A 1026 -18.98 3.21 -9.77
C VAL A 1026 -18.55 4.21 -10.85
N THR A 1027 -19.10 4.07 -12.05
CA THR A 1027 -18.73 4.95 -13.17
C THR A 1027 -19.16 6.39 -12.91
N SER A 1028 -20.36 6.59 -12.36
CA SER A 1028 -20.80 7.94 -12.05
C SER A 1028 -19.89 8.60 -11.02
N THR A 1029 -19.47 7.84 -10.00
CA THR A 1029 -18.53 8.39 -9.02
C THR A 1029 -17.23 8.82 -9.69
N LEU A 1030 -16.66 7.96 -10.54
CA LEU A 1030 -15.40 8.33 -11.18
C LEU A 1030 -15.56 9.58 -12.07
N VAL A 1031 -16.65 9.63 -12.83
CA VAL A 1031 -16.87 10.77 -13.72
C VAL A 1031 -17.00 12.05 -12.92
N GLU A 1032 -17.74 12.00 -11.82
CA GLU A 1032 -17.89 13.19 -10.99
C GLU A 1032 -16.58 13.59 -10.32
N ALA A 1033 -15.73 12.62 -9.98
CA ALA A 1033 -14.50 12.93 -9.27
C ALA A 1033 -13.41 13.48 -10.18
N VAL A 1034 -13.53 13.27 -11.49
CA VAL A 1034 -12.45 13.66 -12.40
C VAL A 1034 -11.96 15.09 -12.17
N PRO A 1035 -12.83 16.11 -12.11
CA PRO A 1035 -12.30 17.49 -11.95
C PRO A 1035 -11.53 17.72 -10.64
N HIS A 1036 -12.02 17.16 -9.53
CA HIS A 1036 -11.32 17.31 -8.27
C HIS A 1036 -9.95 16.63 -8.32
N ILE A 1037 -9.90 15.46 -8.96
CA ILE A 1037 -8.62 14.78 -9.14
C ILE A 1037 -7.66 15.66 -9.92
N PHE A 1038 -8.16 16.34 -10.95
CA PHE A 1038 -7.31 17.24 -11.72
C PHE A 1038 -6.74 18.35 -10.84
N ASN A 1039 -7.59 18.94 -10.00
CA ASN A 1039 -7.13 20.01 -9.12
C ASN A 1039 -6.05 19.51 -8.15
N VAL A 1040 -6.28 18.35 -7.55
CA VAL A 1040 -5.30 17.81 -6.62
C VAL A 1040 -3.97 17.58 -7.33
N ILE A 1041 -4.02 17.07 -8.56
CA ILE A 1041 -2.77 16.83 -9.28
C ILE A 1041 -2.04 18.15 -9.53
N LEU A 1042 -2.79 19.21 -9.87
CA LEU A 1042 -2.13 20.49 -10.11
C LEU A 1042 -1.44 21.01 -8.86
N VAL A 1043 -2.13 20.95 -7.72
CA VAL A 1043 -1.53 21.43 -6.48
C VAL A 1043 -0.29 20.62 -6.14
N GLY A 1044 -0.39 19.29 -6.29
CA GLY A 1044 0.77 18.46 -6.05
C GLY A 1044 1.93 18.80 -6.97
N ILE A 1045 1.64 19.11 -8.22
CA ILE A 1045 2.69 19.48 -9.16
C ILE A 1045 3.40 20.73 -8.68
N PHE A 1046 2.64 21.70 -8.17
CA PHE A 1046 3.25 22.92 -7.65
C PHE A 1046 4.18 22.62 -6.48
N PHE A 1047 3.69 21.88 -5.48
CA PHE A 1047 4.53 21.62 -4.31
C PHE A 1047 5.75 20.77 -4.68
N TRP A 1048 5.56 19.80 -5.56
CA TRP A 1048 6.68 18.99 -6.01
C TRP A 1048 7.68 19.82 -6.81
N LEU A 1049 7.22 20.86 -7.51
CA LEU A 1049 8.14 21.77 -8.16
C LEU A 1049 9.02 22.47 -7.14
N VAL A 1050 8.41 22.94 -6.04
CA VAL A 1050 9.21 23.59 -5.01
C VAL A 1050 10.29 22.64 -4.51
N PHE A 1051 9.88 21.42 -4.15
CA PHE A 1051 10.86 20.47 -3.63
C PHE A 1051 11.89 20.08 -4.69
N ALA A 1052 11.49 20.04 -5.97
CA ALA A 1052 12.41 19.67 -7.02
C ALA A 1052 13.47 20.74 -7.24
N ILE A 1053 13.09 22.01 -7.18
CA ILE A 1053 14.07 23.09 -7.28
C ILE A 1053 15.05 23.00 -6.13
N MET A 1054 14.55 22.81 -4.91
CA MET A 1054 15.44 22.70 -3.76
C MET A 1054 16.39 21.50 -3.92
N GLY A 1055 15.87 20.37 -4.37
CA GLY A 1055 16.71 19.19 -4.54
C GLY A 1055 17.75 19.37 -5.62
N VAL A 1056 17.40 20.08 -6.70
CA VAL A 1056 18.39 20.35 -7.73
C VAL A 1056 19.50 21.21 -7.16
N GLN A 1057 19.15 22.21 -6.35
CA GLN A 1057 20.18 23.04 -5.73
C GLN A 1057 21.06 22.23 -4.79
N LEU A 1058 20.50 21.21 -4.15
CA LEU A 1058 21.24 20.47 -3.13
C LEU A 1058 22.15 19.39 -3.75
N PHE A 1059 21.64 18.63 -4.72
CA PHE A 1059 22.30 17.41 -5.17
C PHE A 1059 22.66 17.41 -6.65
N ALA A 1060 22.52 18.53 -7.35
CA ALA A 1060 22.80 18.53 -8.78
C ALA A 1060 24.28 18.21 -9.02
N GLY A 1061 24.51 17.14 -9.77
CA GLY A 1061 25.84 16.75 -10.18
C GLY A 1061 26.68 16.05 -9.13
N LYS A 1062 26.08 15.64 -8.01
CA LYS A 1062 26.84 15.06 -6.91
C LYS A 1062 26.63 13.55 -6.73
N PHE A 1063 25.96 12.89 -7.67
CA PHE A 1063 25.74 11.45 -7.59
C PHE A 1063 26.73 10.66 -8.43
N TYR A 1064 27.71 11.32 -9.03
CA TYR A 1064 28.74 10.62 -9.76
C TYR A 1064 29.69 9.92 -8.81
N LYS A 1065 30.18 8.77 -9.24
CA LYS A 1065 31.13 8.02 -8.43
C LYS A 1065 32.02 7.19 -9.34
N CYS A 1066 33.13 6.74 -8.78
CA CYS A 1066 34.11 5.96 -9.50
C CYS A 1066 33.86 4.48 -9.32
N VAL A 1067 33.81 3.75 -10.43
CA VAL A 1067 33.60 2.31 -10.41
C VAL A 1067 34.64 1.68 -11.33
N ASP A 1068 34.87 0.37 -11.13
CA ASP A 1068 35.82 -0.39 -11.92
C ASP A 1068 35.07 -1.30 -12.89
N GLU A 1069 35.78 -2.28 -13.46
CA GLU A 1069 35.17 -3.18 -14.45
C GLU A 1069 33.88 -3.78 -13.90
N ASN A 1070 33.90 -4.24 -12.66
CA ASN A 1070 32.70 -4.61 -11.97
C ASN A 1070 32.11 -3.35 -11.34
N SER A 1071 30.80 -3.19 -11.47
CA SER A 1071 30.16 -1.96 -11.01
C SER A 1071 30.19 -1.90 -9.49
N THR A 1072 31.38 -1.73 -8.92
CA THR A 1072 31.55 -1.62 -7.48
C THR A 1072 32.29 -0.34 -7.17
N VAL A 1073 31.76 0.41 -6.20
CA VAL A 1073 32.31 1.72 -5.88
C VAL A 1073 33.63 1.54 -5.15
N LEU A 1074 34.63 2.30 -5.57
CA LEU A 1074 35.94 2.26 -4.94
C LEU A 1074 35.98 3.13 -3.69
N SER A 1075 36.97 2.87 -2.85
CA SER A 1075 37.17 3.67 -1.66
C SER A 1075 37.67 5.07 -2.03
N HIS A 1076 37.27 6.06 -1.24
CA HIS A 1076 37.74 7.41 -1.46
C HIS A 1076 39.24 7.52 -1.27
N GLU A 1077 39.84 6.56 -0.59
CA GLU A 1077 41.29 6.59 -0.38
C GLU A 1077 42.05 6.35 -1.67
N ILE A 1078 41.61 5.38 -2.47
CA ILE A 1078 42.28 5.07 -3.72
C ILE A 1078 42.00 6.14 -4.77
N THR A 1079 40.74 6.54 -4.88
CA THR A 1079 40.31 7.55 -5.84
C THR A 1079 39.72 8.69 -5.04
N MET A 1080 40.47 9.79 -4.92
CA MET A 1080 39.97 10.91 -4.13
C MET A 1080 38.94 11.72 -4.91
N ASP A 1081 39.05 11.77 -6.24
CA ASP A 1081 38.15 12.58 -7.07
C ASP A 1081 38.12 12.01 -8.48
N ARG A 1082 37.54 12.78 -9.41
CA ARG A 1082 37.39 12.33 -10.78
C ARG A 1082 38.75 12.14 -11.46
N ASN A 1083 39.68 13.07 -11.23
CA ASN A 1083 40.96 13.01 -11.93
C ASN A 1083 41.68 11.70 -11.64
N ASP A 1084 41.72 11.30 -10.37
CA ASP A 1084 42.32 10.01 -10.03
C ASP A 1084 41.55 8.87 -10.67
N CYS A 1085 40.22 8.97 -10.69
CA CYS A 1085 39.41 7.91 -11.29
C CYS A 1085 39.79 7.69 -12.75
N LEU A 1086 39.94 8.77 -13.51
CA LEU A 1086 40.31 8.66 -14.91
C LEU A 1086 41.77 8.27 -15.07
N HIS A 1087 42.63 8.67 -14.14
CA HIS A 1087 44.05 8.35 -14.27
C HIS A 1087 44.29 6.85 -14.16
N GLU A 1088 43.57 6.17 -13.28
CA GLU A 1088 43.66 4.72 -13.16
C GLU A 1088 42.78 4.00 -14.17
N ASN A 1089 42.20 4.72 -15.12
CA ASN A 1089 41.34 4.11 -16.14
C ASN A 1089 40.13 3.42 -15.50
N TYR A 1090 39.50 4.13 -14.56
CA TYR A 1090 38.23 3.71 -14.01
C TYR A 1090 37.10 4.48 -14.70
N THR A 1091 35.86 4.16 -14.36
CA THR A 1091 34.69 4.79 -14.95
C THR A 1091 34.04 5.75 -13.96
N TRP A 1092 33.83 6.98 -14.40
CA TRP A 1092 33.12 8.00 -13.61
C TRP A 1092 31.67 7.99 -14.05
N GLU A 1093 30.81 7.34 -13.27
CA GLU A 1093 29.45 7.05 -13.69
C GLU A 1093 28.43 7.77 -12.81
N ASN A 1094 27.30 8.11 -13.42
CA ASN A 1094 26.17 8.78 -12.77
C ASN A 1094 25.13 7.75 -12.37
N SER A 1095 24.41 8.03 -11.30
CA SER A 1095 23.31 7.16 -10.90
C SER A 1095 22.12 7.35 -11.85
N PRO A 1096 21.38 6.29 -12.16
CA PRO A 1096 20.23 6.46 -13.08
C PRO A 1096 19.19 7.45 -12.55
N MET A 1097 18.97 7.48 -11.25
CA MET A 1097 18.04 8.43 -10.63
C MET A 1097 18.86 9.50 -9.93
N ASN A 1098 18.62 10.75 -10.30
CA ASN A 1098 19.44 11.85 -9.80
C ASN A 1098 18.64 13.14 -9.86
N PHE A 1099 19.27 14.24 -9.43
CA PHE A 1099 18.68 15.57 -9.42
C PHE A 1099 19.43 16.51 -10.36
N ASP A 1100 19.83 16.00 -11.52
CA ASP A 1100 20.61 16.81 -12.46
C ASP A 1100 19.81 18.01 -12.95
N HIS A 1101 18.53 17.81 -13.26
CA HIS A 1101 17.64 18.90 -13.65
C HIS A 1101 16.25 18.60 -13.09
N VAL A 1102 15.30 19.50 -13.35
CA VAL A 1102 14.01 19.42 -12.68
C VAL A 1102 13.24 18.18 -13.10
N GLY A 1103 13.36 17.74 -14.36
CA GLY A 1103 12.64 16.55 -14.77
C GLY A 1103 13.10 15.31 -14.03
N ASN A 1104 14.42 15.12 -13.94
CA ASN A 1104 14.96 14.01 -13.18
C ASN A 1104 14.57 14.10 -11.72
N ALA A 1105 14.57 15.32 -11.17
CA ALA A 1105 14.15 15.52 -9.79
C ALA A 1105 12.71 15.08 -9.61
N TYR A 1106 11.84 15.40 -10.56
CA TYR A 1106 10.45 14.99 -10.47
C TYR A 1106 10.35 13.48 -10.43
N LEU A 1107 11.08 12.79 -11.30
CA LEU A 1107 11.02 11.33 -11.29
C LEU A 1107 11.55 10.76 -9.98
N SER A 1108 12.66 11.30 -9.46
CA SER A 1108 13.20 10.81 -8.20
C SER A 1108 12.22 11.03 -7.06
N LEU A 1109 11.56 12.19 -7.05
CA LEU A 1109 10.60 12.49 -5.99
C LEU A 1109 9.38 11.58 -6.09
N LEU A 1110 8.97 11.24 -7.31
CA LEU A 1110 7.90 10.26 -7.45
C LEU A 1110 8.31 8.92 -6.86
N GLN A 1111 9.57 8.51 -7.09
CA GLN A 1111 10.05 7.27 -6.47
C GLN A 1111 10.05 7.39 -4.95
N VAL A 1112 10.44 8.54 -4.42
CA VAL A 1112 10.50 8.71 -2.96
C VAL A 1112 9.09 8.65 -2.35
N ALA A 1113 8.13 9.34 -2.97
CA ALA A 1113 6.79 9.44 -2.40
C ALA A 1113 6.10 8.08 -2.35
N THR A 1114 6.31 7.24 -3.36
CA THR A 1114 5.71 5.92 -3.39
C THR A 1114 6.50 4.88 -2.59
N PHE A 1115 7.66 5.25 -2.04
CA PHE A 1115 8.51 4.33 -1.28
C PHE A 1115 8.95 3.14 -2.13
N LYS A 1116 9.19 3.38 -3.42
CA LYS A 1116 9.66 2.35 -4.33
C LYS A 1116 10.95 2.85 -4.99
N GLY A 1117 12.07 2.23 -4.64
CA GLY A 1117 13.37 2.68 -5.10
C GLY A 1117 13.97 3.81 -4.31
N TRP A 1118 13.31 4.27 -3.25
CA TRP A 1118 13.77 5.43 -2.50
C TRP A 1118 15.07 5.21 -1.74
N LEU A 1119 15.38 3.96 -1.33
CA LEU A 1119 16.58 3.75 -0.53
C LEU A 1119 17.84 4.12 -1.29
N GLN A 1120 17.92 3.75 -2.57
CA GLN A 1120 19.11 4.09 -3.35
C GLN A 1120 19.27 5.61 -3.47
N ILE A 1121 18.15 6.33 -3.69
CA ILE A 1121 18.21 7.78 -3.79
C ILE A 1121 18.71 8.39 -2.49
N MET A 1122 18.16 7.94 -1.37
CA MET A 1122 18.59 8.47 -0.08
C MET A 1122 20.05 8.15 0.19
N ASN A 1123 20.50 6.94 -0.18
CA ASN A 1123 21.90 6.58 -0.01
C ASN A 1123 22.82 7.49 -0.82
N ASP A 1124 22.45 7.77 -2.07
CA ASP A 1124 23.25 8.67 -2.89
C ASP A 1124 23.28 10.06 -2.27
N ALA A 1125 22.14 10.49 -1.72
CA ALA A 1125 22.06 11.84 -1.15
C ALA A 1125 22.91 11.98 0.11
N ILE A 1126 22.85 11.01 1.02
CA ILE A 1126 23.57 11.14 2.29
C ILE A 1126 25.06 10.94 2.12
N ASP A 1127 25.49 10.38 1.00
CA ASP A 1127 26.91 10.22 0.72
C ASP A 1127 27.51 11.37 -0.07
N SER A 1128 26.68 12.32 -0.50
CA SER A 1128 27.12 13.35 -1.45
C SER A 1128 28.13 14.30 -0.82
N ARG A 1129 29.09 14.71 -1.65
CA ARG A 1129 30.09 15.72 -1.30
C ARG A 1129 30.06 16.81 -2.37
N GLU A 1130 31.17 17.53 -2.51
CA GLU A 1130 31.29 18.55 -3.53
C GLU A 1130 31.37 17.91 -4.92
N VAL A 1131 31.06 18.72 -5.93
CA VAL A 1131 31.10 18.21 -7.31
C VAL A 1131 32.51 17.77 -7.66
N HIS A 1132 32.60 16.65 -8.38
CA HIS A 1132 33.90 16.06 -8.76
C HIS A 1132 34.64 15.51 -7.54
N LYS A 1133 33.93 14.89 -6.60
CA LYS A 1133 34.57 14.28 -5.44
C LYS A 1133 33.92 12.94 -5.17
N GLN A 1134 34.73 11.95 -4.84
CA GLN A 1134 34.21 10.62 -4.59
C GLN A 1134 33.28 10.62 -3.39
N PRO A 1135 32.05 10.12 -3.51
CA PRO A 1135 31.15 10.11 -2.35
C PRO A 1135 31.70 9.20 -1.25
N ILE A 1136 31.34 9.53 -0.01
CA ILE A 1136 31.76 8.77 1.16
C ILE A 1136 30.51 8.34 1.91
N ARG A 1137 30.61 7.20 2.58
CA ARG A 1137 29.46 6.66 3.30
C ARG A 1137 29.06 7.57 4.45
N GLU A 1138 27.84 8.09 4.37
CA GLU A 1138 27.20 8.83 5.47
C GLU A 1138 28.02 10.03 5.93
N THR A 1139 28.62 10.76 4.98
CA THR A 1139 29.30 12.00 5.33
C THR A 1139 28.36 13.20 5.39
N ASN A 1140 27.12 13.05 4.92
CA ASN A 1140 26.11 14.12 4.90
C ASN A 1140 24.78 13.60 5.43
N ILE A 1141 24.81 12.99 6.61
CA ILE A 1141 23.66 12.24 7.13
C ILE A 1141 22.44 13.14 7.26
N TYR A 1142 22.63 14.39 7.67
CA TYR A 1142 21.48 15.24 7.99
C TYR A 1142 20.61 15.53 6.78
N MET A 1143 21.08 15.24 5.57
CA MET A 1143 20.21 15.40 4.41
C MET A 1143 18.98 14.50 4.51
N TYR A 1144 19.00 13.49 5.38
CA TYR A 1144 17.78 12.74 5.64
C TYR A 1144 16.60 13.67 5.89
N LEU A 1145 16.85 14.77 6.60
CA LEU A 1145 15.78 15.71 6.93
C LEU A 1145 15.01 16.12 5.68
N TYR A 1146 15.73 16.43 4.60
CA TYR A 1146 15.08 16.89 3.38
C TYR A 1146 14.00 15.90 2.93
N PHE A 1147 14.29 14.61 3.01
CA PHE A 1147 13.32 13.62 2.61
C PHE A 1147 12.17 13.56 3.61
N ILE A 1148 12.48 13.57 4.91
CA ILE A 1148 11.41 13.48 5.91
C ILE A 1148 10.35 14.52 5.58
N PHE A 1149 10.76 15.78 5.50
CA PHE A 1149 9.81 16.86 5.21
C PHE A 1149 8.99 16.53 3.97
N PHE A 1150 9.66 16.18 2.87
CA PHE A 1150 8.93 15.89 1.64
C PHE A 1150 7.88 14.82 1.89
N ILE A 1151 8.30 13.72 2.52
CA ILE A 1151 7.38 12.62 2.76
C ILE A 1151 6.19 13.09 3.57
N VAL A 1152 6.44 13.94 4.57
CA VAL A 1152 5.33 14.39 5.40
C VAL A 1152 4.34 15.21 4.58
N PHE A 1153 4.86 16.09 3.72
CA PHE A 1153 3.98 17.01 3.01
C PHE A 1153 3.62 16.54 1.61
N GLY A 1154 4.35 15.58 1.07
CA GLY A 1154 4.09 15.10 -0.28
C GLY A 1154 3.34 13.78 -0.28
N SER A 1155 3.62 12.92 0.68
CA SER A 1155 3.04 11.58 0.72
C SER A 1155 1.93 11.44 1.76
N PHE A 1156 2.14 11.95 2.98
CA PHE A 1156 1.13 11.82 4.02
C PHE A 1156 -0.02 12.80 3.84
N PHE A 1157 0.17 13.90 3.11
CA PHE A 1157 -0.87 14.90 2.95
C PHE A 1157 -1.42 14.92 1.52
N ILE A 1158 -0.56 15.14 0.53
CA ILE A 1158 -1.06 15.36 -0.82
C ILE A 1158 -1.66 14.08 -1.39
N LEU A 1159 -0.93 12.96 -1.29
CA LEU A 1159 -1.40 11.74 -1.93
C LEU A 1159 -2.65 11.17 -1.28
N LYS A 1160 -3.03 11.65 -0.11
CA LYS A 1160 -4.19 11.12 0.58
C LYS A 1160 -5.45 11.91 0.28
N LEU A 1161 -5.38 12.94 -0.57
CA LEU A 1161 -6.59 13.67 -0.92
C LEU A 1161 -7.48 12.89 -1.89
N PHE A 1162 -6.88 12.03 -2.72
CA PHE A 1162 -7.67 11.27 -3.67
C PHE A 1162 -8.71 10.40 -2.96
N VAL A 1163 -8.31 9.73 -1.89
CA VAL A 1163 -9.22 8.85 -1.19
C VAL A 1163 -10.34 9.65 -0.53
N CYS A 1164 -10.02 10.82 0.03
CA CYS A 1164 -11.06 11.66 0.62
C CYS A 1164 -12.09 12.09 -0.41
N ILE A 1165 -11.61 12.52 -1.58
CA ILE A 1165 -12.52 12.92 -2.65
C ILE A 1165 -13.45 11.77 -3.00
N LEU A 1166 -12.88 10.58 -3.21
CA LEU A 1166 -13.70 9.44 -3.61
C LEU A 1166 -14.70 9.06 -2.52
N ILE A 1167 -14.27 9.11 -1.25
CA ILE A 1167 -15.18 8.77 -0.17
C ILE A 1167 -16.40 9.67 -0.21
N ASP A 1168 -16.19 10.99 -0.29
CA ASP A 1168 -17.32 11.91 -0.30
C ASP A 1168 -18.21 11.72 -1.54
N ILE A 1169 -17.59 11.62 -2.71
CA ILE A 1169 -18.40 11.55 -3.92
C ILE A 1169 -19.19 10.25 -4.00
N PHE A 1170 -18.59 9.14 -3.56
CA PHE A 1170 -19.34 7.88 -3.57
C PHE A 1170 -20.48 7.92 -2.58
N ARG A 1171 -20.29 8.56 -1.43
CA ARG A 1171 -21.42 8.71 -0.53
C ARG A 1171 -22.59 9.41 -1.23
N GLN A 1172 -22.29 10.52 -1.92
CA GLN A 1172 -23.35 11.25 -2.63
C GLN A 1172 -24.01 10.39 -3.70
N GLN A 1173 -23.20 9.68 -4.50
CA GLN A 1173 -23.73 8.92 -5.62
C GLN A 1173 -24.56 7.74 -5.15
N ARG A 1174 -24.15 7.07 -4.07
CA ARG A 1174 -24.96 5.99 -3.53
C ARG A 1174 -26.28 6.52 -2.98
N ARG A 1175 -26.28 7.73 -2.42
CA ARG A 1175 -27.56 8.33 -2.07
C ARG A 1175 -28.42 8.50 -3.32
N LYS A 1176 -27.80 8.93 -4.43
CA LYS A 1176 -28.55 9.09 -5.67
C LYS A 1176 -29.12 7.77 -6.17
N ALA A 1177 -28.34 6.69 -6.10
CA ALA A 1177 -28.76 5.42 -6.70
C ALA A 1177 -29.97 4.84 -5.99
N GLU A 1178 -30.03 4.97 -4.67
CA GLU A 1178 -31.14 4.41 -3.89
C GLU A 1178 -32.40 5.27 -3.93
N GLY A 1179 -32.36 6.42 -4.59
CA GLY A 1179 -33.52 7.31 -4.62
C GLY A 1179 -33.65 8.22 -3.42
N LEU A 1180 -32.66 8.25 -2.54
CA LEU A 1180 -32.74 9.12 -1.36
C LEU A 1180 -32.53 10.57 -1.73
N SER A 1181 -33.06 11.46 -0.88
CA SER A 1181 -32.99 12.89 -1.08
C SER A 1181 -31.71 13.47 -0.50
N ALA A 1182 -31.12 14.44 -1.22
CA ALA A 1182 -29.90 15.07 -0.75
C ALA A 1182 -30.14 16.01 0.42
N THR A 1183 -31.37 16.50 0.59
CA THR A 1183 -31.67 17.43 1.68
C THR A 1183 -31.94 16.74 3.00
N ASP A 1184 -32.12 15.42 3.01
CA ASP A 1184 -32.44 14.72 4.24
C ASP A 1184 -31.19 14.57 5.11
N SER A 1185 -31.42 14.47 6.42
CA SER A 1185 -30.36 14.37 7.41
C SER A 1185 -30.11 12.92 7.81
N ARG A 1186 -29.08 12.71 8.62
CA ARG A 1186 -28.67 11.36 8.98
C ARG A 1186 -29.76 10.64 9.77
N THR A 1187 -30.31 11.30 10.79
CA THR A 1187 -31.28 10.64 11.66
C THR A 1187 -32.54 10.27 10.88
N GLN A 1188 -32.96 11.14 9.96
CA GLN A 1188 -34.12 10.84 9.14
C GLN A 1188 -33.88 9.57 8.32
N LEU A 1189 -32.68 9.41 7.75
CA LEU A 1189 -32.40 8.19 7.01
C LEU A 1189 -32.36 6.97 7.91
N ILE A 1190 -31.83 7.10 9.13
CA ILE A 1190 -31.89 5.97 10.06
C ILE A 1190 -33.34 5.54 10.29
N TYR A 1191 -34.21 6.51 10.56
CA TYR A 1191 -35.61 6.19 10.80
C TYR A 1191 -36.29 5.62 9.56
N ARG A 1192 -35.98 6.15 8.38
CA ARG A 1192 -36.56 5.65 7.14
C ARG A 1192 -36.15 4.19 6.91
N ARG A 1193 -34.89 3.87 7.18
CA ARG A 1193 -34.44 2.48 7.05
C ARG A 1193 -35.19 1.58 8.02
N ALA A 1194 -35.40 2.05 9.25
CA ALA A 1194 -36.16 1.25 10.22
C ALA A 1194 -37.58 1.00 9.73
N VAL A 1195 -38.22 2.04 9.18
CA VAL A 1195 -39.59 1.93 8.69
C VAL A 1195 -39.65 0.93 7.53
N MET A 1196 -38.67 0.98 6.62
CA MET A 1196 -38.64 0.02 5.54
C MET A 1196 -38.50 -1.40 6.08
N ARG A 1197 -37.65 -1.59 7.08
CA ARG A 1197 -37.46 -2.94 7.62
C ARG A 1197 -38.73 -3.47 8.28
N THR A 1198 -39.45 -2.62 9.00
CA THR A 1198 -40.60 -3.10 9.77
C THR A 1198 -41.62 -3.81 8.89
N MET A 1199 -41.74 -3.39 7.63
CA MET A 1199 -42.77 -3.97 6.77
C MET A 1199 -42.56 -5.47 6.58
N SER A 1200 -41.33 -5.88 6.29
CA SER A 1200 -41.03 -7.25 5.94
C SER A 1200 -40.57 -8.02 7.18
N ALA A 1201 -41.39 -8.97 7.64
CA ALA A 1201 -41.03 -9.82 8.76
C ALA A 1201 -42.07 -10.93 8.95
N LYS A 1202 -41.63 -12.18 8.99
CA LYS A 1202 -42.53 -13.33 9.11
C LYS A 1202 -41.95 -14.37 10.07
N PRO A 1203 -42.72 -14.82 11.07
CA PRO A 1203 -42.22 -15.83 12.01
C PRO A 1203 -42.47 -17.25 11.53
N VAL A 1204 -41.93 -18.21 12.29
CA VAL A 1204 -42.09 -19.63 11.99
C VAL A 1204 -41.74 -20.43 13.23
N LYS A 1205 -42.29 -21.64 13.33
CA LYS A 1205 -42.07 -22.52 14.48
C LYS A 1205 -41.82 -23.95 14.02
N ARG A 1206 -41.00 -24.67 14.78
CA ARG A 1206 -40.69 -26.07 14.52
C ARG A 1206 -41.31 -26.96 15.61
N ILE A 1207 -41.97 -28.02 15.18
CA ILE A 1207 -42.71 -28.92 16.06
C ILE A 1207 -41.78 -29.91 16.74
N PRO A 1208 -41.76 -29.98 18.07
CA PRO A 1208 -40.99 -31.05 18.73
C PRO A 1208 -41.52 -32.42 18.37
N LYS A 1209 -40.61 -33.39 18.32
CA LYS A 1209 -40.97 -34.74 17.95
C LYS A 1209 -41.85 -35.39 19.02
N ASN A 1212 -41.94 -41.41 18.95
CA ASN A 1212 -41.92 -39.95 18.94
C ASN A 1212 -41.21 -39.42 20.17
N LYS A 1213 -41.32 -40.17 21.28
CA LYS A 1213 -40.68 -39.73 22.52
C LYS A 1213 -39.16 -39.67 22.37
N ILE A 1214 -38.56 -40.68 21.74
CA ILE A 1214 -37.11 -40.67 21.55
C ILE A 1214 -36.70 -39.55 20.60
N GLN A 1215 -37.44 -39.37 19.51
CA GLN A 1215 -37.12 -38.29 18.59
C GLN A 1215 -37.28 -36.94 19.29
N GLY A 1216 -38.33 -36.79 20.11
CA GLY A 1216 -38.50 -35.55 20.85
C GLY A 1216 -37.39 -35.29 21.85
N CYS A 1217 -36.92 -36.34 22.52
CA CYS A 1217 -35.80 -36.18 23.44
C CYS A 1217 -34.56 -35.72 22.69
N ILE A 1218 -34.31 -36.30 21.51
CA ILE A 1218 -33.19 -35.84 20.69
C ILE A 1218 -33.40 -34.39 20.28
N PHE A 1219 -34.64 -34.01 19.97
CA PHE A 1219 -34.93 -32.64 19.59
C PHE A 1219 -34.51 -31.69 20.70
N ASP A 1220 -34.94 -31.99 21.93
CA ASP A 1220 -34.57 -31.13 23.05
C ASP A 1220 -33.06 -31.08 23.24
N LEU A 1221 -32.40 -32.23 23.13
CA LEU A 1221 -30.96 -32.27 23.34
C LEU A 1221 -30.21 -31.41 22.32
N VAL A 1222 -30.58 -31.54 21.05
CA VAL A 1222 -29.88 -30.80 20.01
C VAL A 1222 -30.20 -29.31 20.10
N THR A 1223 -31.44 -28.97 20.42
CA THR A 1223 -31.84 -27.57 20.49
C THR A 1223 -31.23 -26.84 21.67
N ASN A 1224 -30.55 -27.55 22.57
CA ASN A 1224 -29.88 -26.92 23.71
C ASN A 1224 -28.65 -26.14 23.27
N GLN A 1225 -28.26 -25.15 24.08
CA GLN A 1225 -27.12 -24.31 23.75
C GLN A 1225 -25.78 -25.00 24.03
N ALA A 1226 -25.71 -25.76 25.13
CA ALA A 1226 -24.47 -26.45 25.45
C ALA A 1226 -24.01 -27.34 24.30
N PHE A 1227 -24.96 -27.91 23.55
CA PHE A 1227 -24.59 -28.70 22.39
C PHE A 1227 -23.79 -27.88 21.40
N ASP A 1228 -24.26 -26.67 21.08
CA ASP A 1228 -23.54 -25.81 20.15
C ASP A 1228 -22.20 -25.37 20.71
N ILE A 1229 -22.13 -25.07 22.01
CA ILE A 1229 -20.84 -24.68 22.59
C ILE A 1229 -19.86 -25.84 22.44
N SER A 1230 -20.31 -27.05 22.69
CA SER A 1230 -19.45 -28.22 22.54
C SER A 1230 -18.98 -28.36 21.11
N ILE A 1231 -19.87 -28.12 20.15
CA ILE A 1231 -19.50 -28.21 18.75
C ILE A 1231 -18.43 -27.17 18.41
N MET A 1232 -18.58 -25.97 18.97
CA MET A 1232 -17.58 -24.93 18.73
C MET A 1232 -16.22 -25.34 19.28
N VAL A 1233 -16.21 -25.96 20.47
CA VAL A 1233 -14.96 -26.42 21.05
C VAL A 1233 -14.32 -27.47 20.16
N LEU A 1234 -15.13 -28.38 19.62
CA LEU A 1234 -14.63 -29.40 18.71
C LEU A 1234 -14.03 -28.77 17.44
N ILE A 1235 -14.68 -27.73 16.91
CA ILE A 1235 -14.15 -27.04 15.74
C ILE A 1235 -12.78 -26.44 16.06
N CYS A 1236 -12.65 -25.81 17.22
CA CYS A 1236 -11.36 -25.24 17.61
C CYS A 1236 -10.29 -26.32 17.72
N LEU A 1237 -10.64 -27.47 18.31
CA LEU A 1237 -9.66 -28.55 18.44
C LEU A 1237 -9.22 -29.08 17.07
N ASN A 1238 -10.18 -29.23 16.15
CA ASN A 1238 -9.83 -29.68 14.80
C ASN A 1238 -8.91 -28.67 14.12
N MET A 1239 -9.17 -27.38 14.32
CA MET A 1239 -8.30 -26.35 13.77
C MET A 1239 -6.88 -26.48 14.29
N VAL A 1240 -6.73 -26.72 15.59
CA VAL A 1240 -5.39 -26.91 16.15
C VAL A 1240 -4.70 -28.10 15.50
N THR A 1241 -5.44 -29.21 15.38
CA THR A 1241 -4.88 -30.40 14.73
C THR A 1241 -4.39 -30.06 13.34
N MET A 1242 -5.09 -29.17 12.65
CA MET A 1242 -4.60 -28.72 11.35
C MET A 1242 -3.34 -27.88 11.49
N MET A 1243 -3.26 -27.06 12.55
CA MET A 1243 -2.09 -26.22 12.74
C MET A 1243 -0.83 -27.00 13.04
N VAL A 1244 -0.93 -28.30 13.34
CA VAL A 1244 0.28 -29.02 13.73
C VAL A 1244 1.16 -29.41 12.53
N GLU A 1245 0.59 -29.56 11.33
CA GLU A 1245 1.35 -30.05 10.19
C GLU A 1245 2.54 -29.15 9.86
N LYS A 1246 3.67 -29.78 9.55
CA LYS A 1246 4.91 -29.07 9.24
C LYS A 1246 5.69 -29.82 8.17
N GLU A 1247 6.58 -29.10 7.49
CA GLU A 1247 7.38 -29.70 6.44
C GLU A 1247 8.39 -30.68 7.04
N GLY A 1248 8.58 -31.81 6.37
CA GLY A 1248 9.53 -32.79 6.85
C GLY A 1248 9.09 -33.59 8.05
N GLN A 1249 7.79 -33.65 8.34
CA GLN A 1249 7.34 -34.43 9.48
C GLN A 1249 7.49 -35.92 9.18
N SER A 1250 7.47 -36.71 10.25
CA SER A 1250 7.60 -38.16 10.12
C SER A 1250 6.31 -38.78 9.59
N GLN A 1251 6.46 -39.97 9.01
CA GLN A 1251 5.28 -40.69 8.51
C GLN A 1251 4.35 -41.06 9.66
N HIS A 1252 4.90 -41.41 10.82
CA HIS A 1252 4.07 -41.74 11.97
C HIS A 1252 3.21 -40.54 12.38
N MET A 1253 3.80 -39.35 12.39
CA MET A 1253 3.04 -38.14 12.68
C MET A 1253 1.92 -37.95 11.67
N THR A 1254 2.21 -38.21 10.39
CA THR A 1254 1.18 -38.08 9.36
C THR A 1254 0.00 -39.01 9.62
N GLU A 1255 0.28 -40.28 9.96
CA GLU A 1255 -0.79 -41.22 10.24
C GLU A 1255 -1.59 -40.81 11.47
N VAL A 1256 -0.90 -40.38 12.52
CA VAL A 1256 -1.59 -39.99 13.75
C VAL A 1256 -2.56 -38.85 13.46
N LEU A 1257 -2.09 -37.84 12.73
CA LEU A 1257 -2.96 -36.72 12.41
C LEU A 1257 -4.14 -37.15 11.56
N TYR A 1258 -3.90 -38.06 10.60
CA TYR A 1258 -5.00 -38.55 9.78
C TYR A 1258 -6.10 -39.17 10.64
N TRP A 1259 -5.70 -39.99 11.61
CA TRP A 1259 -6.69 -40.67 12.46
C TRP A 1259 -7.41 -39.68 13.38
N ILE A 1260 -6.69 -38.68 13.89
CA ILE A 1260 -7.36 -37.66 14.70
C ILE A 1260 -8.43 -36.96 13.87
N ASN A 1261 -8.09 -36.59 12.64
CA ASN A 1261 -9.07 -35.94 11.77
C ASN A 1261 -10.24 -36.85 11.49
N VAL A 1262 -10.00 -38.15 11.34
CA VAL A 1262 -11.09 -39.08 11.09
C VAL A 1262 -12.06 -39.08 12.27
N VAL A 1263 -11.53 -39.07 13.48
CA VAL A 1263 -12.39 -39.05 14.66
C VAL A 1263 -13.25 -37.79 14.66
N PHE A 1264 -12.63 -36.65 14.33
CA PHE A 1264 -13.39 -35.41 14.26
C PHE A 1264 -14.50 -35.48 13.20
N ILE A 1265 -14.18 -36.09 12.06
CA ILE A 1265 -15.18 -36.23 11.00
C ILE A 1265 -16.35 -37.08 11.47
N ILE A 1266 -16.06 -38.14 12.21
CA ILE A 1266 -17.11 -39.01 12.73
C ILE A 1266 -18.00 -38.23 13.67
N LEU A 1267 -17.41 -37.42 14.56
CA LEU A 1267 -18.22 -36.63 15.48
C LEU A 1267 -19.11 -35.63 14.74
N PHE A 1268 -18.56 -34.93 13.75
CA PHE A 1268 -19.37 -33.96 13.01
C PHE A 1268 -20.50 -34.64 12.26
N THR A 1269 -20.22 -35.80 11.66
CA THR A 1269 -21.27 -36.53 10.96
C THR A 1269 -22.36 -36.97 11.91
N GLY A 1270 -21.98 -37.41 13.12
CA GLY A 1270 -22.99 -37.75 14.11
C GLY A 1270 -23.85 -36.56 14.50
N GLU A 1271 -23.23 -35.39 14.65
CA GLU A 1271 -24.01 -34.20 14.96
C GLU A 1271 -25.02 -33.91 13.86
N CYS A 1272 -24.59 -34.01 12.60
CA CYS A 1272 -25.49 -33.77 11.48
C CYS A 1272 -26.63 -34.80 11.45
N VAL A 1273 -26.31 -36.06 11.71
CA VAL A 1273 -27.34 -37.11 11.71
C VAL A 1273 -28.36 -36.84 12.80
N LEU A 1274 -27.89 -36.46 14.00
CA LEU A 1274 -28.81 -36.16 15.09
C LEU A 1274 -29.68 -34.96 14.77
N LYS A 1275 -29.10 -33.91 14.17
CA LYS A 1275 -29.91 -32.76 13.78
C LYS A 1275 -30.94 -33.17 12.74
N LEU A 1276 -30.57 -34.02 11.80
CA LEU A 1276 -31.53 -34.46 10.78
C LEU A 1276 -32.68 -35.23 11.41
N ILE A 1277 -32.39 -36.13 12.34
CA ILE A 1277 -33.48 -36.87 12.99
C ILE A 1277 -34.35 -35.91 13.79
N SER A 1278 -33.74 -34.96 14.49
CA SER A 1278 -34.49 -34.05 15.34
C SER A 1278 -35.39 -33.13 14.53
N LEU A 1279 -34.83 -32.50 13.50
CA LEU A 1279 -35.51 -31.45 12.75
C LEU A 1279 -36.22 -31.94 11.50
N ARG A 1280 -36.10 -33.21 11.13
CA ARG A 1280 -36.81 -33.79 9.99
C ARG A 1280 -36.60 -32.88 8.78
N HIS A 1281 -37.66 -32.50 8.07
CA HIS A 1281 -37.52 -31.70 6.84
C HIS A 1281 -37.25 -30.23 7.12
N TYR A 1282 -37.38 -29.78 8.37
CA TYR A 1282 -37.05 -28.40 8.72
C TYR A 1282 -35.55 -28.14 8.73
N TYR A 1283 -34.72 -29.19 8.77
CA TYR A 1283 -33.28 -29.01 8.88
C TYR A 1283 -32.73 -28.14 7.75
N PHE A 1284 -33.33 -28.22 6.56
CA PHE A 1284 -32.85 -27.53 5.39
C PHE A 1284 -33.42 -26.13 5.21
N THR A 1285 -34.17 -25.63 6.19
CA THR A 1285 -34.69 -24.27 6.10
C THR A 1285 -33.65 -23.22 6.45
N VAL A 1286 -32.54 -23.59 7.07
CA VAL A 1286 -31.50 -22.67 7.51
C VAL A 1286 -30.26 -22.89 6.65
N GLY A 1287 -29.73 -21.80 6.08
CA GLY A 1287 -28.61 -21.93 5.16
C GLY A 1287 -27.38 -22.55 5.80
N TRP A 1288 -27.08 -22.18 7.04
CA TRP A 1288 -25.92 -22.74 7.72
C TRP A 1288 -26.00 -24.26 7.79
N ASN A 1289 -27.21 -24.80 7.93
CA ASN A 1289 -27.35 -26.25 7.94
C ASN A 1289 -26.97 -26.85 6.59
N ILE A 1290 -27.35 -26.20 5.49
CA ILE A 1290 -26.93 -26.71 4.18
C ILE A 1290 -25.42 -26.65 4.03
N PHE A 1291 -24.80 -25.57 4.52
CA PHE A 1291 -23.34 -25.49 4.45
C PHE A 1291 -22.70 -26.63 5.25
N ASP A 1292 -23.19 -26.87 6.46
CA ASP A 1292 -22.65 -27.94 7.29
C ASP A 1292 -22.85 -29.31 6.64
N PHE A 1293 -24.01 -29.51 6.01
CA PHE A 1293 -24.30 -30.77 5.33
C PHE A 1293 -23.33 -31.00 4.18
N VAL A 1294 -23.12 -29.98 3.35
CA VAL A 1294 -22.19 -30.11 2.23
C VAL A 1294 -20.79 -30.43 2.75
N VAL A 1295 -20.38 -29.76 3.82
CA VAL A 1295 -19.06 -30.00 4.39
C VAL A 1295 -18.93 -31.45 4.87
N VAL A 1296 -19.99 -31.96 5.48
CA VAL A 1296 -19.95 -33.34 5.98
C VAL A 1296 -19.77 -34.32 4.83
N ILE A 1297 -20.53 -34.12 3.75
CA ILE A 1297 -20.40 -35.02 2.61
C ILE A 1297 -19.00 -34.94 2.01
N ILE A 1298 -18.47 -33.72 1.87
CA ILE A 1298 -17.12 -33.57 1.33
C ILE A 1298 -16.11 -34.28 2.21
N SER A 1299 -16.24 -34.12 3.53
CA SER A 1299 -15.30 -34.73 4.45
C SER A 1299 -15.32 -36.25 4.36
N ILE A 1300 -16.52 -36.85 4.31
CA ILE A 1300 -16.60 -38.30 4.22
C ILE A 1300 -15.95 -38.79 2.93
N VAL A 1301 -16.29 -38.15 1.81
CA VAL A 1301 -15.79 -38.60 0.52
C VAL A 1301 -14.28 -38.49 0.46
N GLY A 1302 -13.73 -37.37 0.95
CA GLY A 1302 -12.28 -37.20 0.94
C GLY A 1302 -11.57 -38.19 1.85
N MET A 1303 -12.11 -38.43 3.05
CA MET A 1303 -11.49 -39.40 3.93
C MET A 1303 -11.44 -40.77 3.27
N PHE A 1304 -12.42 -41.06 2.40
CA PHE A 1304 -12.38 -42.33 1.69
C PHE A 1304 -11.38 -42.32 0.53
N LEU A 1305 -11.26 -41.22 -0.21
CA LEU A 1305 -10.51 -41.22 -1.46
C LEU A 1305 -9.13 -40.60 -1.37
N ALA A 1306 -8.65 -40.28 -0.16
CA ALA A 1306 -7.37 -39.60 -0.03
C ALA A 1306 -6.22 -40.41 -0.65
N ASP A 1307 -6.08 -41.68 -0.24
CA ASP A 1307 -4.98 -42.49 -0.74
C ASP A 1307 -5.11 -42.73 -2.25
N LEU A 1308 -6.33 -42.99 -2.71
CA LEU A 1308 -6.52 -43.25 -4.14
C LEU A 1308 -6.10 -42.05 -4.98
N ILE A 1309 -6.48 -40.85 -4.55
CA ILE A 1309 -6.11 -39.66 -5.31
C ILE A 1309 -4.61 -39.43 -5.24
N GLU A 1310 -4.03 -39.61 -4.06
CA GLU A 1310 -2.60 -39.34 -3.90
C GLU A 1310 -1.76 -40.30 -4.72
N THR A 1311 -2.00 -41.61 -4.58
CA THR A 1311 -1.19 -42.59 -5.27
C THR A 1311 -1.41 -42.55 -6.78
N TYR A 1312 -2.66 -42.53 -7.22
CA TYR A 1312 -2.97 -42.50 -8.64
C TYR A 1312 -3.24 -41.08 -9.12
N SER A 1315 -0.89 -35.96 -9.51
CA SER A 1315 0.11 -34.91 -9.33
C SER A 1315 0.09 -34.38 -7.91
N PRO A 1316 1.27 -34.14 -7.32
CA PRO A 1316 1.27 -33.57 -5.96
C PRO A 1316 0.53 -32.25 -5.87
N THR A 1317 0.68 -31.40 -6.89
CA THR A 1317 0.00 -30.11 -6.89
C THR A 1317 -1.52 -30.29 -6.89
N LEU A 1318 -2.03 -31.22 -7.69
CA LEU A 1318 -3.46 -31.49 -7.71
C LEU A 1318 -3.94 -31.96 -6.35
N PHE A 1319 -3.17 -32.84 -5.71
CA PHE A 1319 -3.54 -33.34 -4.39
C PHE A 1319 -3.63 -32.20 -3.38
N ARG A 1320 -2.65 -31.31 -3.38
CA ARG A 1320 -2.69 -30.20 -2.43
C ARG A 1320 -3.92 -29.32 -2.67
N VAL A 1321 -4.15 -28.96 -3.94
CA VAL A 1321 -5.26 -28.05 -4.24
C VAL A 1321 -6.59 -28.67 -3.86
N ILE A 1322 -6.79 -29.95 -4.18
CA ILE A 1322 -8.07 -30.58 -3.88
C ILE A 1322 -8.23 -30.81 -2.39
N ARG A 1323 -7.14 -31.07 -1.67
CA ARG A 1323 -7.22 -31.26 -0.23
C ARG A 1323 -7.57 -29.96 0.48
N LEU A 1324 -7.38 -28.81 -0.16
CA LEU A 1324 -7.82 -27.55 0.44
C LEU A 1324 -9.26 -27.62 0.95
N ALA A 1325 -10.12 -28.43 0.34
CA ALA A 1325 -11.51 -28.51 0.78
C ALA A 1325 -11.63 -28.94 2.23
N ARG A 1326 -10.58 -29.58 2.76
CA ARG A 1326 -10.57 -29.97 4.17
C ARG A 1326 -10.75 -28.77 5.09
N ILE A 1327 -10.35 -27.57 4.65
CA ILE A 1327 -10.47 -26.38 5.48
C ILE A 1327 -11.91 -25.92 5.64
N GLY A 1328 -12.85 -26.51 4.90
CA GLY A 1328 -14.23 -26.06 4.96
C GLY A 1328 -14.84 -26.23 6.34
N ARG A 1329 -14.44 -27.26 7.07
CA ARG A 1329 -15.10 -27.57 8.33
C ARG A 1329 -14.57 -26.76 9.52
N ILE A 1330 -13.56 -25.90 9.31
CA ILE A 1330 -13.18 -24.94 10.33
C ILE A 1330 -13.73 -23.55 10.05
N LEU A 1331 -14.30 -23.33 8.86
CA LEU A 1331 -15.00 -22.07 8.57
C LEU A 1331 -16.31 -21.96 9.32
N ARG A 1332 -16.78 -23.03 9.94
CA ARG A 1332 -18.00 -22.99 10.73
C ARG A 1332 -17.79 -22.26 12.06
N LEU A 1333 -16.54 -21.91 12.38
CA LEU A 1333 -16.27 -21.20 13.63
C LEU A 1333 -16.88 -19.80 13.62
N VAL A 1334 -17.01 -19.17 12.45
CA VAL A 1334 -17.56 -17.82 12.43
C VAL A 1334 -19.02 -17.82 12.87
N LYS A 1335 -19.75 -18.90 12.60
CA LYS A 1335 -21.15 -18.96 13.01
C LYS A 1335 -21.26 -18.79 14.52
N GLY A 1336 -22.20 -17.94 14.94
CA GLY A 1336 -22.51 -17.73 16.34
C GLY A 1336 -21.95 -16.45 16.94
N ALA A 1337 -20.96 -15.83 16.30
CA ALA A 1337 -20.38 -14.60 16.84
C ALA A 1337 -21.31 -13.42 16.56
N LYS A 1338 -21.05 -12.30 17.24
CA LYS A 1338 -21.85 -11.09 17.10
C LYS A 1338 -21.14 -9.99 16.32
N GLY A 1339 -19.97 -9.53 16.78
CA GLY A 1339 -19.27 -8.47 16.07
C GLY A 1339 -18.78 -8.91 14.71
N ILE A 1340 -18.26 -10.13 14.62
CA ILE A 1340 -17.88 -10.68 13.34
C ILE A 1340 -19.09 -10.72 12.41
N ARG A 1341 -20.26 -11.06 12.95
CA ARG A 1341 -21.47 -11.10 12.15
C ARG A 1341 -21.82 -9.72 11.60
N LEU A 1342 -21.68 -8.67 12.42
CA LEU A 1342 -21.99 -7.32 11.95
C LEU A 1342 -21.05 -6.90 10.82
N LEU A 1343 -19.74 -7.14 11.00
CA LEU A 1343 -18.79 -6.76 9.95
C LEU A 1343 -19.05 -7.54 8.67
N LEU A 1344 -19.35 -8.84 8.80
CA LEU A 1344 -19.62 -9.67 7.64
C LEU A 1344 -20.90 -9.22 6.95
N LEU A 1345 -21.87 -8.71 7.71
CA LEU A 1345 -23.08 -8.15 7.11
C LEU A 1345 -22.73 -6.95 6.24
N ALA A 1346 -21.86 -6.07 6.74
CA ALA A 1346 -21.45 -4.93 5.90
C ALA A 1346 -20.78 -5.42 4.62
N LEU A 1347 -19.88 -6.40 4.74
CA LEU A 1347 -19.20 -6.90 3.55
C LEU A 1347 -20.18 -7.51 2.56
N ARG A 1348 -21.15 -8.29 3.05
CA ARG A 1348 -22.13 -8.92 2.17
C ARG A 1348 -22.98 -7.86 1.48
N LYS A 1349 -23.33 -6.80 2.20
CA LYS A 1349 -24.08 -5.71 1.60
C LYS A 1349 -23.28 -4.98 0.52
N ALA A 1350 -21.95 -5.04 0.57
CA ALA A 1350 -21.13 -4.29 -0.39
C ALA A 1350 -20.53 -5.18 -1.49
N LEU A 1351 -20.89 -6.47 -1.51
CA LEU A 1351 -20.23 -7.41 -2.42
C LEU A 1351 -20.43 -7.05 -3.89
N ARG A 1352 -21.65 -6.66 -4.29
CA ARG A 1352 -21.89 -6.35 -5.70
C ARG A 1352 -20.99 -5.23 -6.18
N THR A 1353 -20.91 -4.15 -5.40
CA THR A 1353 -20.09 -3.02 -5.80
C THR A 1353 -18.61 -3.37 -5.80
N LEU A 1354 -18.16 -4.16 -4.81
CA LEU A 1354 -16.76 -4.55 -4.81
C LEU A 1354 -16.43 -5.36 -6.07
N PHE A 1355 -17.32 -6.26 -6.46
CA PHE A 1355 -17.13 -7.02 -7.69
C PHE A 1355 -17.10 -6.11 -8.90
N ASN A 1356 -17.97 -5.11 -8.96
CA ASN A 1356 -17.97 -4.20 -10.10
C ASN A 1356 -16.68 -3.40 -10.19
N VAL A 1357 -16.19 -2.90 -9.06
CA VAL A 1357 -14.93 -2.18 -9.07
C VAL A 1357 -13.82 -3.09 -9.58
N SER A 1358 -13.80 -4.35 -9.10
CA SER A 1358 -12.79 -5.29 -9.56
C SER A 1358 -12.91 -5.57 -11.06
N PHE A 1359 -14.14 -5.66 -11.57
CA PHE A 1359 -14.35 -5.89 -12.99
C PHE A 1359 -13.77 -4.75 -13.82
N LEU A 1360 -14.04 -3.51 -13.39
CA LEU A 1360 -13.48 -2.36 -14.06
C LEU A 1360 -11.94 -2.41 -14.02
N LEU A 1361 -11.40 -2.78 -12.87
CA LEU A 1361 -9.95 -2.89 -12.73
C LEU A 1361 -9.36 -3.92 -13.68
N PHE A 1362 -10.02 -5.07 -13.82
CA PHE A 1362 -9.52 -6.10 -14.72
C PHE A 1362 -9.56 -5.63 -16.17
N VAL A 1363 -10.61 -4.89 -16.55
CA VAL A 1363 -10.66 -4.39 -17.92
C VAL A 1363 -9.51 -3.42 -18.18
N ILE A 1364 -9.25 -2.53 -17.23
CA ILE A 1364 -8.12 -1.62 -17.38
C ILE A 1364 -6.83 -2.40 -17.51
N MET A 1365 -6.67 -3.44 -16.68
CA MET A 1365 -5.47 -4.26 -16.74
C MET A 1365 -5.34 -4.93 -18.11
N PHE A 1366 -6.45 -5.38 -18.67
CA PHE A 1366 -6.43 -6.02 -19.98
C PHE A 1366 -5.96 -5.05 -21.07
N VAL A 1367 -6.49 -3.82 -21.05
CA VAL A 1367 -6.08 -2.84 -22.04
C VAL A 1367 -4.57 -2.59 -21.92
N TYR A 1368 -4.11 -2.39 -20.70
CA TYR A 1368 -2.69 -2.15 -20.51
C TYR A 1368 -1.87 -3.36 -20.90
N ALA A 1369 -2.41 -4.56 -20.71
CA ALA A 1369 -1.68 -5.78 -21.05
C ALA A 1369 -1.43 -5.87 -22.54
N VAL A 1370 -2.46 -5.63 -23.36
CA VAL A 1370 -2.25 -5.71 -24.81
C VAL A 1370 -1.30 -4.62 -25.28
N PHE A 1371 -1.45 -3.39 -24.75
CA PHE A 1371 -0.54 -2.33 -25.20
C PHE A 1371 0.89 -2.59 -24.74
N GLY A 1372 1.08 -3.08 -23.52
CA GLY A 1372 2.43 -3.38 -23.07
C GLY A 1372 3.06 -4.50 -23.86
N MET A 1373 2.24 -5.48 -24.25
CA MET A 1373 2.74 -6.54 -25.12
C MET A 1373 3.23 -5.97 -26.43
N GLU A 1374 2.49 -5.02 -27.00
CA GLU A 1374 2.96 -4.40 -28.23
C GLU A 1374 4.25 -3.61 -28.00
N PHE A 1375 4.38 -2.91 -26.87
CA PHE A 1375 5.49 -1.99 -26.71
C PHE A 1375 6.78 -2.72 -26.30
N PHE A 1376 6.73 -3.49 -25.20
CA PHE A 1376 7.93 -3.98 -24.53
C PHE A 1376 8.08 -5.50 -24.56
N MET A 1377 7.79 -6.15 -25.68
CA MET A 1377 7.92 -7.60 -25.71
C MET A 1377 9.33 -8.09 -26.06
N HIS A 1378 10.21 -7.23 -26.55
CA HIS A 1378 11.52 -7.66 -27.01
C HIS A 1378 12.68 -7.07 -26.21
N ILE A 1379 12.41 -6.30 -25.15
CA ILE A 1379 13.48 -5.69 -24.38
C ILE A 1379 14.37 -6.77 -23.76
N ARG A 1380 15.63 -6.40 -23.53
CA ARG A 1380 16.62 -7.29 -22.92
C ARG A 1380 16.37 -7.45 -21.43
N ASP A 1381 16.77 -8.59 -20.89
CA ASP A 1381 16.62 -8.85 -19.46
C ASP A 1381 17.44 -7.87 -18.63
N ALA A 1382 16.75 -7.10 -17.80
CA ALA A 1382 17.42 -6.18 -16.88
C ALA A 1382 16.42 -5.81 -15.79
N GLY A 1383 16.96 -5.37 -14.67
CA GLY A 1383 16.07 -4.98 -13.57
C GLY A 1383 15.16 -6.13 -13.20
N ALA A 1384 13.86 -5.84 -13.14
CA ALA A 1384 12.87 -6.82 -12.74
C ALA A 1384 12.40 -7.71 -13.87
N ILE A 1385 12.80 -7.45 -15.11
CA ILE A 1385 12.38 -8.25 -16.26
C ILE A 1385 13.40 -9.36 -16.48
N ASP A 1386 12.92 -10.58 -16.61
CA ASP A 1386 13.81 -11.73 -16.76
C ASP A 1386 13.08 -12.80 -17.58
N ASP A 1387 13.58 -14.04 -17.50
CA ASP A 1387 13.00 -15.14 -18.26
C ASP A 1387 11.56 -15.41 -17.84
N VAL A 1388 11.28 -15.33 -16.55
CA VAL A 1388 9.96 -15.68 -16.03
C VAL A 1388 9.00 -14.51 -16.08
N TYR A 1389 9.43 -13.31 -15.70
CA TYR A 1389 8.58 -12.13 -15.63
C TYR A 1389 8.95 -11.15 -16.71
N ASN A 1390 8.00 -10.84 -17.59
CA ASN A 1390 8.23 -10.04 -18.78
C ASN A 1390 6.87 -9.74 -19.41
N PHE A 1391 6.88 -9.14 -20.60
CA PHE A 1391 5.68 -8.81 -21.37
C PHE A 1391 5.52 -9.69 -22.61
N LYS A 1392 6.08 -10.90 -22.59
CA LYS A 1392 6.09 -11.73 -23.79
C LYS A 1392 4.75 -12.38 -24.09
N THR A 1393 3.96 -12.70 -23.07
CA THR A 1393 2.65 -13.33 -23.24
C THR A 1393 1.61 -12.58 -22.42
N PHE A 1394 0.34 -12.83 -22.73
CA PHE A 1394 -0.74 -12.16 -22.00
C PHE A 1394 -0.70 -12.52 -20.52
N GLY A 1395 -0.48 -13.80 -20.22
CA GLY A 1395 -0.47 -14.21 -18.82
C GLY A 1395 0.65 -13.57 -18.02
N GLN A 1396 1.85 -13.56 -18.59
CA GLN A 1396 2.97 -12.93 -17.90
C GLN A 1396 2.74 -11.43 -17.74
N SER A 1397 2.18 -10.79 -18.76
CA SER A 1397 1.85 -9.37 -18.64
C SER A 1397 0.86 -9.14 -17.51
N ILE A 1398 -0.15 -10.01 -17.38
CA ILE A 1398 -1.14 -9.84 -16.31
C ILE A 1398 -0.49 -10.07 -14.95
N ILE A 1399 0.43 -11.03 -14.87
CA ILE A 1399 1.14 -11.25 -13.61
C ILE A 1399 1.84 -9.96 -13.19
N LEU A 1400 2.58 -9.35 -14.13
CA LEU A 1400 3.30 -8.12 -13.83
C LEU A 1400 2.35 -6.98 -13.49
N LEU A 1401 1.26 -6.85 -14.24
CA LEU A 1401 0.36 -5.72 -14.04
C LEU A 1401 -0.41 -5.85 -12.74
N PHE A 1402 -0.77 -7.06 -12.35
CA PHE A 1402 -1.37 -7.26 -11.03
C PHE A 1402 -0.39 -6.87 -9.94
N GLN A 1403 0.89 -7.21 -10.11
CA GLN A 1403 1.88 -6.75 -9.14
C GLN A 1403 1.93 -5.23 -9.11
N LEU A 1404 1.95 -4.59 -10.27
CA LEU A 1404 2.14 -3.14 -10.33
C LEU A 1404 0.91 -2.37 -9.88
N ALA A 1405 -0.26 -3.00 -9.84
CA ALA A 1405 -1.46 -2.27 -9.42
C ALA A 1405 -1.32 -1.71 -8.01
N THR A 1406 -0.40 -2.25 -7.22
CA THR A 1406 -0.10 -1.73 -5.90
C THR A 1406 1.15 -0.87 -5.88
N SER A 1407 1.71 -0.55 -7.05
CA SER A 1407 2.96 0.18 -7.23
C SER A 1407 4.17 -0.64 -6.78
N ALA A 1408 3.98 -1.91 -6.47
CA ALA A 1408 5.09 -2.72 -5.95
C ALA A 1408 6.09 -2.98 -7.06
N GLY A 1409 7.33 -2.57 -6.82
CA GLY A 1409 8.40 -2.84 -7.76
C GLY A 1409 8.29 -2.10 -9.08
N TRP A 1410 7.62 -0.95 -9.09
CA TRP A 1410 7.50 -0.23 -10.35
C TRP A 1410 8.82 0.43 -10.77
N ASP A 1411 9.73 0.68 -9.83
CA ASP A 1411 11.03 1.23 -10.18
C ASP A 1411 11.87 0.24 -10.98
N GLY A 1412 11.86 -1.05 -10.58
CA GLY A 1412 12.61 -2.04 -11.34
C GLY A 1412 12.07 -2.23 -12.74
N VAL A 1413 10.75 -2.27 -12.88
CA VAL A 1413 10.15 -2.38 -14.21
C VAL A 1413 10.51 -1.15 -15.03
N TYR A 1414 10.45 0.04 -14.41
CA TYR A 1414 10.85 1.25 -15.14
C TYR A 1414 12.29 1.13 -15.62
N PHE A 1415 13.18 0.65 -14.76
CA PHE A 1415 14.57 0.52 -15.15
C PHE A 1415 14.71 -0.43 -16.34
N ALA A 1416 13.91 -1.50 -16.36
CA ALA A 1416 14.00 -2.45 -17.49
C ALA A 1416 13.45 -1.84 -18.77
N ILE A 1417 12.29 -1.19 -18.71
CA ILE A 1417 11.59 -0.77 -19.93
C ILE A 1417 12.09 0.56 -20.48
N ALA A 1418 12.74 1.37 -19.65
CA ALA A 1418 13.20 2.69 -20.05
C ALA A 1418 14.64 2.69 -20.59
N ASN A 1419 15.27 1.53 -20.70
CA ASN A 1419 16.68 1.50 -21.10
C ASN A 1419 16.82 1.78 -22.59
N GLU A 1420 17.85 2.55 -22.93
CA GLU A 1420 18.18 2.86 -24.31
C GLU A 1420 19.68 2.69 -24.58
N GLU A 1421 20.41 2.13 -23.63
CA GLU A 1421 21.87 2.04 -23.70
C GLU A 1421 22.28 0.59 -23.92
N ASP A 1422 23.32 0.40 -24.72
CA ASP A 1422 23.90 -0.93 -24.96
C ASP A 1422 22.83 -1.91 -25.41
N CYS A 1423 21.98 -1.47 -26.33
CA CYS A 1423 20.96 -2.31 -26.94
C CYS A 1423 20.97 -2.09 -28.44
N ARG A 1424 20.81 -3.18 -29.20
CA ARG A 1424 20.93 -3.13 -30.65
C ARG A 1424 19.60 -2.77 -31.30
N ALA A 1425 19.67 -1.87 -32.27
CA ALA A 1425 18.49 -1.33 -32.92
C ALA A 1425 17.83 -2.36 -33.83
N PRO A 1426 16.53 -2.21 -34.10
CA PRO A 1426 15.85 -3.17 -34.97
C PRO A 1426 16.36 -3.08 -36.40
N ASP A 1427 16.33 -4.22 -37.07
CA ASP A 1427 16.76 -4.33 -38.47
C ASP A 1427 15.57 -4.83 -39.27
N HIS A 1428 14.87 -3.91 -39.93
CA HIS A 1428 13.69 -4.29 -40.69
C HIS A 1428 14.03 -5.25 -41.81
N GLU A 1429 15.14 -5.00 -42.51
CA GLU A 1429 15.49 -5.85 -43.65
C GLU A 1429 15.72 -7.29 -43.21
N LEU A 1430 16.40 -7.48 -42.08
CA LEU A 1430 16.66 -8.81 -41.57
C LEU A 1430 15.56 -9.34 -40.65
N GLY A 1431 14.57 -8.53 -40.31
CA GLY A 1431 13.48 -8.98 -39.48
C GLY A 1431 13.78 -9.00 -37.99
N TYR A 1432 14.93 -8.52 -37.57
CA TYR A 1432 15.27 -8.52 -36.15
C TYR A 1432 14.46 -7.45 -35.44
N PRO A 1433 13.69 -7.79 -34.40
CA PRO A 1433 12.75 -6.81 -33.84
C PRO A 1433 13.39 -5.74 -32.97
N GLY A 1434 14.64 -5.93 -32.55
CA GLY A 1434 15.25 -5.00 -31.62
C GLY A 1434 15.10 -5.48 -30.18
N ASN A 1435 15.91 -4.88 -29.30
CA ASN A 1435 15.80 -5.20 -27.88
C ASN A 1435 15.95 -3.94 -27.03
N CYS A 1436 15.76 -2.77 -27.63
CA CYS A 1436 15.92 -1.48 -26.98
C CYS A 1436 14.62 -1.03 -26.32
N GLY A 1437 14.75 -0.30 -25.22
CA GLY A 1437 13.61 0.31 -24.56
C GLY A 1437 13.34 1.72 -25.06
N SER A 1438 12.47 2.43 -24.34
CA SER A 1438 12.13 3.81 -24.69
C SER A 1438 11.81 4.58 -23.42
N ARG A 1439 12.57 5.62 -23.13
CA ARG A 1439 12.38 6.34 -21.88
C ARG A 1439 11.05 7.08 -21.84
N ALA A 1440 10.71 7.80 -22.91
CA ALA A 1440 9.47 8.56 -22.92
C ALA A 1440 8.25 7.64 -22.87
N LEU A 1441 8.26 6.58 -23.69
CA LEU A 1441 7.14 5.66 -23.70
C LEU A 1441 6.99 4.94 -22.37
N GLY A 1442 8.11 4.50 -21.78
CA GLY A 1442 8.04 3.85 -20.49
C GLY A 1442 7.52 4.77 -19.40
N ILE A 1443 7.97 6.03 -19.41
CA ILE A 1443 7.50 7.00 -18.43
C ILE A 1443 5.99 7.18 -18.56
N ALA A 1444 5.52 7.43 -19.78
CA ALA A 1444 4.09 7.62 -19.98
C ALA A 1444 3.31 6.40 -19.49
N TYR A 1445 3.72 5.22 -19.95
CA TYR A 1445 3.05 3.97 -19.57
C TYR A 1445 2.94 3.83 -18.06
N LEU A 1446 4.09 3.80 -17.37
CA LEU A 1446 4.07 3.50 -15.94
C LEU A 1446 3.39 4.59 -15.13
N VAL A 1447 3.68 5.86 -15.42
CA VAL A 1447 3.10 6.94 -14.63
C VAL A 1447 1.59 6.94 -14.77
N SER A 1448 1.09 6.81 -16.01
CA SER A 1448 -0.35 6.79 -16.20
C SER A 1448 -0.98 5.60 -15.49
N TYR A 1449 -0.34 4.43 -15.56
CA TYR A 1449 -0.90 3.27 -14.87
C TYR A 1449 -0.96 3.49 -13.38
N LEU A 1450 0.10 4.05 -12.80
CA LEU A 1450 0.13 4.30 -11.36
C LEU A 1450 -0.98 5.26 -10.96
N ILE A 1451 -1.19 6.31 -11.75
CA ILE A 1451 -2.25 7.25 -11.40
C ILE A 1451 -3.62 6.59 -11.50
N ILE A 1452 -3.85 5.85 -12.58
CA ILE A 1452 -5.20 5.33 -12.82
C ILE A 1452 -5.56 4.24 -11.81
N THR A 1453 -4.61 3.37 -11.47
CA THR A 1453 -4.92 2.23 -10.61
C THR A 1453 -4.61 2.53 -9.14
N CYS A 1454 -3.34 2.84 -8.84
CA CYS A 1454 -2.94 2.98 -7.44
C CYS A 1454 -3.69 4.11 -6.75
N LEU A 1455 -3.79 5.26 -7.41
CA LEU A 1455 -4.28 6.46 -6.74
C LEU A 1455 -5.78 6.72 -6.94
N VAL A 1456 -6.46 5.97 -7.81
CA VAL A 1456 -7.87 6.24 -8.07
C VAL A 1456 -8.72 4.98 -7.93
N VAL A 1457 -8.54 4.02 -8.83
CA VAL A 1457 -9.43 2.87 -8.84
C VAL A 1457 -9.32 2.07 -7.55
N ILE A 1458 -8.10 1.86 -7.08
CA ILE A 1458 -7.93 1.08 -5.86
C ILE A 1458 -8.59 1.78 -4.68
N ASN A 1459 -8.49 3.11 -4.64
CA ASN A 1459 -9.07 3.83 -3.52
C ASN A 1459 -10.59 3.76 -3.50
N MET A 1460 -11.20 3.40 -4.63
CA MET A 1460 -12.65 3.19 -4.61
C MET A 1460 -13.04 2.12 -3.60
N TYR A 1461 -12.18 1.11 -3.43
CA TYR A 1461 -12.48 0.11 -2.42
C TYR A 1461 -12.70 0.77 -1.06
N ALA A 1462 -11.77 1.66 -0.67
CA ALA A 1462 -11.92 2.29 0.63
C ALA A 1462 -13.25 3.01 0.68
N ALA A 1463 -13.57 3.75 -0.39
CA ALA A 1463 -14.82 4.50 -0.39
C ALA A 1463 -15.98 3.56 -0.15
N VAL A 1464 -16.05 2.49 -0.93
CA VAL A 1464 -17.21 1.62 -0.82
C VAL A 1464 -17.28 1.05 0.58
N ILE A 1465 -16.14 0.54 1.07
CA ILE A 1465 -16.19 -0.11 2.36
C ILE A 1465 -16.65 0.88 3.42
N LEU A 1466 -16.09 2.09 3.39
CA LEU A 1466 -16.40 3.01 4.46
C LEU A 1466 -17.89 3.28 4.49
N ASP A 1467 -18.49 3.54 3.33
CA ASP A 1467 -19.91 3.87 3.35
C ASP A 1467 -20.68 2.75 4.00
N TYR A 1468 -20.47 1.53 3.53
CA TYR A 1468 -21.31 0.45 4.02
C TYR A 1468 -21.05 0.21 5.50
N VAL A 1469 -19.79 0.27 5.91
CA VAL A 1469 -19.52 -0.03 7.31
C VAL A 1469 -20.21 1.00 8.18
N LEU A 1470 -20.13 2.27 7.79
CA LEU A 1470 -20.73 3.30 8.61
C LEU A 1470 -22.22 3.05 8.74
N GLU A 1471 -22.88 2.70 7.63
CA GLU A 1471 -24.31 2.50 7.69
C GLU A 1471 -24.66 1.44 8.72
N VAL A 1472 -23.96 0.31 8.66
CA VAL A 1472 -24.29 -0.78 9.58
C VAL A 1472 -24.09 -0.34 11.01
N TYR A 1473 -22.97 0.35 11.28
CA TYR A 1473 -22.70 0.75 12.65
C TYR A 1473 -23.76 1.73 13.14
N GLU A 1474 -24.14 2.68 12.29
CA GLU A 1474 -25.16 3.63 12.69
C GLU A 1474 -26.49 2.94 12.93
N ASP A 1475 -26.78 1.89 12.17
CA ASP A 1475 -27.99 1.11 12.45
C ASP A 1475 -27.91 0.48 13.84
N SER A 1476 -26.75 -0.06 14.19
CA SER A 1476 -26.60 -0.81 15.43
C SER A 1476 -26.61 0.10 16.66
N LYS A 1477 -26.15 1.33 16.53
CA LYS A 1477 -25.97 2.21 17.66
C LYS A 1477 -27.09 3.22 17.82
N GLU A 1478 -27.42 3.95 16.75
CA GLU A 1478 -28.40 5.02 16.79
C GLU A 1478 -29.75 4.60 16.22
N GLY A 1479 -29.96 3.33 15.99
CA GLY A 1479 -31.20 2.85 15.39
C GLY A 1479 -31.42 1.40 15.69
N LEU A 1480 -32.07 0.72 14.76
CA LEU A 1480 -32.40 -0.70 14.88
C LEU A 1480 -31.70 -1.51 13.82
N THR A 1481 -31.42 -2.77 14.14
CA THR A 1481 -30.78 -3.70 13.23
C THR A 1481 -31.69 -4.92 13.04
N ASP A 1482 -31.37 -5.73 12.03
CA ASP A 1482 -32.16 -6.92 11.76
C ASP A 1482 -32.20 -7.84 12.97
N ASP A 1483 -31.13 -7.90 13.75
CA ASP A 1483 -31.13 -8.70 14.95
C ASP A 1483 -32.15 -8.21 15.96
N ASP A 1484 -32.39 -6.90 16.01
CA ASP A 1484 -33.42 -6.37 16.90
C ASP A 1484 -34.79 -6.91 16.52
N TYR A 1485 -35.11 -6.88 15.23
CA TYR A 1485 -36.38 -7.44 14.77
C TYR A 1485 -36.44 -8.93 15.05
N ASP A 1486 -35.34 -9.64 14.84
CA ASP A 1486 -35.32 -11.08 15.12
C ASP A 1486 -35.59 -11.35 16.60
N MET A 1487 -34.97 -10.56 17.48
CA MET A 1487 -35.23 -10.73 18.91
C MET A 1487 -36.68 -10.45 19.23
N PHE A 1488 -37.25 -9.40 18.62
CA PHE A 1488 -38.66 -9.09 18.87
C PHE A 1488 -39.56 -10.24 18.43
N PHE A 1489 -39.27 -10.84 17.27
CA PHE A 1489 -40.09 -11.96 16.81
C PHE A 1489 -39.75 -13.26 17.51
N GLU A 1490 -38.62 -13.33 18.20
CA GLU A 1490 -38.28 -14.54 18.96
C GLU A 1490 -39.31 -14.81 20.04
N VAL A 1491 -39.72 -13.76 20.77
CA VAL A 1491 -40.76 -13.91 21.78
C VAL A 1491 -42.13 -13.97 21.14
N TRP A 1492 -42.29 -13.42 19.94
CA TRP A 1492 -43.57 -13.43 19.24
C TRP A 1492 -43.91 -14.83 18.74
C1 NAG B . 10.62 -33.46 -10.52
C2 NAG B . 12.08 -33.85 -10.70
C3 NAG B . 12.63 -34.40 -9.38
C4 NAG B . 12.34 -33.46 -8.22
C5 NAG B . 10.87 -33.04 -8.20
C6 NAG B . 10.58 -31.96 -7.18
C7 NAG B . 12.91 -34.69 -12.87
C8 NAG B . 13.64 -33.38 -13.03
N2 NAG B . 12.20 -34.85 -11.75
O3 NAG B . 14.04 -34.51 -9.50
O4 NAG B . 12.64 -34.13 -7.01
O5 NAG B . 10.50 -32.51 -9.48
O6 NAG B . 10.24 -30.72 -7.79
O7 NAG B . 12.97 -35.57 -13.73
C1 NAG B . 14.55 -35.85 -9.77
C2 NAG B . 14.34 -36.74 -8.53
C3 NAG B . 14.92 -38.12 -8.81
C4 NAG B . 14.28 -38.71 -10.05
C5 NAG B . 14.47 -37.76 -11.23
C6 NAG B . 13.79 -38.23 -12.50
C7 NAG B . 14.66 -36.61 -6.11
C8 NAG B . 15.36 -35.92 -4.98
N2 NAG B . 14.93 -36.16 -7.35
O3 NAG B . 14.73 -38.94 -7.66
O4 NAG B . 14.85 -39.98 -10.36
O5 NAG B . 13.93 -36.46 -10.92
O6 NAG B . 14.56 -37.88 -13.64
O7 NAG B . 13.88 -37.53 -5.92
C1 BMA B . 15.63 -40.07 -7.46
C2 BMA B . 17.01 -39.97 -8.20
C3 BMA B . 17.87 -41.15 -7.81
C4 BMA B . 18.00 -41.27 -6.30
C5 BMA B . 16.61 -41.39 -5.70
C6 BMA B . 16.64 -41.50 -4.20
O2 BMA B . 17.71 -38.81 -7.79
O3 BMA B . 19.15 -41.09 -8.41
O4 BMA B . 18.77 -42.41 -5.93
O5 BMA B . 15.86 -40.22 -6.05
O6 BMA B . 17.50 -42.59 -3.88
C1 BMA B . 19.09 -41.90 -9.60
C2 BMA B . 20.18 -41.42 -10.58
C3 BMA B . 20.31 -42.39 -11.74
C4 BMA B . 20.42 -43.83 -11.27
C5 BMA B . 19.24 -44.15 -10.34
C6 BMA B . 19.31 -45.55 -9.80
O2 BMA B . 21.46 -41.39 -9.95
O3 BMA B . 21.43 -42.07 -12.57
O4 BMA B . 20.40 -44.71 -12.37
O5 BMA B . 19.30 -43.25 -9.25
O6 BMA B . 20.14 -46.31 -10.66
C1 BMA C . 16.20 -42.63 -1.39
C2 BMA C . 15.63 -44.01 -1.77
C3 BMA C . 15.74 -44.95 -0.57
C4 BMA C . 17.15 -44.91 0.05
C5 BMA C . 17.53 -43.47 0.37
C6 BMA C . 18.92 -43.33 0.97
O2 BMA C . 16.37 -44.59 -2.83
O3 BMA C . 15.40 -46.28 -0.92
O4 BMA C . 17.18 -45.68 1.24
O5 BMA C . 17.49 -42.73 -0.84
O6 BMA C . 18.96 -44.10 2.18
C1 NAG D . 32.15 -29.85 -1.79
C2 NAG D . 32.85 -30.25 -0.48
C3 NAG D . 34.21 -29.57 -0.39
C4 NAG D . 35.03 -29.87 -1.64
C5 NAG D . 34.24 -29.47 -2.88
C6 NAG D . 34.94 -29.85 -4.17
C7 NAG D . 32.07 -30.56 1.83
C8 NAG D . 31.15 -30.05 2.89
N2 NAG D . 32.03 -29.90 0.66
O3 NAG D . 34.89 -30.06 0.76
O4 NAG D . 36.25 -29.13 -1.60
O5 NAG D . 32.98 -30.16 -2.89
O6 NAG D . 34.93 -31.25 -4.37
O7 NAG D . 32.80 -31.52 2.00
C1 NAG E . 32.16 -37.59 2.54
C2 NAG E . 32.30 -36.69 3.77
C3 NAG E . 33.73 -36.72 4.29
C4 NAG E . 34.17 -38.17 4.53
C5 NAG E . 33.95 -39.00 3.27
C6 NAG E . 34.25 -40.46 3.47
C7 NAG E . 30.92 -34.69 4.14
C8 NAG E . 30.64 -33.29 3.69
N2 NAG E . 31.89 -35.33 3.47
O3 NAG E . 33.81 -35.99 5.50
O4 NAG E . 35.55 -38.20 4.88
O5 NAG E . 32.58 -38.91 2.86
O6 NAG E . 33.05 -41.25 3.44
O7 NAG E . 30.32 -35.21 5.07
C14 X7R F . -11.58 -33.70 1.75
C11 X7R F . -9.61 -34.72 4.81
C10 X7R F . -9.95 -34.50 3.38
C12 X7R F . -8.91 -36.96 7.15
C13 X7R F . -11.19 -33.96 3.07
C01 X7R F . -16.00 -34.75 -6.19
C02 X7R F . -15.08 -35.68 -5.42
C03 X7R F . -14.99 -34.04 -3.46
C04 X7R F . -14.04 -33.21 -2.62
C05 X7R F . -13.00 -34.04 -1.87
C06 X7R F . -12.02 -33.10 -1.17
C07 X7R F . -10.71 -33.99 0.72
C08 X7R F . -9.44 -34.54 0.99
C09 X7R F . -9.07 -34.77 2.33
C15 X7R F . -8.47 -34.85 -0.13
C16 X7R F . -8.82 -35.96 -1.10
C17 X7R F . -7.72 -36.16 -0.11
C18 X7R F . -12.30 -34.99 -2.84
C19 X7R F . -13.28 -35.82 -3.63
C20 X7R F . -14.25 -36.49 -6.41
C21 X7R F . -14.48 -37.86 -6.58
C22 X7R F . -13.72 -38.60 -7.49
C23 X7R F . -12.71 -37.98 -8.24
C24 X7R F . -12.48 -36.62 -8.08
C25 X7R F . -13.23 -35.87 -7.17
F01 X7R F . -12.06 -33.67 4.05
N01 X7R F . -14.21 -34.92 -4.41
N02 X7R F . -8.39 -35.33 5.09
O01 X7R F . -10.92 -33.81 -0.63
O02 X7R F . -10.35 -34.37 5.71
O03 X7R F . -6.50 -36.04 6.53
O04 X7R F . -8.16 -34.43 7.42
S01 X7R F . -7.87 -35.61 6.63
CL01 X7R F . -14.02 -40.28 -7.69
CL02 X7R F . -11.24 -35.84 -8.99
C24 PEE G . 0.31 14.34 -7.42
C23 PEE G . 0.99 14.81 -8.64
C22 PEE G . 2.48 14.76 -8.62
C21 PEE G . 3.15 13.82 -9.58
C20 PEE G . 3.38 14.37 -10.93
C19 PEE G . 3.90 13.43 -11.97
C18 PEE G . 5.39 13.37 -12.08
C17 PEE G . 5.86 13.17 -13.49
C16 PEE G . 7.22 12.60 -13.61
C15 PEE G . 7.74 12.55 -15.03
C14 PEE G . 8.47 13.77 -15.51
C13 PEE G . 9.19 13.68 -16.84
C12 PEE G . 10.69 13.45 -16.86
C11 PEE G . 11.29 14.03 -18.09
C10 PEE G . 12.79 13.87 -18.27
O4 PEE G . 13.50 13.14 -17.65
O2 PEE G . 13.15 14.70 -19.29
C2 PEE G . 14.26 14.42 -20.22
C1 PEE G . 15.62 14.26 -19.57
O3P PEE G . 16.66 13.71 -20.50
P PEE G . 18.06 13.05 -19.97
O2P PEE G . 17.86 12.37 -18.65
O1P PEE G . 18.65 12.18 -21.04
O4P PEE G . 19.15 14.19 -19.72
C4 PEE G . 20.41 13.84 -19.09
C5 PEE G . 20.20 13.63 -17.61
N PEE G . 21.47 13.49 -16.89
C3 PEE G . 13.89 13.25 -21.13
O3 PEE G . 12.65 13.50 -21.84
C30 PEE G . 11.86 12.48 -22.16
O5 PEE G . 12.26 11.35 -22.25
C31 PEE G . 10.41 12.93 -22.39
C32 PEE G . 9.41 12.28 -21.48
C33 PEE G . 7.98 12.75 -21.67
C34 PEE G . 6.95 11.65 -21.79
C35 PEE G . 5.50 12.03 -21.52
C36 PEE G . 5.07 11.96 -20.07
C37 PEE G . 3.59 12.05 -19.86
C38 PEE G . 3.09 11.64 -18.52
C39 PEE G . 1.68 11.17 -18.51
C40 PEE G . 0.89 11.59 -17.33
C41 PEE G . -0.52 11.16 -17.41
C23 PEE H . -7.50 12.84 -14.05
C22 PEE H . -8.39 11.64 -13.91
C21 PEE H . -7.72 10.30 -14.06
C20 PEE H . -8.40 9.14 -13.45
C19 PEE H . -9.69 8.76 -14.07
C18 PEE H . -9.81 7.31 -14.47
C17 PEE H . -11.16 6.73 -14.20
C16 PEE H . -12.27 7.29 -15.03
C15 PEE H . -12.59 6.46 -16.25
C14 PEE H . -13.53 5.31 -15.99
C13 PEE H . -14.44 4.89 -17.11
C12 PEE H . -15.91 5.24 -16.95
C11 PEE H . -16.49 5.85 -18.16
C10 PEE H . -17.99 6.06 -18.17
O4 PEE H . -18.83 5.25 -17.95
O2 PEE H . -18.10 7.36 -18.45
C2 PEE H . -19.16 8.04 -19.22
C1 PEE H . -20.53 8.21 -18.57
O3P PEE H . -21.46 7.16 -19.08
P PEE H . -23.06 7.37 -19.22
O2P PEE H . -23.64 6.54 -20.32
O1P PEE H . -23.42 8.83 -19.15
O4P PEE H . -23.70 6.81 -17.88
C4 PEE H . -23.88 5.38 -17.75
C5 PEE H . -22.84 4.84 -16.78
N PEE H . -23.01 3.41 -16.56
C3 PEE H . -18.55 9.32 -19.76
O3 PEE H . -17.43 8.99 -20.63
C30 PEE H . -17.64 8.84 -21.92
O5 PEE H . -18.69 9.11 -22.43
C31 PEE H . -16.39 8.29 -22.64
C32 PEE H . -15.26 7.88 -21.73
C33 PEE H . -14.15 7.10 -22.41
C34 PEE H . -13.50 5.99 -21.61
C35 PEE H . -12.14 5.51 -22.08
C36 PEE H . -11.34 4.61 -21.16
C37 PEE H . -10.76 5.26 -19.94
C38 PEE H . -10.21 4.35 -18.90
C39 PEE H . -9.17 3.39 -19.36
C40 PEE H . -7.88 4.05 -19.67
C41 PEE H . -6.89 3.12 -20.25
C42 PEE H . -5.70 3.78 -20.84
C43 PEE H . -4.88 2.87 -21.72
C44 PEE H . -3.52 3.39 -22.11
C45 PEE H . -2.56 2.29 -22.42
C46 PEE H . -1.26 2.73 -23.06
C47 PEE H . -0.60 3.89 -22.36
C27 PEE I . -14.85 -25.28 1.36
C26 PEE I . -13.62 -24.58 0.82
C25 PEE I . -13.11 -23.49 1.72
C24 PEE I . -12.08 -22.56 1.15
C23 PEE I . -11.12 -23.18 0.20
C22 PEE I . -9.90 -22.34 -0.08
C21 PEE I . -9.37 -22.38 -1.50
C20 PEE I . -8.38 -21.32 -1.84
C19 PEE I . -7.50 -21.62 -2.99
C18 PEE I . -7.01 -20.41 -3.70
C17 PEE I . -6.28 -20.66 -4.99
C16 PEE I . -5.52 -21.94 -5.14
C15 PEE I . -4.63 -21.89 -6.37
C14 PEE I . -4.12 -23.21 -6.85
C13 PEE I . -3.73 -23.34 -8.31
C12 PEE I . -2.81 -24.49 -8.63
C11 PEE I . -2.88 -24.97 -10.04
C10 PEE I . -1.62 -25.64 -10.56
O4 PEE I . -0.52 -25.49 -10.12
O2 PEE I . -2.01 -26.40 -11.61
C2 PEE I . -1.09 -27.06 -12.57
C1 PEE I . -0.67 -28.49 -12.27
O3P PEE I . 0.82 -28.60 -12.21
P PEE I . 1.59 -30.02 -12.12
O2P PEE I . 1.45 -30.82 -13.38
O1P PEE I . 1.33 -30.67 -10.80
O4P PEE I . 3.16 -29.72 -11.99
C4 PEE I . 3.84 -30.05 -10.75
C5 PEE I . 5.33 -30.15 -11.00
N PEE I . 5.63 -30.97 -12.16
C3 PEE I . -1.65 -26.88 -13.97
O3 PEE I . -3.10 -26.97 -13.93
C30 PEE I . -3.77 -26.44 -14.95
O5 PEE I . -3.33 -26.44 -16.08
C31 PEE I . -5.12 -25.87 -14.53
C32 PEE I . -5.15 -25.16 -13.22
C33 PEE I . -6.54 -24.60 -12.85
C34 PEE I . -6.60 -23.95 -11.49
C35 PEE I . -7.95 -23.96 -10.78
C36 PEE I . -7.89 -24.01 -9.28
C37 PEE I . -9.20 -23.70 -8.61
C38 PEE I . -9.42 -24.38 -7.32
C20 PEE J . -1.36 -8.17 14.97
C19 PEE J . -1.14 -9.47 14.28
C18 PEE J . 0.22 -10.07 14.43
C17 PEE J . 0.83 -10.42 13.12
C16 PEE J . 2.30 -10.67 13.15
C15 PEE J . 2.64 -11.96 13.86
C14 PEE J . 3.69 -12.81 13.21
C13 PEE J . 4.18 -13.99 14.02
C12 PEE J . 5.61 -14.40 13.83
C11 PEE J . 5.89 -15.79 14.26
C10 PEE J . 7.12 -16.39 13.62
O4 PEE J . 7.52 -16.13 12.52
O2 PEE J . 7.67 -17.22 14.52
C2 PEE J . 7.61 -18.69 14.52
C1 PEE J . 8.90 -19.45 14.29
O3P PEE J . 8.71 -20.91 14.54
P PEE J . 9.89 -22.04 14.49
O2P PEE J . 9.96 -22.86 15.73
O1P PEE J . 9.93 -22.74 13.15
O4P PEE J . 11.27 -21.24 14.44
C4 PEE J . 12.52 -21.97 14.47
C5 PEE J . 12.85 -22.37 13.06
N PEE J . 14.04 -21.68 12.56
C3 PEE J . 6.90 -19.09 15.81
O3 PEE J . 7.42 -18.26 16.89
C30 PEE J . 8.57 -18.60 17.47
O5 PEE J . 9.08 -19.69 17.29
C31 PEE J . 9.15 -17.50 18.35
C32 PEE J . 8.58 -16.12 18.18
C33 PEE J . 7.33 -15.83 18.99
C34 PEE J . 6.29 -14.97 18.30
C35 PEE J . 5.68 -13.83 19.08
C36 PEE J . 4.71 -12.99 18.29
C37 PEE J . 4.23 -11.75 18.98
C38 PEE J . 3.61 -10.73 18.10
C39 PEE J . 2.44 -10.01 18.66
C40 PEE J . 2.80 -8.72 19.32
C41 PEE J . 2.55 -7.50 18.49
C42 PEE J . 1.52 -6.59 19.09
C43 PEE J . 1.09 -5.48 18.19
C44 PEE J . 0.34 -4.36 18.87
C27 PEE K . 9.38 -6.32 23.48
C26 PEE K . 9.28 -4.93 22.92
C25 PEE K . 7.89 -4.40 22.80
C24 PEE K . 7.79 -2.94 22.44
C23 PEE K . 6.54 -2.26 22.82
C22 PEE K . 6.70 -0.83 23.21
C21 PEE K . 5.43 -0.02 23.28
C20 PEE K . 5.62 1.46 23.39
C19 PEE K . 4.36 2.23 23.55
C18 PEE K . 4.53 3.71 23.44
C17 PEE K . 3.29 4.47 23.80
C16 PEE K . 3.21 4.85 25.23
C15 PEE K . 1.86 5.40 25.64
C14 PEE K . 1.69 5.69 27.11
C13 PEE K . 0.29 5.49 27.64
C12 PEE K . 0.09 5.65 29.13
C11 PEE K . -0.67 6.87 29.50
C10 PEE K . -2.07 6.61 30.03
O4 PEE K . -2.35 5.77 30.84
O2 PEE K . -2.88 7.49 29.41
C2 PEE K . -4.34 7.35 29.42
C1 PEE K . -5.26 8.56 29.34
O3P PEE K . -6.62 8.08 29.78
P PEE K . -8.00 8.91 29.74
O2P PEE K . -9.15 8.08 29.26
O1P PEE K . -8.16 9.71 31.01
O4P PEE K . -7.85 10.05 28.62
C4 PEE K . -8.21 11.41 28.96
C5 PEE K . -6.98 12.05 29.54
N PEE K . -7.13 12.29 30.98
C3 PEE K . -4.70 6.33 28.37
O3 PEE K . -5.02 7.02 27.13
C30 PEE K . -4.06 7.61 26.46
O5 PEE K . -3.24 8.35 26.97
C31 PEE K . -4.13 7.27 24.97
C32 PEE K . -3.79 5.86 24.61
C33 PEE K . -2.38 5.70 24.06
C34 PEE K . -2.26 5.86 22.57
C35 PEE K . -0.89 5.59 21.97
CAA Y01 L . -13.21 -10.25 -10.57
CBA Y01 L . -12.60 -10.45 -11.94
CAB Y01 L . -13.70 -10.55 -13.00
CAN Y01 L . -11.68 -11.69 -11.98
CAJ Y01 L . -10.87 -11.83 -13.25
CAO Y01 L . -10.41 -13.22 -13.60
CBB Y01 L . -8.89 -13.44 -13.44
CAC Y01 L . -8.62 -14.09 -12.10
CBE Y01 L . -8.29 -14.21 -14.63
CAP Y01 L . -8.48 -13.44 -15.97
CAQ Y01 L . -7.26 -13.74 -16.84
CBG Y01 L . -6.55 -14.87 -16.10
CBI Y01 L . -6.78 -14.51 -14.61
CAE Y01 L . -6.03 -13.26 -14.15
CAU Y01 L . -6.35 -15.69 -13.75
CAS Y01 L . -4.95 -16.15 -14.09
CBF Y01 L . -4.70 -16.36 -15.60
CBD Y01 L . -5.14 -15.19 -16.49
CAK Y01 L . -5.02 -15.63 -17.96
CAI Y01 L . -3.72 -16.24 -18.28
CAZ Y01 L . -2.97 -16.87 -17.39
CAV Y01 L . -1.76 -17.67 -17.79
CBH Y01 L . -3.26 -16.80 -15.89
CAD Y01 L . -2.23 -15.84 -15.27
CAT Y01 L . -3.12 -18.20 -15.26
CAR Y01 L . -1.79 -18.81 -15.57
CBC Y01 L . -1.70 -18.99 -17.03
OAW Y01 L . -0.42 -19.62 -17.11
CAY Y01 L . -0.01 -20.11 -18.22
OAG Y01 L . 0.15 -19.48 -19.24
CAM Y01 L . 0.24 -21.57 -18.09
CAL Y01 L . 1.22 -22.07 -19.09
CAX Y01 L . 2.65 -21.91 -18.67
OAH Y01 L . 2.91 -21.15 -17.72
OAF Y01 L . 3.50 -22.56 -19.29
#